data_1KN5
# 
_entry.id   1KN5 
# 
_audit_conform.dict_name       mmcif_pdbx.dic 
_audit_conform.dict_version    5.392 
_audit_conform.dict_location   http://mmcif.pdb.org/dictionaries/ascii/mmcif_pdbx.dic 
# 
loop_
_database_2.database_id 
_database_2.database_code 
_database_2.pdbx_database_accession 
_database_2.pdbx_DOI 
PDB   1KN5         pdb_00001kn5 10.2210/pdb1kn5/pdb 
RCSB  RCSB015132   ?            ?                   
WWPDB D_1000015132 ?            ?                   
# 
loop_
_pdbx_audit_revision_history.ordinal 
_pdbx_audit_revision_history.data_content_type 
_pdbx_audit_revision_history.major_revision 
_pdbx_audit_revision_history.minor_revision 
_pdbx_audit_revision_history.revision_date 
1 'Structure model' 1 0 2002-07-17 
2 'Structure model' 1 1 2008-04-27 
3 'Structure model' 1 2 2011-07-13 
4 'Structure model' 1 3 2022-02-23 
5 'Structure model' 1 4 2024-05-29 
# 
_pdbx_audit_revision_details.ordinal             1 
_pdbx_audit_revision_details.revision_ordinal    1 
_pdbx_audit_revision_details.data_content_type   'Structure model' 
_pdbx_audit_revision_details.provider            repository 
_pdbx_audit_revision_details.type                'Initial release' 
_pdbx_audit_revision_details.description         ? 
_pdbx_audit_revision_details.details             ? 
# 
loop_
_pdbx_audit_revision_group.ordinal 
_pdbx_audit_revision_group.revision_ordinal 
_pdbx_audit_revision_group.data_content_type 
_pdbx_audit_revision_group.group 
1 2 'Structure model' 'Version format compliance' 
2 3 'Structure model' 'Version format compliance' 
3 4 'Structure model' 'Database references'       
4 4 'Structure model' 'Derived calculations'      
5 5 'Structure model' 'Data collection'           
# 
loop_
_pdbx_audit_revision_category.ordinal 
_pdbx_audit_revision_category.revision_ordinal 
_pdbx_audit_revision_category.data_content_type 
_pdbx_audit_revision_category.category 
1 4 'Structure model' database_2            
2 4 'Structure model' pdbx_struct_assembly  
3 4 'Structure model' pdbx_struct_oper_list 
4 4 'Structure model' struct_ref_seq_dif    
5 5 'Structure model' chem_comp_atom        
6 5 'Structure model' chem_comp_bond        
# 
loop_
_pdbx_audit_revision_item.ordinal 
_pdbx_audit_revision_item.revision_ordinal 
_pdbx_audit_revision_item.data_content_type 
_pdbx_audit_revision_item.item 
1 4 'Structure model' '_database_2.pdbx_DOI'                
2 4 'Structure model' '_database_2.pdbx_database_accession' 
3 4 'Structure model' '_struct_ref_seq_dif.details'         
# 
_pdbx_database_status.status_code                     REL 
_pdbx_database_status.entry_id                        1KN5 
_pdbx_database_status.recvd_initial_deposition_date   2001-12-18 
_pdbx_database_status.deposit_site                    RCSB 
_pdbx_database_status.process_site                    PDBJ 
_pdbx_database_status.SG_entry                        . 
_pdbx_database_status.pdb_format_compatible           Y 
_pdbx_database_status.status_code_mr                  ? 
_pdbx_database_status.status_code_sf                  ? 
_pdbx_database_status.status_code_cs                  ? 
_pdbx_database_status.status_code_nmr_data            ? 
_pdbx_database_status.methods_development_category    ? 
# 
loop_
_pdbx_database_related.db_name 
_pdbx_database_related.db_id 
_pdbx_database_related.details 
_pdbx_database_related.content_type 
PDB  1KKX '1KKX is the ensemble of 10 structures.'    unspecified 
BMRB 5061 '5061 is chemical_shifts for this protein.' unspecified 
# 
loop_
_audit_author.name 
_audit_author.pdbx_ordinal 
'Tu, X.'  1 
'Wu, J.'  2 
'Xu, Y.'  3 
'Shi, Y.' 4 
# 
loop_
_citation.id 
_citation.title 
_citation.journal_abbrev 
_citation.journal_volume 
_citation.page_first 
_citation.page_last 
_citation.year 
_citation.journal_id_ASTM 
_citation.country 
_citation.journal_id_ISSN 
_citation.journal_id_CSD 
_citation.book_publisher 
_citation.pdbx_database_id_PubMed 
_citation.pdbx_database_id_DOI 
primary '1H, 13C and 15N resonance assignments and secondary structure of ADR6 DNA-binding domain.' J.Biomol.Nmr         21   187 
188 2001 JBNME9 NE 0925-2738 0800 ? 11727987 10.1023/A:1012434510376         
1       '1H, 13C and 15N resonance assignments and secondary structure of ADR6 DNA-binding domain' J.BIOMOL.NMR         21   187 
188 2001 JBNME9 NE 0925-2738 0800 ? ?        10.1023/A:1012434510376         
2       
;Expression and purification of a recombinant DNA-binding domain of ADR6 protein from Escherichia coli and its secondary structure characterization
;
BIOCHIM.BIOPHYS.ACTA 1481 167 174 2000 BBACAQ NE 0006-3002 0113 ? ?        '10.1016/S0167-4838(00)00095-9' 
# 
loop_
_citation_author.citation_id 
_citation_author.name 
_citation_author.ordinal 
_citation_author.identifier_ORCID 
primary 'Tu, X.'   1  ? 
primary 'Wu, J.'   2  ? 
primary 'Xu, Y.'   3  ? 
primary 'Shi, Y.'  4  ? 
1       'Tu, X.'   5  ? 
1       'Wu, J.'   6  ? 
1       'Xu, Y.'   7  ? 
1       'Shi, Y.'  8  ? 
2       'Tu, X.'   9  ? 
2       'Xiao, Y.' 10 ? 
2       'Zeng, W.' 11 ? 
2       'Shi, Y.'  12 ? 
# 
_entity.id                         1 
_entity.type                       polymer 
_entity.src_method                 man 
_entity.pdbx_description           'Transcription regulatory protein ADR6' 
_entity.formula_weight             14566.800 
_entity.pdbx_number_of_molecules   1 
_entity.pdbx_ec                    ? 
_entity.pdbx_mutation              ? 
_entity.pdbx_fragment              'ARID domain' 
_entity.details                    ? 
# 
_entity_name_com.entity_id   1 
_entity_name_com.name        'Transcription regulatory protein SWI1' 
# 
_entity_poly.entity_id                      1 
_entity_poly.type                           'polypeptide(L)' 
_entity_poly.nstd_linkage                   no 
_entity_poly.nstd_monomer                   no 
_entity_poly.pdbx_seq_one_letter_code       
;MRGSGSHHHHHHGSNNKQYELFMKSLIENCKKRNMPLQSIPEIGNRKINLFYLYMLVQKFGGADQVTRTQQWSMVAQRLQ
ISDYQQLESIYFRILLPYERHMISQEGIKETQAKRILQPSLIS
;
_entity_poly.pdbx_seq_one_letter_code_can   
;MRGSGSHHHHHHGSNNKQYELFMKSLIENCKKRNMPLQSIPEIGNRKINLFYLYMLVQKFGGADQVTRTQQWSMVAQRLQ
ISDYQQLESIYFRILLPYERHMISQEGIKETQAKRILQPSLIS
;
_entity_poly.pdbx_strand_id                 A 
_entity_poly.pdbx_target_identifier         ? 
# 
loop_
_entity_poly_seq.entity_id 
_entity_poly_seq.num 
_entity_poly_seq.mon_id 
_entity_poly_seq.hetero 
1 1   MET n 
1 2   ARG n 
1 3   GLY n 
1 4   SER n 
1 5   GLY n 
1 6   SER n 
1 7   HIS n 
1 8   HIS n 
1 9   HIS n 
1 10  HIS n 
1 11  HIS n 
1 12  HIS n 
1 13  GLY n 
1 14  SER n 
1 15  ASN n 
1 16  ASN n 
1 17  LYS n 
1 18  GLN n 
1 19  TYR n 
1 20  GLU n 
1 21  LEU n 
1 22  PHE n 
1 23  MET n 
1 24  LYS n 
1 25  SER n 
1 26  LEU n 
1 27  ILE n 
1 28  GLU n 
1 29  ASN n 
1 30  CYS n 
1 31  LYS n 
1 32  LYS n 
1 33  ARG n 
1 34  ASN n 
1 35  MET n 
1 36  PRO n 
1 37  LEU n 
1 38  GLN n 
1 39  SER n 
1 40  ILE n 
1 41  PRO n 
1 42  GLU n 
1 43  ILE n 
1 44  GLY n 
1 45  ASN n 
1 46  ARG n 
1 47  LYS n 
1 48  ILE n 
1 49  ASN n 
1 50  LEU n 
1 51  PHE n 
1 52  TYR n 
1 53  LEU n 
1 54  TYR n 
1 55  MET n 
1 56  LEU n 
1 57  VAL n 
1 58  GLN n 
1 59  LYS n 
1 60  PHE n 
1 61  GLY n 
1 62  GLY n 
1 63  ALA n 
1 64  ASP n 
1 65  GLN n 
1 66  VAL n 
1 67  THR n 
1 68  ARG n 
1 69  THR n 
1 70  GLN n 
1 71  GLN n 
1 72  TRP n 
1 73  SER n 
1 74  MET n 
1 75  VAL n 
1 76  ALA n 
1 77  GLN n 
1 78  ARG n 
1 79  LEU n 
1 80  GLN n 
1 81  ILE n 
1 82  SER n 
1 83  ASP n 
1 84  TYR n 
1 85  GLN n 
1 86  GLN n 
1 87  LEU n 
1 88  GLU n 
1 89  SER n 
1 90  ILE n 
1 91  TYR n 
1 92  PHE n 
1 93  ARG n 
1 94  ILE n 
1 95  LEU n 
1 96  LEU n 
1 97  PRO n 
1 98  TYR n 
1 99  GLU n 
1 100 ARG n 
1 101 HIS n 
1 102 MET n 
1 103 ILE n 
1 104 SER n 
1 105 GLN n 
1 106 GLU n 
1 107 GLY n 
1 108 ILE n 
1 109 LYS n 
1 110 GLU n 
1 111 THR n 
1 112 GLN n 
1 113 ALA n 
1 114 LYS n 
1 115 ARG n 
1 116 ILE n 
1 117 LEU n 
1 118 GLN n 
1 119 PRO n 
1 120 SER n 
1 121 LEU n 
1 122 ILE n 
1 123 SER n 
# 
_entity_src_gen.entity_id                          1 
_entity_src_gen.pdbx_src_id                        1 
_entity_src_gen.pdbx_alt_source_flag               sample 
_entity_src_gen.pdbx_seq_type                      ? 
_entity_src_gen.pdbx_beg_seq_num                   ? 
_entity_src_gen.pdbx_end_seq_num                   ? 
_entity_src_gen.gene_src_common_name               
;baker's yeast
;
_entity_src_gen.gene_src_genus                     Saccharomyces 
_entity_src_gen.pdbx_gene_src_gene                 adr6 
_entity_src_gen.gene_src_species                   ? 
_entity_src_gen.gene_src_strain                    ? 
_entity_src_gen.gene_src_tissue                    ? 
_entity_src_gen.gene_src_tissue_fraction           ? 
_entity_src_gen.gene_src_details                   ? 
_entity_src_gen.pdbx_gene_src_fragment             ? 
_entity_src_gen.pdbx_gene_src_scientific_name      'Saccharomyces cerevisiae' 
_entity_src_gen.pdbx_gene_src_ncbi_taxonomy_id     4932 
_entity_src_gen.pdbx_gene_src_variant              ? 
_entity_src_gen.pdbx_gene_src_cell_line            ? 
_entity_src_gen.pdbx_gene_src_atcc                 ? 
_entity_src_gen.pdbx_gene_src_organ                ? 
_entity_src_gen.pdbx_gene_src_organelle            ? 
_entity_src_gen.pdbx_gene_src_cell                 ? 
_entity_src_gen.pdbx_gene_src_cellular_location    ? 
_entity_src_gen.host_org_common_name               ? 
_entity_src_gen.pdbx_host_org_scientific_name      'Escherichia coli BL21' 
_entity_src_gen.pdbx_host_org_ncbi_taxonomy_id     511693 
_entity_src_gen.host_org_genus                     Escherichia 
_entity_src_gen.pdbx_host_org_gene                 ? 
_entity_src_gen.pdbx_host_org_organ                ? 
_entity_src_gen.host_org_species                   'Escherichia coli' 
_entity_src_gen.pdbx_host_org_tissue               ? 
_entity_src_gen.pdbx_host_org_tissue_fraction      ? 
_entity_src_gen.pdbx_host_org_strain               BL21 
_entity_src_gen.pdbx_host_org_variant              ? 
_entity_src_gen.pdbx_host_org_cell_line            ? 
_entity_src_gen.pdbx_host_org_atcc                 ? 
_entity_src_gen.pdbx_host_org_culture_collection   ? 
_entity_src_gen.pdbx_host_org_cell                 ? 
_entity_src_gen.pdbx_host_org_organelle            ? 
_entity_src_gen.pdbx_host_org_cellular_location    ? 
_entity_src_gen.pdbx_host_org_vector_type          plasmid 
_entity_src_gen.pdbx_host_org_vector               ? 
_entity_src_gen.host_org_details                   ? 
_entity_src_gen.expression_system_id               ? 
_entity_src_gen.plasmid_name                       pREP-4 
_entity_src_gen.plasmid_details                    ? 
_entity_src_gen.pdbx_description                   ? 
# 
loop_
_chem_comp.id 
_chem_comp.type 
_chem_comp.mon_nstd_flag 
_chem_comp.name 
_chem_comp.pdbx_synonyms 
_chem_comp.formula 
_chem_comp.formula_weight 
ALA 'L-peptide linking' y ALANINE         ? 'C3 H7 N O2'     89.093  
ARG 'L-peptide linking' y ARGININE        ? 'C6 H15 N4 O2 1' 175.209 
ASN 'L-peptide linking' y ASPARAGINE      ? 'C4 H8 N2 O3'    132.118 
ASP 'L-peptide linking' y 'ASPARTIC ACID' ? 'C4 H7 N O4'     133.103 
CYS 'L-peptide linking' y CYSTEINE        ? 'C3 H7 N O2 S'   121.158 
GLN 'L-peptide linking' y GLUTAMINE       ? 'C5 H10 N2 O3'   146.144 
GLU 'L-peptide linking' y 'GLUTAMIC ACID' ? 'C5 H9 N O4'     147.129 
GLY 'peptide linking'   y GLYCINE         ? 'C2 H5 N O2'     75.067  
HIS 'L-peptide linking' y HISTIDINE       ? 'C6 H10 N3 O2 1' 156.162 
ILE 'L-peptide linking' y ISOLEUCINE      ? 'C6 H13 N O2'    131.173 
LEU 'L-peptide linking' y LEUCINE         ? 'C6 H13 N O2'    131.173 
LYS 'L-peptide linking' y LYSINE          ? 'C6 H15 N2 O2 1' 147.195 
MET 'L-peptide linking' y METHIONINE      ? 'C5 H11 N O2 S'  149.211 
PHE 'L-peptide linking' y PHENYLALANINE   ? 'C9 H11 N O2'    165.189 
PRO 'L-peptide linking' y PROLINE         ? 'C5 H9 N O2'     115.130 
SER 'L-peptide linking' y SERINE          ? 'C3 H7 N O3'     105.093 
THR 'L-peptide linking' y THREONINE       ? 'C4 H9 N O3'     119.119 
TRP 'L-peptide linking' y TRYPTOPHAN      ? 'C11 H12 N2 O2'  204.225 
TYR 'L-peptide linking' y TYROSINE        ? 'C9 H11 N O3'    181.189 
VAL 'L-peptide linking' y VALINE          ? 'C5 H11 N O2'    117.146 
# 
loop_
_pdbx_poly_seq_scheme.asym_id 
_pdbx_poly_seq_scheme.entity_id 
_pdbx_poly_seq_scheme.seq_id 
_pdbx_poly_seq_scheme.mon_id 
_pdbx_poly_seq_scheme.ndb_seq_num 
_pdbx_poly_seq_scheme.pdb_seq_num 
_pdbx_poly_seq_scheme.auth_seq_num 
_pdbx_poly_seq_scheme.pdb_mon_id 
_pdbx_poly_seq_scheme.auth_mon_id 
_pdbx_poly_seq_scheme.pdb_strand_id 
_pdbx_poly_seq_scheme.pdb_ins_code 
_pdbx_poly_seq_scheme.hetero 
A 1 1   MET 1   -11 ?   ?   ?   A . n 
A 1 2   ARG 2   -10 ?   ?   ?   A . n 
A 1 3   GLY 3   -9  ?   ?   ?   A . n 
A 1 4   SER 4   -8  ?   ?   ?   A . n 
A 1 5   GLY 5   -7  ?   ?   ?   A . n 
A 1 6   SER 6   -6  ?   ?   ?   A . n 
A 1 7   HIS 7   -5  ?   ?   ?   A . n 
A 1 8   HIS 8   -4  ?   ?   ?   A . n 
A 1 9   HIS 9   -3  ?   ?   ?   A . n 
A 1 10  HIS 10  -2  ?   ?   ?   A . n 
A 1 11  HIS 11  -1  ?   ?   ?   A . n 
A 1 12  HIS 12  0   ?   ?   ?   A . n 
A 1 13  GLY 13  1   ?   ?   ?   A . n 
A 1 14  SER 14  2   ?   ?   ?   A . n 
A 1 15  ASN 15  3   3   ASN ASN A . n 
A 1 16  ASN 16  4   4   ASN ASN A . n 
A 1 17  LYS 17  5   5   LYS LYS A . n 
A 1 18  GLN 18  6   6   GLN GLN A . n 
A 1 19  TYR 19  7   7   TYR TYR A . n 
A 1 20  GLU 20  8   8   GLU GLU A . n 
A 1 21  LEU 21  9   9   LEU LEU A . n 
A 1 22  PHE 22  10  10  PHE PHE A . n 
A 1 23  MET 23  11  11  MET MET A . n 
A 1 24  LYS 24  12  12  LYS LYS A . n 
A 1 25  SER 25  13  13  SER SER A . n 
A 1 26  LEU 26  14  14  LEU LEU A . n 
A 1 27  ILE 27  15  15  ILE ILE A . n 
A 1 28  GLU 28  16  16  GLU GLU A . n 
A 1 29  ASN 29  17  17  ASN ASN A . n 
A 1 30  CYS 30  18  18  CYS CYS A . n 
A 1 31  LYS 31  19  19  LYS LYS A . n 
A 1 32  LYS 32  20  20  LYS LYS A . n 
A 1 33  ARG 33  21  21  ARG ARG A . n 
A 1 34  ASN 34  22  22  ASN ASN A . n 
A 1 35  MET 35  23  23  MET MET A . n 
A 1 36  PRO 36  24  24  PRO PRO A . n 
A 1 37  LEU 37  25  25  LEU LEU A . n 
A 1 38  GLN 38  26  26  GLN GLN A . n 
A 1 39  SER 39  27  27  SER SER A . n 
A 1 40  ILE 40  28  28  ILE ILE A . n 
A 1 41  PRO 41  29  29  PRO PRO A . n 
A 1 42  GLU 42  30  30  GLU GLU A . n 
A 1 43  ILE 43  31  31  ILE ILE A . n 
A 1 44  GLY 44  32  32  GLY GLY A . n 
A 1 45  ASN 45  33  33  ASN ASN A . n 
A 1 46  ARG 46  34  34  ARG ARG A . n 
A 1 47  LYS 47  35  35  LYS LYS A . n 
A 1 48  ILE 48  36  36  ILE ILE A . n 
A 1 49  ASN 49  37  37  ASN ASN A . n 
A 1 50  LEU 50  38  38  LEU LEU A . n 
A 1 51  PHE 51  39  39  PHE PHE A . n 
A 1 52  TYR 52  40  40  TYR TYR A . n 
A 1 53  LEU 53  41  41  LEU LEU A . n 
A 1 54  TYR 54  42  42  TYR TYR A . n 
A 1 55  MET 55  43  43  MET MET A . n 
A 1 56  LEU 56  44  44  LEU LEU A . n 
A 1 57  VAL 57  45  45  VAL VAL A . n 
A 1 58  GLN 58  46  46  GLN GLN A . n 
A 1 59  LYS 59  47  47  LYS LYS A . n 
A 1 60  PHE 60  48  48  PHE PHE A . n 
A 1 61  GLY 61  49  49  GLY GLY A . n 
A 1 62  GLY 62  50  50  GLY GLY A . n 
A 1 63  ALA 63  51  51  ALA ALA A . n 
A 1 64  ASP 64  52  52  ASP ASP A . n 
A 1 65  GLN 65  53  53  GLN GLN A . n 
A 1 66  VAL 66  54  54  VAL VAL A . n 
A 1 67  THR 67  55  55  THR THR A . n 
A 1 68  ARG 68  56  56  ARG ARG A . n 
A 1 69  THR 69  57  57  THR THR A . n 
A 1 70  GLN 70  58  58  GLN GLN A . n 
A 1 71  GLN 71  59  59  GLN GLN A . n 
A 1 72  TRP 72  60  60  TRP TRP A . n 
A 1 73  SER 73  61  61  SER SER A . n 
A 1 74  MET 74  62  62  MET MET A . n 
A 1 75  VAL 75  63  63  VAL VAL A . n 
A 1 76  ALA 76  64  64  ALA ALA A . n 
A 1 77  GLN 77  65  65  GLN GLN A . n 
A 1 78  ARG 78  66  66  ARG ARG A . n 
A 1 79  LEU 79  67  67  LEU LEU A . n 
A 1 80  GLN 80  68  68  GLN GLN A . n 
A 1 81  ILE 81  69  69  ILE ILE A . n 
A 1 82  SER 82  70  70  SER SER A . n 
A 1 83  ASP 83  71  71  ASP ASP A . n 
A 1 84  TYR 84  72  72  TYR TYR A . n 
A 1 85  GLN 85  73  73  GLN GLN A . n 
A 1 86  GLN 86  74  74  GLN GLN A . n 
A 1 87  LEU 87  75  75  LEU LEU A . n 
A 1 88  GLU 88  76  76  GLU GLU A . n 
A 1 89  SER 89  77  77  SER SER A . n 
A 1 90  ILE 90  78  78  ILE ILE A . n 
A 1 91  TYR 91  79  79  TYR TYR A . n 
A 1 92  PHE 92  80  80  PHE PHE A . n 
A 1 93  ARG 93  81  81  ARG ARG A . n 
A 1 94  ILE 94  82  82  ILE ILE A . n 
A 1 95  LEU 95  83  83  LEU LEU A . n 
A 1 96  LEU 96  84  84  LEU LEU A . n 
A 1 97  PRO 97  85  85  PRO PRO A . n 
A 1 98  TYR 98  86  86  TYR TYR A . n 
A 1 99  GLU 99  87  87  GLU GLU A . n 
A 1 100 ARG 100 88  88  ARG ARG A . n 
A 1 101 HIS 101 89  89  HIS HIS A . n 
A 1 102 MET 102 90  90  MET MET A . n 
A 1 103 ILE 103 91  91  ILE ILE A . n 
A 1 104 SER 104 92  92  SER SER A . n 
A 1 105 GLN 105 93  93  GLN GLN A . n 
A 1 106 GLU 106 94  94  GLU GLU A . n 
A 1 107 GLY 107 95  95  GLY GLY A . n 
A 1 108 ILE 108 96  96  ILE ILE A . n 
A 1 109 LYS 109 97  97  LYS LYS A . n 
A 1 110 GLU 110 98  98  GLU GLU A . n 
A 1 111 THR 111 99  99  THR THR A . n 
A 1 112 GLN 112 100 100 GLN GLN A . n 
A 1 113 ALA 113 101 101 ALA ALA A . n 
A 1 114 LYS 114 102 102 LYS LYS A . n 
A 1 115 ARG 115 103 103 ARG ARG A . n 
A 1 116 ILE 116 104 104 ILE ILE A . n 
A 1 117 LEU 117 105 ?   ?   ?   A . n 
A 1 118 GLN 118 106 ?   ?   ?   A . n 
A 1 119 PRO 119 107 ?   ?   ?   A . n 
A 1 120 SER 120 108 ?   ?   ?   A . n 
A 1 121 LEU 121 109 ?   ?   ?   A . n 
A 1 122 ILE 122 110 ?   ?   ?   A . n 
A 1 123 SER 123 111 ?   ?   ?   A . n 
# 
_exptl.entry_id          1KN5 
_exptl.method            'SOLUTION NMR' 
_exptl.crystals_number   ? 
# 
_exptl_crystal.id                    1 
_exptl_crystal.density_meas          ? 
_exptl_crystal.density_Matthews      ? 
_exptl_crystal.density_percent_sol   ? 
_exptl_crystal.description           ? 
# 
_diffrn.id                     1 
_diffrn.crystal_id             1 
_diffrn.ambient_temp           ? 
_diffrn.ambient_temp_details   ? 
# 
_diffrn_radiation.diffrn_id                        1 
_diffrn_radiation.wavelength_id                    1 
_diffrn_radiation.pdbx_monochromatic_or_laue_m_l   M 
_diffrn_radiation.monochromator                    ? 
_diffrn_radiation.pdbx_diffrn_protocol             'SINGLE WAVELENGTH' 
_diffrn_radiation.pdbx_scattering_type             ? 
# 
_diffrn_radiation_wavelength.id           1 
_diffrn_radiation_wavelength.wavelength   . 
_diffrn_radiation_wavelength.wt           1.0 
# 
_struct.entry_id                  1KN5 
_struct.title                     'SOLUTION STRUCTURE OF ARID DOMAIN OF ADR6 FROM SACCHAROMYCES CEREVISIAE' 
_struct.pdbx_model_details        ? 
_struct.pdbx_CASP_flag            ? 
_struct.pdbx_model_type_details   'minimized average' 
# 
_struct_keywords.entry_id        1KN5 
_struct_keywords.pdbx_keywords   'DNA BINDING PROTEIN' 
_struct_keywords.text            'ADR6, ARID domain, DNA-binding, DNA BINDING PROTEIN' 
# 
_struct_asym.id                            A 
_struct_asym.pdbx_blank_PDB_chainid_flag   N 
_struct_asym.pdbx_modified                 N 
_struct_asym.entity_id                     1 
_struct_asym.details                       ? 
# 
_struct_ref.id                         1 
_struct_ref.db_name                    UNP 
_struct_ref.db_code                    SWI1_YEAST 
_struct_ref.entity_id                  1 
_struct_ref.pdbx_seq_one_letter_code   
;NNKQYELFMKSLIENCKKRNMPLQSIPEIGNRKINLFYLYMLVQKFGGADQVTRTQQWSMVAQRLQISDYQQLESIYFRI
LLPYERHMISQEGIKETQAKRI
;
_struct_ref.pdbx_align_begin           405 
_struct_ref.pdbx_db_accession          P09547 
_struct_ref.pdbx_db_isoform            ? 
# 
_struct_ref_seq.align_id                      1 
_struct_ref_seq.ref_id                        1 
_struct_ref_seq.pdbx_PDB_id_code              1KN5 
_struct_ref_seq.pdbx_strand_id                A 
_struct_ref_seq.seq_align_beg                 15 
_struct_ref_seq.pdbx_seq_align_beg_ins_code   ? 
_struct_ref_seq.seq_align_end                 116 
_struct_ref_seq.pdbx_seq_align_end_ins_code   ? 
_struct_ref_seq.pdbx_db_accession             P09547 
_struct_ref_seq.db_align_beg                  405 
_struct_ref_seq.pdbx_db_align_beg_ins_code    ? 
_struct_ref_seq.db_align_end                  506 
_struct_ref_seq.pdbx_db_align_end_ins_code    ? 
_struct_ref_seq.pdbx_auth_seq_align_beg       3 
_struct_ref_seq.pdbx_auth_seq_align_end       104 
# 
loop_
_struct_ref_seq_dif.align_id 
_struct_ref_seq_dif.pdbx_pdb_id_code 
_struct_ref_seq_dif.mon_id 
_struct_ref_seq_dif.pdbx_pdb_strand_id 
_struct_ref_seq_dif.seq_num 
_struct_ref_seq_dif.pdbx_pdb_ins_code 
_struct_ref_seq_dif.pdbx_seq_db_name 
_struct_ref_seq_dif.pdbx_seq_db_accession_code 
_struct_ref_seq_dif.db_mon_id 
_struct_ref_seq_dif.pdbx_seq_db_seq_num 
_struct_ref_seq_dif.details 
_struct_ref_seq_dif.pdbx_auth_seq_num 
_struct_ref_seq_dif.pdbx_ordinal 
1 1KN5 MET A 1   ? UNP P09547 ? ? 'expression tag'   -11 1  
1 1KN5 ARG A 2   ? UNP P09547 ? ? 'expression tag'   -10 2  
1 1KN5 GLY A 3   ? UNP P09547 ? ? 'expression tag'   -9  3  
1 1KN5 SER A 4   ? UNP P09547 ? ? 'expression tag'   -8  4  
1 1KN5 GLY A 5   ? UNP P09547 ? ? 'expression tag'   -7  5  
1 1KN5 SER A 6   ? UNP P09547 ? ? 'expression tag'   -6  6  
1 1KN5 HIS A 7   ? UNP P09547 ? ? 'expression tag'   -5  7  
1 1KN5 HIS A 8   ? UNP P09547 ? ? 'expression tag'   -4  8  
1 1KN5 HIS A 9   ? UNP P09547 ? ? 'expression tag'   -3  9  
1 1KN5 HIS A 10  ? UNP P09547 ? ? 'expression tag'   -2  10 
1 1KN5 HIS A 11  ? UNP P09547 ? ? 'expression tag'   -1  11 
1 1KN5 HIS A 12  ? UNP P09547 ? ? 'expression tag'   0   12 
1 1KN5 GLY A 13  ? UNP P09547 ? ? 'expression tag'   1   13 
1 1KN5 SER A 14  ? UNP P09547 ? ? 'expression tag'   2   14 
1 1KN5 LEU A 117 ? UNP P09547 ? ? 'cloning artifact' 105 15 
1 1KN5 GLN A 118 ? UNP P09547 ? ? 'cloning artifact' 106 16 
1 1KN5 PRO A 119 ? UNP P09547 ? ? 'cloning artifact' 107 17 
1 1KN5 SER A 120 ? UNP P09547 ? ? 'cloning artifact' 108 18 
1 1KN5 LEU A 121 ? UNP P09547 ? ? 'cloning artifact' 109 19 
1 1KN5 ILE A 122 ? UNP P09547 ? ? 'cloning artifact' 110 20 
1 1KN5 SER A 123 ? UNP P09547 ? ? 'cloning artifact' 111 21 
# 
_pdbx_struct_assembly.id                   1 
_pdbx_struct_assembly.details              author_defined_assembly 
_pdbx_struct_assembly.method_details       ? 
_pdbx_struct_assembly.oligomeric_details   monomeric 
_pdbx_struct_assembly.oligomeric_count     1 
# 
_pdbx_struct_assembly_gen.assembly_id       1 
_pdbx_struct_assembly_gen.oper_expression   1 
_pdbx_struct_assembly_gen.asym_id_list      A 
# 
_pdbx_struct_oper_list.id                   1 
_pdbx_struct_oper_list.type                 'identity operation' 
_pdbx_struct_oper_list.name                 1_555 
_pdbx_struct_oper_list.symmetry_operation   x,y,z 
_pdbx_struct_oper_list.matrix[1][1]         1.0000000000 
_pdbx_struct_oper_list.matrix[1][2]         0.0000000000 
_pdbx_struct_oper_list.matrix[1][3]         0.0000000000 
_pdbx_struct_oper_list.vector[1]            0.0000000000 
_pdbx_struct_oper_list.matrix[2][1]         0.0000000000 
_pdbx_struct_oper_list.matrix[2][2]         1.0000000000 
_pdbx_struct_oper_list.matrix[2][3]         0.0000000000 
_pdbx_struct_oper_list.vector[2]            0.0000000000 
_pdbx_struct_oper_list.matrix[3][1]         0.0000000000 
_pdbx_struct_oper_list.matrix[3][2]         0.0000000000 
_pdbx_struct_oper_list.matrix[3][3]         1.0000000000 
_pdbx_struct_oper_list.vector[3]            0.0000000000 
# 
_struct_biol.id   1 
# 
loop_
_struct_conf.conf_type_id 
_struct_conf.id 
_struct_conf.pdbx_PDB_helix_id 
_struct_conf.beg_label_comp_id 
_struct_conf.beg_label_asym_id 
_struct_conf.beg_label_seq_id 
_struct_conf.pdbx_beg_PDB_ins_code 
_struct_conf.end_label_comp_id 
_struct_conf.end_label_asym_id 
_struct_conf.end_label_seq_id 
_struct_conf.pdbx_end_PDB_ins_code 
_struct_conf.beg_auth_comp_id 
_struct_conf.beg_auth_asym_id 
_struct_conf.beg_auth_seq_id 
_struct_conf.end_auth_comp_id 
_struct_conf.end_auth_asym_id 
_struct_conf.end_auth_seq_id 
_struct_conf.pdbx_PDB_helix_class 
_struct_conf.details 
_struct_conf.pdbx_PDB_helix_length 
HELX_P HELX_P1 1 LYS A 17 ? ARG A 33  ? LYS A 5  ARG A 21 1 ? 17 
HELX_P HELX_P2 2 ASN A 49 ? GLN A 58  ? ASN A 37 GLN A 46 1 ? 10 
HELX_P HELX_P3 3 GLY A 62 ? THR A 67  ? GLY A 50 THR A 55 1 ? 6  
HELX_P HELX_P4 4 GLN A 70 ? LEU A 79  ? GLN A 58 LEU A 67 1 ? 10 
HELX_P HELX_P5 5 ASP A 83 ? MET A 102 ? ASP A 71 MET A 90 1 ? 20 
# 
_struct_conf_type.id          HELX_P 
_struct_conf_type.criteria    ? 
_struct_conf_type.reference   ? 
# 
loop_
_pdbx_validate_close_contact.id 
_pdbx_validate_close_contact.PDB_model_num 
_pdbx_validate_close_contact.auth_atom_id_1 
_pdbx_validate_close_contact.auth_asym_id_1 
_pdbx_validate_close_contact.auth_comp_id_1 
_pdbx_validate_close_contact.auth_seq_id_1 
_pdbx_validate_close_contact.PDB_ins_code_1 
_pdbx_validate_close_contact.label_alt_id_1 
_pdbx_validate_close_contact.auth_atom_id_2 
_pdbx_validate_close_contact.auth_asym_id_2 
_pdbx_validate_close_contact.auth_comp_id_2 
_pdbx_validate_close_contact.auth_seq_id_2 
_pdbx_validate_close_contact.PDB_ins_code_2 
_pdbx_validate_close_contact.label_alt_id_2 
_pdbx_validate_close_contact.dist 
1 1 HB   A VAL 45 ? ? HZ3 A TRP 60 ? ? 1.28 
2 1 O    A VAL 45 ? ? H   A PHE 48 ? ? 1.54 
3 1 O    A ALA 51 ? ? H   A THR 55 ? ? 1.55 
4 1 HG13 A ILE 78 ? ? N   A TYR 79 ? ? 1.58 
# 
loop_
_pdbx_validate_torsion.id 
_pdbx_validate_torsion.PDB_model_num 
_pdbx_validate_torsion.auth_comp_id 
_pdbx_validate_torsion.auth_asym_id 
_pdbx_validate_torsion.auth_seq_id 
_pdbx_validate_torsion.PDB_ins_code 
_pdbx_validate_torsion.label_alt_id 
_pdbx_validate_torsion.phi 
_pdbx_validate_torsion.psi 
1  1 LEU A 9   ? ? -69.94  -73.32  
2  1 LEU A 25  ? ? 179.43  -41.97  
3  1 SER A 27  ? ? 164.72  137.59  
4  1 PRO A 29  ? ? -68.20  64.18   
5  1 GLU A 30  ? ? -48.84  81.74   
6  1 ASN A 33  ? ? 168.98  31.99   
7  1 ARG A 34  ? ? 171.88  -168.88 
8  1 LEU A 38  ? ? -38.54  -79.31  
9  1 TYR A 40  ? ? -66.50  -80.67  
10 1 GLN A 46  ? ? -39.85  -31.93  
11 1 VAL A 63  ? ? -60.05  -72.71  
12 1 TYR A 72  ? ? -36.62  -29.19  
13 1 LEU A 83  ? ? -159.40 56.08   
14 1 ILE A 91  ? ? -143.65 -46.80  
15 1 GLN A 93  ? ? -179.75 -44.77  
16 1 ILE A 96  ? ? 36.97   32.61   
17 1 LYS A 97  ? ? -154.33 16.09   
18 1 GLU A 98  ? ? -141.38 -59.99  
19 1 THR A 99  ? ? -80.95  -79.67  
20 1 LYS A 102 ? ? 38.28   66.18   
21 1 ARG A 103 ? ? 70.34   -62.24  
# 
_pdbx_nmr_ensemble.entry_id                             1KN5 
_pdbx_nmr_ensemble.conformers_calculated_total_number   ? 
_pdbx_nmr_ensemble.conformers_submitted_total_number    1 
_pdbx_nmr_ensemble.conformer_selection_criteria         ? 
# 
_pdbx_nmr_representative.entry_id             1KN5 
_pdbx_nmr_representative.conformer_id         1 
_pdbx_nmr_representative.selection_criteria   'minimized average structure' 
# 
_pdbx_nmr_sample_details.solution_id      1 
_pdbx_nmr_sample_details.contents         
'1MM ADR6 ARID DOMAIN U-15N, U-13C, 50MM PHOSPHATE BUFFER                       PH4.9, 90% H2O, 10%D2O' 
_pdbx_nmr_sample_details.solvent_system   '90% H2O/10% D2O' 
# 
_pdbx_nmr_exptl_sample_conditions.conditions_id       1 
_pdbx_nmr_exptl_sample_conditions.temperature         300 
_pdbx_nmr_exptl_sample_conditions.pressure            ambient 
_pdbx_nmr_exptl_sample_conditions.pH                  4.9 
_pdbx_nmr_exptl_sample_conditions.ionic_strength      '50mM PHOSPHATE BUFFER' 
_pdbx_nmr_exptl_sample_conditions.pressure_units      ? 
_pdbx_nmr_exptl_sample_conditions.temperature_units   K 
# 
loop_
_pdbx_nmr_exptl.experiment_id 
_pdbx_nmr_exptl.solution_id 
_pdbx_nmr_exptl.conditions_id 
_pdbx_nmr_exptl.type 
1 1 1 3D_13C-separated_NOESY 
2 2 2 3D_15N-separated_NOESY 
3 3 3 '2D NOESY'             
# 
_pdbx_nmr_refine.entry_id           1KN5 
_pdbx_nmr_refine.method             'torsion angle dynamics' 
_pdbx_nmr_refine.details            ? 
_pdbx_nmr_refine.software_ordinal   1 
# 
_pdbx_nmr_software.name             CNS 
_pdbx_nmr_software.version          'v 1.0' 
_pdbx_nmr_software.classification   refinement 
_pdbx_nmr_software.authors          'A.T. BRUNGER' 
_pdbx_nmr_software.ordinal          1 
# 
loop_
_pdbx_unobs_or_zero_occ_residues.id 
_pdbx_unobs_or_zero_occ_residues.PDB_model_num 
_pdbx_unobs_or_zero_occ_residues.polymer_flag 
_pdbx_unobs_or_zero_occ_residues.occupancy_flag 
_pdbx_unobs_or_zero_occ_residues.auth_asym_id 
_pdbx_unobs_or_zero_occ_residues.auth_comp_id 
_pdbx_unobs_or_zero_occ_residues.auth_seq_id 
_pdbx_unobs_or_zero_occ_residues.PDB_ins_code 
_pdbx_unobs_or_zero_occ_residues.label_asym_id 
_pdbx_unobs_or_zero_occ_residues.label_comp_id 
_pdbx_unobs_or_zero_occ_residues.label_seq_id 
1  1 Y 1 A MET -11 ? A MET 1   
2  1 Y 1 A ARG -10 ? A ARG 2   
3  1 Y 1 A GLY -9  ? A GLY 3   
4  1 Y 1 A SER -8  ? A SER 4   
5  1 Y 1 A GLY -7  ? A GLY 5   
6  1 Y 1 A SER -6  ? A SER 6   
7  1 Y 1 A HIS -5  ? A HIS 7   
8  1 Y 1 A HIS -4  ? A HIS 8   
9  1 Y 1 A HIS -3  ? A HIS 9   
10 1 Y 1 A HIS -2  ? A HIS 10  
11 1 Y 1 A HIS -1  ? A HIS 11  
12 1 Y 1 A HIS 0   ? A HIS 12  
13 1 Y 1 A GLY 1   ? A GLY 13  
14 1 Y 1 A SER 2   ? A SER 14  
15 1 Y 1 A LEU 105 ? A LEU 117 
16 1 Y 1 A GLN 106 ? A GLN 118 
17 1 Y 1 A PRO 107 ? A PRO 119 
18 1 Y 1 A SER 108 ? A SER 120 
19 1 Y 1 A LEU 109 ? A LEU 121 
20 1 Y 1 A ILE 110 ? A ILE 122 
21 1 Y 1 A SER 111 ? A SER 123 
# 
loop_
_chem_comp_atom.comp_id 
_chem_comp_atom.atom_id 
_chem_comp_atom.type_symbol 
_chem_comp_atom.pdbx_aromatic_flag 
_chem_comp_atom.pdbx_stereo_config 
_chem_comp_atom.pdbx_ordinal 
ALA N    N N N 1   
ALA CA   C N S 2   
ALA C    C N N 3   
ALA O    O N N 4   
ALA CB   C N N 5   
ALA OXT  O N N 6   
ALA H    H N N 7   
ALA H2   H N N 8   
ALA HA   H N N 9   
ALA HB1  H N N 10  
ALA HB2  H N N 11  
ALA HB3  H N N 12  
ALA HXT  H N N 13  
ARG N    N N N 14  
ARG CA   C N S 15  
ARG C    C N N 16  
ARG O    O N N 17  
ARG CB   C N N 18  
ARG CG   C N N 19  
ARG CD   C N N 20  
ARG NE   N N N 21  
ARG CZ   C N N 22  
ARG NH1  N N N 23  
ARG NH2  N N N 24  
ARG OXT  O N N 25  
ARG H    H N N 26  
ARG H2   H N N 27  
ARG HA   H N N 28  
ARG HB2  H N N 29  
ARG HB3  H N N 30  
ARG HG2  H N N 31  
ARG HG3  H N N 32  
ARG HD2  H N N 33  
ARG HD3  H N N 34  
ARG HE   H N N 35  
ARG HH11 H N N 36  
ARG HH12 H N N 37  
ARG HH21 H N N 38  
ARG HH22 H N N 39  
ARG HXT  H N N 40  
ASN N    N N N 41  
ASN CA   C N S 42  
ASN C    C N N 43  
ASN O    O N N 44  
ASN CB   C N N 45  
ASN CG   C N N 46  
ASN OD1  O N N 47  
ASN ND2  N N N 48  
ASN OXT  O N N 49  
ASN H    H N N 50  
ASN H2   H N N 51  
ASN HA   H N N 52  
ASN HB2  H N N 53  
ASN HB3  H N N 54  
ASN HD21 H N N 55  
ASN HD22 H N N 56  
ASN HXT  H N N 57  
ASP N    N N N 58  
ASP CA   C N S 59  
ASP C    C N N 60  
ASP O    O N N 61  
ASP CB   C N N 62  
ASP CG   C N N 63  
ASP OD1  O N N 64  
ASP OD2  O N N 65  
ASP OXT  O N N 66  
ASP H    H N N 67  
ASP H2   H N N 68  
ASP HA   H N N 69  
ASP HB2  H N N 70  
ASP HB3  H N N 71  
ASP HD2  H N N 72  
ASP HXT  H N N 73  
CYS N    N N N 74  
CYS CA   C N R 75  
CYS C    C N N 76  
CYS O    O N N 77  
CYS CB   C N N 78  
CYS SG   S N N 79  
CYS OXT  O N N 80  
CYS H    H N N 81  
CYS H2   H N N 82  
CYS HA   H N N 83  
CYS HB2  H N N 84  
CYS HB3  H N N 85  
CYS HG   H N N 86  
CYS HXT  H N N 87  
GLN N    N N N 88  
GLN CA   C N S 89  
GLN C    C N N 90  
GLN O    O N N 91  
GLN CB   C N N 92  
GLN CG   C N N 93  
GLN CD   C N N 94  
GLN OE1  O N N 95  
GLN NE2  N N N 96  
GLN OXT  O N N 97  
GLN H    H N N 98  
GLN H2   H N N 99  
GLN HA   H N N 100 
GLN HB2  H N N 101 
GLN HB3  H N N 102 
GLN HG2  H N N 103 
GLN HG3  H N N 104 
GLN HE21 H N N 105 
GLN HE22 H N N 106 
GLN HXT  H N N 107 
GLU N    N N N 108 
GLU CA   C N S 109 
GLU C    C N N 110 
GLU O    O N N 111 
GLU CB   C N N 112 
GLU CG   C N N 113 
GLU CD   C N N 114 
GLU OE1  O N N 115 
GLU OE2  O N N 116 
GLU OXT  O N N 117 
GLU H    H N N 118 
GLU H2   H N N 119 
GLU HA   H N N 120 
GLU HB2  H N N 121 
GLU HB3  H N N 122 
GLU HG2  H N N 123 
GLU HG3  H N N 124 
GLU HE2  H N N 125 
GLU HXT  H N N 126 
GLY N    N N N 127 
GLY CA   C N N 128 
GLY C    C N N 129 
GLY O    O N N 130 
GLY OXT  O N N 131 
GLY H    H N N 132 
GLY H2   H N N 133 
GLY HA2  H N N 134 
GLY HA3  H N N 135 
GLY HXT  H N N 136 
HIS N    N N N 137 
HIS CA   C N S 138 
HIS C    C N N 139 
HIS O    O N N 140 
HIS CB   C N N 141 
HIS CG   C Y N 142 
HIS ND1  N Y N 143 
HIS CD2  C Y N 144 
HIS CE1  C Y N 145 
HIS NE2  N Y N 146 
HIS OXT  O N N 147 
HIS H    H N N 148 
HIS H2   H N N 149 
HIS HA   H N N 150 
HIS HB2  H N N 151 
HIS HB3  H N N 152 
HIS HD1  H N N 153 
HIS HD2  H N N 154 
HIS HE1  H N N 155 
HIS HE2  H N N 156 
HIS HXT  H N N 157 
ILE N    N N N 158 
ILE CA   C N S 159 
ILE C    C N N 160 
ILE O    O N N 161 
ILE CB   C N S 162 
ILE CG1  C N N 163 
ILE CG2  C N N 164 
ILE CD1  C N N 165 
ILE OXT  O N N 166 
ILE H    H N N 167 
ILE H2   H N N 168 
ILE HA   H N N 169 
ILE HB   H N N 170 
ILE HG12 H N N 171 
ILE HG13 H N N 172 
ILE HG21 H N N 173 
ILE HG22 H N N 174 
ILE HG23 H N N 175 
ILE HD11 H N N 176 
ILE HD12 H N N 177 
ILE HD13 H N N 178 
ILE HXT  H N N 179 
LEU N    N N N 180 
LEU CA   C N S 181 
LEU C    C N N 182 
LEU O    O N N 183 
LEU CB   C N N 184 
LEU CG   C N N 185 
LEU CD1  C N N 186 
LEU CD2  C N N 187 
LEU OXT  O N N 188 
LEU H    H N N 189 
LEU H2   H N N 190 
LEU HA   H N N 191 
LEU HB2  H N N 192 
LEU HB3  H N N 193 
LEU HG   H N N 194 
LEU HD11 H N N 195 
LEU HD12 H N N 196 
LEU HD13 H N N 197 
LEU HD21 H N N 198 
LEU HD22 H N N 199 
LEU HD23 H N N 200 
LEU HXT  H N N 201 
LYS N    N N N 202 
LYS CA   C N S 203 
LYS C    C N N 204 
LYS O    O N N 205 
LYS CB   C N N 206 
LYS CG   C N N 207 
LYS CD   C N N 208 
LYS CE   C N N 209 
LYS NZ   N N N 210 
LYS OXT  O N N 211 
LYS H    H N N 212 
LYS H2   H N N 213 
LYS HA   H N N 214 
LYS HB2  H N N 215 
LYS HB3  H N N 216 
LYS HG2  H N N 217 
LYS HG3  H N N 218 
LYS HD2  H N N 219 
LYS HD3  H N N 220 
LYS HE2  H N N 221 
LYS HE3  H N N 222 
LYS HZ1  H N N 223 
LYS HZ2  H N N 224 
LYS HZ3  H N N 225 
LYS HXT  H N N 226 
MET N    N N N 227 
MET CA   C N S 228 
MET C    C N N 229 
MET O    O N N 230 
MET CB   C N N 231 
MET CG   C N N 232 
MET SD   S N N 233 
MET CE   C N N 234 
MET OXT  O N N 235 
MET H    H N N 236 
MET H2   H N N 237 
MET HA   H N N 238 
MET HB2  H N N 239 
MET HB3  H N N 240 
MET HG2  H N N 241 
MET HG3  H N N 242 
MET HE1  H N N 243 
MET HE2  H N N 244 
MET HE3  H N N 245 
MET HXT  H N N 246 
PHE N    N N N 247 
PHE CA   C N S 248 
PHE C    C N N 249 
PHE O    O N N 250 
PHE CB   C N N 251 
PHE CG   C Y N 252 
PHE CD1  C Y N 253 
PHE CD2  C Y N 254 
PHE CE1  C Y N 255 
PHE CE2  C Y N 256 
PHE CZ   C Y N 257 
PHE OXT  O N N 258 
PHE H    H N N 259 
PHE H2   H N N 260 
PHE HA   H N N 261 
PHE HB2  H N N 262 
PHE HB3  H N N 263 
PHE HD1  H N N 264 
PHE HD2  H N N 265 
PHE HE1  H N N 266 
PHE HE2  H N N 267 
PHE HZ   H N N 268 
PHE HXT  H N N 269 
PRO N    N N N 270 
PRO CA   C N S 271 
PRO C    C N N 272 
PRO O    O N N 273 
PRO CB   C N N 274 
PRO CG   C N N 275 
PRO CD   C N N 276 
PRO OXT  O N N 277 
PRO H    H N N 278 
PRO HA   H N N 279 
PRO HB2  H N N 280 
PRO HB3  H N N 281 
PRO HG2  H N N 282 
PRO HG3  H N N 283 
PRO HD2  H N N 284 
PRO HD3  H N N 285 
PRO HXT  H N N 286 
SER N    N N N 287 
SER CA   C N S 288 
SER C    C N N 289 
SER O    O N N 290 
SER CB   C N N 291 
SER OG   O N N 292 
SER OXT  O N N 293 
SER H    H N N 294 
SER H2   H N N 295 
SER HA   H N N 296 
SER HB2  H N N 297 
SER HB3  H N N 298 
SER HG   H N N 299 
SER HXT  H N N 300 
THR N    N N N 301 
THR CA   C N S 302 
THR C    C N N 303 
THR O    O N N 304 
THR CB   C N R 305 
THR OG1  O N N 306 
THR CG2  C N N 307 
THR OXT  O N N 308 
THR H    H N N 309 
THR H2   H N N 310 
THR HA   H N N 311 
THR HB   H N N 312 
THR HG1  H N N 313 
THR HG21 H N N 314 
THR HG22 H N N 315 
THR HG23 H N N 316 
THR HXT  H N N 317 
TRP N    N N N 318 
TRP CA   C N S 319 
TRP C    C N N 320 
TRP O    O N N 321 
TRP CB   C N N 322 
TRP CG   C Y N 323 
TRP CD1  C Y N 324 
TRP CD2  C Y N 325 
TRP NE1  N Y N 326 
TRP CE2  C Y N 327 
TRP CE3  C Y N 328 
TRP CZ2  C Y N 329 
TRP CZ3  C Y N 330 
TRP CH2  C Y N 331 
TRP OXT  O N N 332 
TRP H    H N N 333 
TRP H2   H N N 334 
TRP HA   H N N 335 
TRP HB2  H N N 336 
TRP HB3  H N N 337 
TRP HD1  H N N 338 
TRP HE1  H N N 339 
TRP HE3  H N N 340 
TRP HZ2  H N N 341 
TRP HZ3  H N N 342 
TRP HH2  H N N 343 
TRP HXT  H N N 344 
TYR N    N N N 345 
TYR CA   C N S 346 
TYR C    C N N 347 
TYR O    O N N 348 
TYR CB   C N N 349 
TYR CG   C Y N 350 
TYR CD1  C Y N 351 
TYR CD2  C Y N 352 
TYR CE1  C Y N 353 
TYR CE2  C Y N 354 
TYR CZ   C Y N 355 
TYR OH   O N N 356 
TYR OXT  O N N 357 
TYR H    H N N 358 
TYR H2   H N N 359 
TYR HA   H N N 360 
TYR HB2  H N N 361 
TYR HB3  H N N 362 
TYR HD1  H N N 363 
TYR HD2  H N N 364 
TYR HE1  H N N 365 
TYR HE2  H N N 366 
TYR HH   H N N 367 
TYR HXT  H N N 368 
VAL N    N N N 369 
VAL CA   C N S 370 
VAL C    C N N 371 
VAL O    O N N 372 
VAL CB   C N N 373 
VAL CG1  C N N 374 
VAL CG2  C N N 375 
VAL OXT  O N N 376 
VAL H    H N N 377 
VAL H2   H N N 378 
VAL HA   H N N 379 
VAL HB   H N N 380 
VAL HG11 H N N 381 
VAL HG12 H N N 382 
VAL HG13 H N N 383 
VAL HG21 H N N 384 
VAL HG22 H N N 385 
VAL HG23 H N N 386 
VAL HXT  H N N 387 
# 
loop_
_chem_comp_bond.comp_id 
_chem_comp_bond.atom_id_1 
_chem_comp_bond.atom_id_2 
_chem_comp_bond.value_order 
_chem_comp_bond.pdbx_aromatic_flag 
_chem_comp_bond.pdbx_stereo_config 
_chem_comp_bond.pdbx_ordinal 
ALA N   CA   sing N N 1   
ALA N   H    sing N N 2   
ALA N   H2   sing N N 3   
ALA CA  C    sing N N 4   
ALA CA  CB   sing N N 5   
ALA CA  HA   sing N N 6   
ALA C   O    doub N N 7   
ALA C   OXT  sing N N 8   
ALA CB  HB1  sing N N 9   
ALA CB  HB2  sing N N 10  
ALA CB  HB3  sing N N 11  
ALA OXT HXT  sing N N 12  
ARG N   CA   sing N N 13  
ARG N   H    sing N N 14  
ARG N   H2   sing N N 15  
ARG CA  C    sing N N 16  
ARG CA  CB   sing N N 17  
ARG CA  HA   sing N N 18  
ARG C   O    doub N N 19  
ARG C   OXT  sing N N 20  
ARG CB  CG   sing N N 21  
ARG CB  HB2  sing N N 22  
ARG CB  HB3  sing N N 23  
ARG CG  CD   sing N N 24  
ARG CG  HG2  sing N N 25  
ARG CG  HG3  sing N N 26  
ARG CD  NE   sing N N 27  
ARG CD  HD2  sing N N 28  
ARG CD  HD3  sing N N 29  
ARG NE  CZ   sing N N 30  
ARG NE  HE   sing N N 31  
ARG CZ  NH1  sing N N 32  
ARG CZ  NH2  doub N N 33  
ARG NH1 HH11 sing N N 34  
ARG NH1 HH12 sing N N 35  
ARG NH2 HH21 sing N N 36  
ARG NH2 HH22 sing N N 37  
ARG OXT HXT  sing N N 38  
ASN N   CA   sing N N 39  
ASN N   H    sing N N 40  
ASN N   H2   sing N N 41  
ASN CA  C    sing N N 42  
ASN CA  CB   sing N N 43  
ASN CA  HA   sing N N 44  
ASN C   O    doub N N 45  
ASN C   OXT  sing N N 46  
ASN CB  CG   sing N N 47  
ASN CB  HB2  sing N N 48  
ASN CB  HB3  sing N N 49  
ASN CG  OD1  doub N N 50  
ASN CG  ND2  sing N N 51  
ASN ND2 HD21 sing N N 52  
ASN ND2 HD22 sing N N 53  
ASN OXT HXT  sing N N 54  
ASP N   CA   sing N N 55  
ASP N   H    sing N N 56  
ASP N   H2   sing N N 57  
ASP CA  C    sing N N 58  
ASP CA  CB   sing N N 59  
ASP CA  HA   sing N N 60  
ASP C   O    doub N N 61  
ASP C   OXT  sing N N 62  
ASP CB  CG   sing N N 63  
ASP CB  HB2  sing N N 64  
ASP CB  HB3  sing N N 65  
ASP CG  OD1  doub N N 66  
ASP CG  OD2  sing N N 67  
ASP OD2 HD2  sing N N 68  
ASP OXT HXT  sing N N 69  
CYS N   CA   sing N N 70  
CYS N   H    sing N N 71  
CYS N   H2   sing N N 72  
CYS CA  C    sing N N 73  
CYS CA  CB   sing N N 74  
CYS CA  HA   sing N N 75  
CYS C   O    doub N N 76  
CYS C   OXT  sing N N 77  
CYS CB  SG   sing N N 78  
CYS CB  HB2  sing N N 79  
CYS CB  HB3  sing N N 80  
CYS SG  HG   sing N N 81  
CYS OXT HXT  sing N N 82  
GLN N   CA   sing N N 83  
GLN N   H    sing N N 84  
GLN N   H2   sing N N 85  
GLN CA  C    sing N N 86  
GLN CA  CB   sing N N 87  
GLN CA  HA   sing N N 88  
GLN C   O    doub N N 89  
GLN C   OXT  sing N N 90  
GLN CB  CG   sing N N 91  
GLN CB  HB2  sing N N 92  
GLN CB  HB3  sing N N 93  
GLN CG  CD   sing N N 94  
GLN CG  HG2  sing N N 95  
GLN CG  HG3  sing N N 96  
GLN CD  OE1  doub N N 97  
GLN CD  NE2  sing N N 98  
GLN NE2 HE21 sing N N 99  
GLN NE2 HE22 sing N N 100 
GLN OXT HXT  sing N N 101 
GLU N   CA   sing N N 102 
GLU N   H    sing N N 103 
GLU N   H2   sing N N 104 
GLU CA  C    sing N N 105 
GLU CA  CB   sing N N 106 
GLU CA  HA   sing N N 107 
GLU C   O    doub N N 108 
GLU C   OXT  sing N N 109 
GLU CB  CG   sing N N 110 
GLU CB  HB2  sing N N 111 
GLU CB  HB3  sing N N 112 
GLU CG  CD   sing N N 113 
GLU CG  HG2  sing N N 114 
GLU CG  HG3  sing N N 115 
GLU CD  OE1  doub N N 116 
GLU CD  OE2  sing N N 117 
GLU OE2 HE2  sing N N 118 
GLU OXT HXT  sing N N 119 
GLY N   CA   sing N N 120 
GLY N   H    sing N N 121 
GLY N   H2   sing N N 122 
GLY CA  C    sing N N 123 
GLY CA  HA2  sing N N 124 
GLY CA  HA3  sing N N 125 
GLY C   O    doub N N 126 
GLY C   OXT  sing N N 127 
GLY OXT HXT  sing N N 128 
HIS N   CA   sing N N 129 
HIS N   H    sing N N 130 
HIS N   H2   sing N N 131 
HIS CA  C    sing N N 132 
HIS CA  CB   sing N N 133 
HIS CA  HA   sing N N 134 
HIS C   O    doub N N 135 
HIS C   OXT  sing N N 136 
HIS CB  CG   sing N N 137 
HIS CB  HB2  sing N N 138 
HIS CB  HB3  sing N N 139 
HIS CG  ND1  sing Y N 140 
HIS CG  CD2  doub Y N 141 
HIS ND1 CE1  doub Y N 142 
HIS ND1 HD1  sing N N 143 
HIS CD2 NE2  sing Y N 144 
HIS CD2 HD2  sing N N 145 
HIS CE1 NE2  sing Y N 146 
HIS CE1 HE1  sing N N 147 
HIS NE2 HE2  sing N N 148 
HIS OXT HXT  sing N N 149 
ILE N   CA   sing N N 150 
ILE N   H    sing N N 151 
ILE N   H2   sing N N 152 
ILE CA  C    sing N N 153 
ILE CA  CB   sing N N 154 
ILE CA  HA   sing N N 155 
ILE C   O    doub N N 156 
ILE C   OXT  sing N N 157 
ILE CB  CG1  sing N N 158 
ILE CB  CG2  sing N N 159 
ILE CB  HB   sing N N 160 
ILE CG1 CD1  sing N N 161 
ILE CG1 HG12 sing N N 162 
ILE CG1 HG13 sing N N 163 
ILE CG2 HG21 sing N N 164 
ILE CG2 HG22 sing N N 165 
ILE CG2 HG23 sing N N 166 
ILE CD1 HD11 sing N N 167 
ILE CD1 HD12 sing N N 168 
ILE CD1 HD13 sing N N 169 
ILE OXT HXT  sing N N 170 
LEU N   CA   sing N N 171 
LEU N   H    sing N N 172 
LEU N   H2   sing N N 173 
LEU CA  C    sing N N 174 
LEU CA  CB   sing N N 175 
LEU CA  HA   sing N N 176 
LEU C   O    doub N N 177 
LEU C   OXT  sing N N 178 
LEU CB  CG   sing N N 179 
LEU CB  HB2  sing N N 180 
LEU CB  HB3  sing N N 181 
LEU CG  CD1  sing N N 182 
LEU CG  CD2  sing N N 183 
LEU CG  HG   sing N N 184 
LEU CD1 HD11 sing N N 185 
LEU CD1 HD12 sing N N 186 
LEU CD1 HD13 sing N N 187 
LEU CD2 HD21 sing N N 188 
LEU CD2 HD22 sing N N 189 
LEU CD2 HD23 sing N N 190 
LEU OXT HXT  sing N N 191 
LYS N   CA   sing N N 192 
LYS N   H    sing N N 193 
LYS N   H2   sing N N 194 
LYS CA  C    sing N N 195 
LYS CA  CB   sing N N 196 
LYS CA  HA   sing N N 197 
LYS C   O    doub N N 198 
LYS C   OXT  sing N N 199 
LYS CB  CG   sing N N 200 
LYS CB  HB2  sing N N 201 
LYS CB  HB3  sing N N 202 
LYS CG  CD   sing N N 203 
LYS CG  HG2  sing N N 204 
LYS CG  HG3  sing N N 205 
LYS CD  CE   sing N N 206 
LYS CD  HD2  sing N N 207 
LYS CD  HD3  sing N N 208 
LYS CE  NZ   sing N N 209 
LYS CE  HE2  sing N N 210 
LYS CE  HE3  sing N N 211 
LYS NZ  HZ1  sing N N 212 
LYS NZ  HZ2  sing N N 213 
LYS NZ  HZ3  sing N N 214 
LYS OXT HXT  sing N N 215 
MET N   CA   sing N N 216 
MET N   H    sing N N 217 
MET N   H2   sing N N 218 
MET CA  C    sing N N 219 
MET CA  CB   sing N N 220 
MET CA  HA   sing N N 221 
MET C   O    doub N N 222 
MET C   OXT  sing N N 223 
MET CB  CG   sing N N 224 
MET CB  HB2  sing N N 225 
MET CB  HB3  sing N N 226 
MET CG  SD   sing N N 227 
MET CG  HG2  sing N N 228 
MET CG  HG3  sing N N 229 
MET SD  CE   sing N N 230 
MET CE  HE1  sing N N 231 
MET CE  HE2  sing N N 232 
MET CE  HE3  sing N N 233 
MET OXT HXT  sing N N 234 
PHE N   CA   sing N N 235 
PHE N   H    sing N N 236 
PHE N   H2   sing N N 237 
PHE CA  C    sing N N 238 
PHE CA  CB   sing N N 239 
PHE CA  HA   sing N N 240 
PHE C   O    doub N N 241 
PHE C   OXT  sing N N 242 
PHE CB  CG   sing N N 243 
PHE CB  HB2  sing N N 244 
PHE CB  HB3  sing N N 245 
PHE CG  CD1  doub Y N 246 
PHE CG  CD2  sing Y N 247 
PHE CD1 CE1  sing Y N 248 
PHE CD1 HD1  sing N N 249 
PHE CD2 CE2  doub Y N 250 
PHE CD2 HD2  sing N N 251 
PHE CE1 CZ   doub Y N 252 
PHE CE1 HE1  sing N N 253 
PHE CE2 CZ   sing Y N 254 
PHE CE2 HE2  sing N N 255 
PHE CZ  HZ   sing N N 256 
PHE OXT HXT  sing N N 257 
PRO N   CA   sing N N 258 
PRO N   CD   sing N N 259 
PRO N   H    sing N N 260 
PRO CA  C    sing N N 261 
PRO CA  CB   sing N N 262 
PRO CA  HA   sing N N 263 
PRO C   O    doub N N 264 
PRO C   OXT  sing N N 265 
PRO CB  CG   sing N N 266 
PRO CB  HB2  sing N N 267 
PRO CB  HB3  sing N N 268 
PRO CG  CD   sing N N 269 
PRO CG  HG2  sing N N 270 
PRO CG  HG3  sing N N 271 
PRO CD  HD2  sing N N 272 
PRO CD  HD3  sing N N 273 
PRO OXT HXT  sing N N 274 
SER N   CA   sing N N 275 
SER N   H    sing N N 276 
SER N   H2   sing N N 277 
SER CA  C    sing N N 278 
SER CA  CB   sing N N 279 
SER CA  HA   sing N N 280 
SER C   O    doub N N 281 
SER C   OXT  sing N N 282 
SER CB  OG   sing N N 283 
SER CB  HB2  sing N N 284 
SER CB  HB3  sing N N 285 
SER OG  HG   sing N N 286 
SER OXT HXT  sing N N 287 
THR N   CA   sing N N 288 
THR N   H    sing N N 289 
THR N   H2   sing N N 290 
THR CA  C    sing N N 291 
THR CA  CB   sing N N 292 
THR CA  HA   sing N N 293 
THR C   O    doub N N 294 
THR C   OXT  sing N N 295 
THR CB  OG1  sing N N 296 
THR CB  CG2  sing N N 297 
THR CB  HB   sing N N 298 
THR OG1 HG1  sing N N 299 
THR CG2 HG21 sing N N 300 
THR CG2 HG22 sing N N 301 
THR CG2 HG23 sing N N 302 
THR OXT HXT  sing N N 303 
TRP N   CA   sing N N 304 
TRP N   H    sing N N 305 
TRP N   H2   sing N N 306 
TRP CA  C    sing N N 307 
TRP CA  CB   sing N N 308 
TRP CA  HA   sing N N 309 
TRP C   O    doub N N 310 
TRP C   OXT  sing N N 311 
TRP CB  CG   sing N N 312 
TRP CB  HB2  sing N N 313 
TRP CB  HB3  sing N N 314 
TRP CG  CD1  doub Y N 315 
TRP CG  CD2  sing Y N 316 
TRP CD1 NE1  sing Y N 317 
TRP CD1 HD1  sing N N 318 
TRP CD2 CE2  doub Y N 319 
TRP CD2 CE3  sing Y N 320 
TRP NE1 CE2  sing Y N 321 
TRP NE1 HE1  sing N N 322 
TRP CE2 CZ2  sing Y N 323 
TRP CE3 CZ3  doub Y N 324 
TRP CE3 HE3  sing N N 325 
TRP CZ2 CH2  doub Y N 326 
TRP CZ2 HZ2  sing N N 327 
TRP CZ3 CH2  sing Y N 328 
TRP CZ3 HZ3  sing N N 329 
TRP CH2 HH2  sing N N 330 
TRP OXT HXT  sing N N 331 
TYR N   CA   sing N N 332 
TYR N   H    sing N N 333 
TYR N   H2   sing N N 334 
TYR CA  C    sing N N 335 
TYR CA  CB   sing N N 336 
TYR CA  HA   sing N N 337 
TYR C   O    doub N N 338 
TYR C   OXT  sing N N 339 
TYR CB  CG   sing N N 340 
TYR CB  HB2  sing N N 341 
TYR CB  HB3  sing N N 342 
TYR CG  CD1  doub Y N 343 
TYR CG  CD2  sing Y N 344 
TYR CD1 CE1  sing Y N 345 
TYR CD1 HD1  sing N N 346 
TYR CD2 CE2  doub Y N 347 
TYR CD2 HD2  sing N N 348 
TYR CE1 CZ   doub Y N 349 
TYR CE1 HE1  sing N N 350 
TYR CE2 CZ   sing Y N 351 
TYR CE2 HE2  sing N N 352 
TYR CZ  OH   sing N N 353 
TYR OH  HH   sing N N 354 
TYR OXT HXT  sing N N 355 
VAL N   CA   sing N N 356 
VAL N   H    sing N N 357 
VAL N   H2   sing N N 358 
VAL CA  C    sing N N 359 
VAL CA  CB   sing N N 360 
VAL CA  HA   sing N N 361 
VAL C   O    doub N N 362 
VAL C   OXT  sing N N 363 
VAL CB  CG1  sing N N 364 
VAL CB  CG2  sing N N 365 
VAL CB  HB   sing N N 366 
VAL CG1 HG11 sing N N 367 
VAL CG1 HG12 sing N N 368 
VAL CG1 HG13 sing N N 369 
VAL CG2 HG21 sing N N 370 
VAL CG2 HG22 sing N N 371 
VAL CG2 HG23 sing N N 372 
VAL OXT HXT  sing N N 373 
# 
_pdbx_nmr_spectrometer.spectrometer_id   1 
_pdbx_nmr_spectrometer.type              ? 
_pdbx_nmr_spectrometer.manufacturer      Bruker 
_pdbx_nmr_spectrometer.model             DMX 
_pdbx_nmr_spectrometer.field_strength    500 
# 
_atom_sites.entry_id                    1KN5 
_atom_sites.fract_transf_matrix[1][1]   1.000000 
_atom_sites.fract_transf_matrix[1][2]   0.000000 
_atom_sites.fract_transf_matrix[1][3]   0.000000 
_atom_sites.fract_transf_matrix[2][1]   0.000000 
_atom_sites.fract_transf_matrix[2][2]   1.000000 
_atom_sites.fract_transf_matrix[2][3]   0.000000 
_atom_sites.fract_transf_matrix[3][1]   0.000000 
_atom_sites.fract_transf_matrix[3][2]   0.000000 
_atom_sites.fract_transf_matrix[3][3]   1.000000 
_atom_sites.fract_transf_vector[1]      0.00000 
_atom_sites.fract_transf_vector[2]      0.00000 
_atom_sites.fract_transf_vector[3]      0.00000 
# 
loop_
_atom_type.symbol 
C 
H 
N 
O 
S 
# 
loop_
_atom_site.group_PDB 
_atom_site.id 
_atom_site.type_symbol 
_atom_site.label_atom_id 
_atom_site.label_alt_id 
_atom_site.label_comp_id 
_atom_site.label_asym_id 
_atom_site.label_entity_id 
_atom_site.label_seq_id 
_atom_site.pdbx_PDB_ins_code 
_atom_site.Cartn_x 
_atom_site.Cartn_y 
_atom_site.Cartn_z 
_atom_site.occupancy 
_atom_site.B_iso_or_equiv 
_atom_site.pdbx_formal_charge 
_atom_site.auth_seq_id 
_atom_site.auth_comp_id 
_atom_site.auth_asym_id 
_atom_site.auth_atom_id 
_atom_site.pdbx_PDB_model_num 
ATOM 1    N N    . ASN A 1 15  ? 4.128   -18.713 -2.751  1.00 7.97  ? 3   ASN A N    1 
ATOM 2    C CA   . ASN A 1 15  ? 3.600   -17.355 -2.693  1.00 7.53  ? 3   ASN A CA   1 
ATOM 3    C C    . ASN A 1 15  ? 4.613   -16.351 -3.236  1.00 7.13  ? 3   ASN A C    1 
ATOM 4    O O    . ASN A 1 15  ? 4.595   -15.176 -2.869  1.00 6.98  ? 3   ASN A O    1 
ATOM 5    C CB   . ASN A 1 15  ? 3.226   -16.991 -1.254  1.00 7.59  ? 3   ASN A CB   1 
ATOM 6    C CG   . ASN A 1 15  ? 1.766   -17.265 -0.950  1.00 7.88  ? 3   ASN A CG   1 
ATOM 7    O OD1  . ASN A 1 15  ? 0.957   -17.458 -1.857  1.00 8.17  ? 3   ASN A OD1  1 
ATOM 8    N ND2  . ASN A 1 15  ? 1.422   -17.283 0.332   1.00 8.08  ? 3   ASN A ND2  1 
ATOM 9    H H    . ASN A 1 15  ? 4.728   -19.024 -2.042  1.00 8.10  ? 3   ASN A H    1 
ATOM 10   H HA   . ASN A 1 15  ? 2.712   -17.318 -3.306  1.00 7.61  ? 3   ASN A HA   1 
ATOM 11   H HB2  . ASN A 1 15  ? 3.830   -17.572 -0.574  1.00 7.76  ? 3   ASN A HB2  1 
ATOM 12   H HB3  . ASN A 1 15  ? 3.419   -15.941 -1.093  1.00 7.49  ? 3   ASN A HB3  1 
ATOM 13   H HD21 . ASN A 1 15  ? 2.119   -17.120 1.001   1.00 8.04  ? 3   ASN A HD21 1 
ATOM 14   H HD22 . ASN A 1 15  ? 0.484   -17.457 0.557   1.00 8.41  ? 3   ASN A HD22 1 
ATOM 15   N N    . ASN A 1 16  ? 5.491   -16.819 -4.117  1.00 7.10  ? 4   ASN A N    1 
ATOM 16   C CA   . ASN A 1 16  ? 6.506   -15.959 -4.714  1.00 6.80  ? 4   ASN A CA   1 
ATOM 17   C C    . ASN A 1 16  ? 5.914   -15.121 -5.845  1.00 6.55  ? 4   ASN A C    1 
ATOM 18   O O    . ASN A 1 16  ? 6.466   -14.086 -6.216  1.00 6.34  ? 4   ASN A O    1 
ATOM 19   C CB   . ASN A 1 16  ? 7.670   -16.799 -5.242  1.00 7.10  ? 4   ASN A CB   1 
ATOM 20   C CG   . ASN A 1 16  ? 8.985   -16.044 -5.221  1.00 7.10  ? 4   ASN A CG   1 
ATOM 21   O OD1  . ASN A 1 16  ? 9.559   -15.803 -4.158  1.00 7.12  ? 4   ASN A OD1  1 
ATOM 22   N ND2  . ASN A 1 16  ? 9.468   -15.664 -6.397  1.00 7.35  ? 4   ASN A ND2  1 
ATOM 23   H H    . ASN A 1 16  ? 5.454   -17.764 -4.375  1.00 7.37  ? 4   ASN A H    1 
ATOM 24   H HA   . ASN A 1 16  ? 6.872   -15.296 -3.945  1.00 6.60  ? 4   ASN A HA   1 
ATOM 25   H HB2  . ASN A 1 16  ? 7.775   -17.683 -4.631  1.00 7.38  ? 4   ASN A HB2  1 
ATOM 26   H HB3  . ASN A 1 16  ? 7.461   -17.093 -6.261  1.00 7.16  ? 4   ASN A HB3  1 
ATOM 27   H HD21 . ASN A 1 16  ? 8.957   -15.890 -7.203  1.00 7.56  ? 4   ASN A HD21 1 
ATOM 28   H HD22 . ASN A 1 16  ? 10.317  -15.175 -6.413  1.00 7.46  ? 4   ASN A HD22 1 
ATOM 29   N N    . LYS A 1 17  ? 4.788   -15.575 -6.386  1.00 6.67  ? 5   LYS A N    1 
ATOM 30   C CA   . LYS A 1 17  ? 4.121   -14.868 -7.473  1.00 6.54  ? 5   LYS A CA   1 
ATOM 31   C C    . LYS A 1 17  ? 3.159   -13.814 -6.931  1.00 6.20  ? 5   LYS A C    1 
ATOM 32   O O    . LYS A 1 17  ? 2.834   -12.847 -7.620  1.00 5.99  ? 5   LYS A O    1 
ATOM 33   C CB   . LYS A 1 17  ? 3.365   -15.857 -8.363  1.00 6.98  ? 5   LYS A CB   1 
ATOM 34   C CG   . LYS A 1 17  ? 4.111   -16.225 -9.634  1.00 7.28  ? 5   LYS A CG   1 
ATOM 35   C CD   . LYS A 1 17  ? 3.656   -15.377 -10.810 1.00 7.15  ? 5   LYS A CD   1 
ATOM 36   C CE   . LYS A 1 17  ? 4.546   -15.586 -12.027 1.00 7.17  ? 5   LYS A CE   1 
ATOM 37   N NZ   . LYS A 1 17  ? 3.937   -15.022 -13.263 1.00 7.54  ? 5   LYS A NZ   1 
ATOM 38   H H    . LYS A 1 17  ? 4.395   -16.406 -6.047  1.00 6.90  ? 5   LYS A H    1 
ATOM 39   H HA   . LYS A 1 17  ? 4.880   -14.376 -8.063  1.00 6.43  ? 5   LYS A HA   1 
ATOM 40   H HB2  . LYS A 1 17  ? 3.187   -16.762 -7.801  1.00 7.18  ? 5   LYS A HB2  1 
ATOM 41   H HB3  . LYS A 1 17  ? 2.416   -15.424 -8.640  1.00 6.98  ? 5   LYS A HB3  1 
ATOM 42   H HG2  . LYS A 1 17  ? 5.168   -16.069 -9.479  1.00 7.34  ? 5   LYS A HG2  1 
ATOM 43   H HG3  . LYS A 1 17  ? 3.928   -17.266 -9.860  1.00 7.62  ? 5   LYS A HG3  1 
ATOM 44   H HD2  . LYS A 1 17  ? 2.643   -15.648 -11.067 1.00 7.28  ? 5   LYS A HD2  1 
ATOM 45   H HD3  . LYS A 1 17  ? 3.691   -14.335 -10.526 1.00 7.15  ? 5   LYS A HD3  1 
ATOM 46   H HE2  . LYS A 1 17  ? 5.495   -15.103 -11.850 1.00 7.19  ? 5   LYS A HE2  1 
ATOM 47   H HE3  . LYS A 1 17  ? 4.702   -16.647 -12.163 1.00 7.22  ? 5   LYS A HE3  1 
ATOM 48   H HZ1  . LYS A 1 17  ? 4.554   -15.208 -14.080 1.00 7.68  ? 5   LYS A HZ1  1 
ATOM 49   H HZ2  . LYS A 1 17  ? 3.812   -13.994 -13.164 1.00 7.73  ? 5   LYS A HZ2  1 
ATOM 50   H HZ3  . LYS A 1 17  ? 3.009   -15.458 -13.436 1.00 7.75  ? 5   LYS A HZ3  1 
ATOM 51   N N    . GLN A 1 18  ? 2.703   -14.012 -5.694  1.00 6.21  ? 6   GLN A N    1 
ATOM 52   C CA   . GLN A 1 18  ? 1.772   -13.084 -5.052  1.00 5.94  ? 6   GLN A CA   1 
ATOM 53   C C    . GLN A 1 18  ? 2.170   -11.630 -5.300  1.00 5.47  ? 6   GLN A C    1 
ATOM 54   O O    . GLN A 1 18  ? 1.315   -10.748 -5.381  1.00 5.28  ? 6   GLN A O    1 
ATOM 55   C CB   . GLN A 1 18  ? 1.713   -13.355 -3.547  1.00 6.02  ? 6   GLN A CB   1 
ATOM 56   C CG   . GLN A 1 18  ? 0.887   -14.578 -3.181  1.00 6.46  ? 6   GLN A CG   1 
ATOM 57   C CD   . GLN A 1 18  ? -0.270  -14.247 -2.257  1.00 6.58  ? 6   GLN A CD   1 
ATOM 58   O OE1  . GLN A 1 18  ? -0.277  -13.206 -1.600  1.00 6.70  ? 6   GLN A OE1  1 
ATOM 59   N NE2  . GLN A 1 18  ? -1.256  -15.135 -2.202  1.00 6.83  ? 6   GLN A NE2  1 
ATOM 60   H H    . GLN A 1 18  ? 2.998   -14.804 -5.200  1.00 6.42  ? 6   GLN A H    1 
ATOM 61   H HA   . GLN A 1 18  ? 0.794   -13.253 -5.475  1.00 6.09  ? 6   GLN A HA   1 
ATOM 62   H HB2  . GLN A 1 18  ? 2.717   -13.502 -3.180  1.00 6.03  ? 6   GLN A HB2  1 
ATOM 63   H HB3  . GLN A 1 18  ? 1.282   -12.494 -3.055  1.00 5.94  ? 6   GLN A HB3  1 
ATOM 64   H HG2  . GLN A 1 18  ? 0.491   -15.013 -4.086  1.00 6.75  ? 6   GLN A HG2  1 
ATOM 65   H HG3  . GLN A 1 18  ? 1.528   -15.294 -2.689  1.00 6.67  ? 6   GLN A HG3  1 
ATOM 66   H HE21 . GLN A 1 18  ? -1.183  -15.942 -2.754  1.00 6.96  ? 6   GLN A HE21 1 
ATOM 67   H HE22 . GLN A 1 18  ? -2.016  -14.947 -1.614  1.00 7.04  ? 6   GLN A HE22 1 
ATOM 68   N N    . TYR A 1 19  ? 3.471   -11.391 -5.423  1.00 5.32  ? 7   TYR A N    1 
ATOM 69   C CA   . TYR A 1 19  ? 3.981   -10.050 -5.663  1.00 4.90  ? 7   TYR A CA   1 
ATOM 70   C C    . TYR A 1 19  ? 3.524   -9.528  -7.018  1.00 4.85  ? 7   TYR A C    1 
ATOM 71   O O    . TYR A 1 19  ? 2.814   -8.528  -7.098  1.00 4.62  ? 7   TYR A O    1 
ATOM 72   C CB   . TYR A 1 19  ? 5.508   -10.048 -5.590  1.00 4.86  ? 7   TYR A CB   1 
ATOM 73   C CG   . TYR A 1 19  ? 6.068   -10.896 -4.469  1.00 5.13  ? 7   TYR A CG   1 
ATOM 74   C CD1  . TYR A 1 19  ? 5.492   -10.878 -3.205  1.00 5.52  ? 7   TYR A CD1  1 
ATOM 75   C CD2  . TYR A 1 19  ? 7.171   -11.714 -4.677  1.00 5.48  ? 7   TYR A CD2  1 
ATOM 76   C CE1  . TYR A 1 19  ? 6.000   -11.651 -2.180  1.00 6.14  ? 7   TYR A CE1  1 
ATOM 77   C CE2  . TYR A 1 19  ? 7.685   -12.491 -3.656  1.00 6.10  ? 7   TYR A CE2  1 
ATOM 78   C CZ   . TYR A 1 19  ? 7.096   -12.456 -2.409  1.00 6.38  ? 7   TYR A CZ   1 
ATOM 79   O OH   . TYR A 1 19  ? 7.605   -13.228 -1.390  1.00 7.22  ? 7   TYR A OH   1 
ATOM 80   H H    . TYR A 1 19  ? 4.105   -12.133 -5.350  1.00 5.52  ? 7   TYR A H    1 
ATOM 81   H HA   . TYR A 1 19  ? 3.592   -9.401  -4.895  1.00 4.70  ? 7   TYR A HA   1 
ATOM 82   H HB2  . TYR A 1 19  ? 5.907   -10.424 -6.520  1.00 4.96  ? 7   TYR A HB2  1 
ATOM 83   H HB3  . TYR A 1 19  ? 5.849   -9.037  -5.442  1.00 4.86  ? 7   TYR A HB3  1 
ATOM 84   H HD1  . TYR A 1 19  ? 4.634   -10.247 -3.028  1.00 5.64  ? 7   TYR A HD1  1 
ATOM 85   H HD2  . TYR A 1 19  ? 7.630   -11.739 -5.654  1.00 5.56  ? 7   TYR A HD2  1 
ATOM 86   H HE1  . TYR A 1 19  ? 5.538   -11.624 -1.204  1.00 6.67  ? 7   TYR A HE1  1 
ATOM 87   H HE2  . TYR A 1 19  ? 8.543   -13.121 -3.837  1.00 6.61  ? 7   TYR A HE2  1 
ATOM 88   H HH   . TYR A 1 19  ? 8.564   -13.229 -1.436  1.00 7.45  ? 7   TYR A HH   1 
ATOM 89   N N    . GLU A 1 20  ? 3.934   -10.209 -8.082  1.00 5.11  ? 8   GLU A N    1 
ATOM 90   C CA   . GLU A 1 20  ? 3.566   -9.808  -9.437  1.00 5.15  ? 8   GLU A CA   1 
ATOM 91   C C    . GLU A 1 20  ? 2.065   -9.549  -9.553  1.00 5.16  ? 8   GLU A C    1 
ATOM 92   O O    . GLU A 1 20  ? 1.627   -8.760  -10.389 1.00 5.03  ? 8   GLU A O    1 
ATOM 93   C CB   . GLU A 1 20  ? 3.996   -10.877 -10.442 1.00 5.56  ? 8   GLU A CB   1 
ATOM 94   C CG   . GLU A 1 20  ? 5.356   -10.609 -11.067 1.00 5.55  ? 8   GLU A CG   1 
ATOM 95   C CD   . GLU A 1 20  ? 6.379   -11.673 -10.720 1.00 5.84  ? 8   GLU A CD   1 
ATOM 96   O OE1  . GLU A 1 20  ? 5.979   -12.842 -10.532 1.00 6.08  ? 8   GLU A OE1  1 
ATOM 97   O OE2  . GLU A 1 20  ? 7.579   -11.338 -10.636 1.00 6.05  ? 8   GLU A OE2  1 
ATOM 98   H H    . GLU A 1 20  ? 4.500   -10.999 -7.956  1.00 5.31  ? 8   GLU A H    1 
ATOM 99   H HA   . GLU A 1 20  ? 4.091   -8.891  -9.660  1.00 4.92  ? 8   GLU A HA   1 
ATOM 100  H HB2  . GLU A 1 20  ? 4.034   -11.833 -9.940  1.00 5.76  ? 8   GLU A HB2  1 
ATOM 101  H HB3  . GLU A 1 20  ? 3.264   -10.926 -11.235 1.00 5.73  ? 8   GLU A HB3  1 
ATOM 102  H HG2  . GLU A 1 20  ? 5.245   -10.575 -12.140 1.00 5.68  ? 8   GLU A HG2  1 
ATOM 103  H HG3  . GLU A 1 20  ? 5.717   -9.653  -10.711 1.00 5.25  ? 8   GLU A HG3  1 
ATOM 104  N N    . LEU A 1 21  ? 1.280   -10.213 -8.708  1.00 5.35  ? 9   LEU A N    1 
ATOM 105  C CA   . LEU A 1 21  ? -0.169  -10.039 -8.726  1.00 5.41  ? 9   LEU A CA   1 
ATOM 106  C C    . LEU A 1 21  ? -0.549  -8.653  -8.213  1.00 5.03  ? 9   LEU A C    1 
ATOM 107  O O    . LEU A 1 21  ? -0.931  -7.777  -8.992  1.00 4.94  ? 9   LEU A O    1 
ATOM 108  C CB   . LEU A 1 21  ? -0.857  -11.124 -7.890  1.00 5.74  ? 9   LEU A CB   1 
ATOM 109  C CG   . LEU A 1 21  ? -0.189  -12.503 -7.925  1.00 6.12  ? 9   LEU A CG   1 
ATOM 110  C CD1  . LEU A 1 21  ? -1.133  -13.568 -7.385  1.00 6.37  ? 9   LEU A CD1  1 
ATOM 111  C CD2  . LEU A 1 21  ? 0.259   -12.849 -9.339  1.00 6.41  ? 9   LEU A CD2  1 
ATOM 112  H H    . LEU A 1 21  ? 1.681   -10.827 -8.059  1.00 5.48  ? 9   LEU A H    1 
ATOM 113  H HA   . LEU A 1 21  ? -0.497  -10.127 -9.751  1.00 5.56  ? 9   LEU A HA   1 
ATOM 114  H HB2  . LEU A 1 21  ? -0.892  -10.792 -6.864  1.00 5.70  ? 9   LEU A HB2  1 
ATOM 115  H HB3  . LEU A 1 21  ? -1.870  -11.233 -8.248  1.00 5.87  ? 9   LEU A HB3  1 
ATOM 116  H HG   . LEU A 1 21  ? 0.686   -12.484 -7.292  1.00 6.16  ? 9   LEU A HG   1 
ATOM 117  H HD11 . LEU A 1 21  ? -1.314  -14.311 -8.148  1.00 6.65  ? 9   LEU A HD11 1 
ATOM 118  H HD12 . LEU A 1 21  ? -2.069  -13.111 -7.102  1.00 6.42  ? 9   LEU A HD12 1 
ATOM 119  H HD13 . LEU A 1 21  ? -0.687  -14.040 -6.523  1.00 6.49  ? 9   LEU A HD13 1 
ATOM 120  H HD21 . LEU A 1 21  ? -0.421  -12.404 -10.051 1.00 6.57  ? 9   LEU A HD21 1 
ATOM 121  H HD22 . LEU A 1 21  ? 0.258   -13.922 -9.464  1.00 6.60  ? 9   LEU A HD22 1 
ATOM 122  H HD23 . LEU A 1 21  ? 1.255   -12.468 -9.505  1.00 6.54  ? 9   LEU A HD23 1 
ATOM 123  N N    . PHE A 1 22  ? -0.430  -8.445  -6.902  1.00 4.84  ? 10  PHE A N    1 
ATOM 124  C CA   . PHE A 1 22  ? -0.754  -7.156  -6.321  1.00 4.51  ? 10  PHE A CA   1 
ATOM 125  C C    . PHE A 1 22  ? 0.127   -6.073  -6.925  1.00 4.18  ? 10  PHE A C    1 
ATOM 126  O O    . PHE A 1 22  ? -0.279  -4.916  -7.038  1.00 3.99  ? 10  PHE A O    1 
ATOM 127  C CB   . PHE A 1 22  ? -0.610  -7.198  -4.795  1.00 4.47  ? 10  PHE A CB   1 
ATOM 128  C CG   . PHE A 1 22  ? 0.805   -7.303  -4.283  1.00 4.24  ? 10  PHE A CG   1 
ATOM 129  C CD1  . PHE A 1 22  ? 1.735   -6.303  -4.532  1.00 4.56  ? 10  PHE A CD1  1 
ATOM 130  C CD2  . PHE A 1 22  ? 1.195   -8.396  -3.525  1.00 4.18  ? 10  PHE A CD2  1 
ATOM 131  C CE1  . PHE A 1 22  ? 3.021   -6.393  -4.040  1.00 4.66  ? 10  PHE A CE1  1 
ATOM 132  C CE2  . PHE A 1 22  ? 2.482   -8.493  -3.032  1.00 4.28  ? 10  PHE A CE2  1 
ATOM 133  C CZ   . PHE A 1 22  ? 3.396   -7.490  -3.290  1.00 4.44  ? 10  PHE A CZ   1 
ATOM 134  H H    . PHE A 1 22  ? -0.112  -9.164  -6.322  1.00 4.98  ? 10  PHE A H    1 
ATOM 135  H HA   . PHE A 1 22  ? -1.783  -6.938  -6.567  1.00 4.61  ? 10  PHE A HA   1 
ATOM 136  H HB2  . PHE A 1 22  ? -1.033  -6.301  -4.387  1.00 4.63  ? 10  PHE A HB2  1 
ATOM 137  H HB3  . PHE A 1 22  ? -1.160  -8.048  -4.418  1.00 4.71  ? 10  PHE A HB3  1 
ATOM 138  H HD1  . PHE A 1 22  ? 1.447   -5.445  -5.117  1.00 5.04  ? 10  PHE A HD1  1 
ATOM 139  H HD2  . PHE A 1 22  ? 0.481   -9.182  -3.323  1.00 4.40  ? 10  PHE A HD2  1 
ATOM 140  H HE1  . PHE A 1 22  ? 3.731   -5.604  -4.243  1.00 5.19  ? 10  PHE A HE1  1 
ATOM 141  H HE2  . PHE A 1 22  ? 2.774   -9.351  -2.445  1.00 4.57  ? 10  PHE A HE2  1 
ATOM 142  H HZ   . PHE A 1 22  ? 4.402   -7.562  -2.903  1.00 4.72  ? 10  PHE A HZ   1 
ATOM 143  N N    . MET A 1 23  ? 1.333   -6.461  -7.328  1.00 4.19  ? 11  MET A N    1 
ATOM 144  C CA   . MET A 1 23  ? 2.269   -5.531  -7.942  1.00 3.97  ? 11  MET A CA   1 
ATOM 145  C C    . MET A 1 23  ? 1.626   -4.885  -9.160  1.00 4.03  ? 11  MET A C    1 
ATOM 146  O O    . MET A 1 23  ? 1.406   -3.674  -9.184  1.00 3.80  ? 11  MET A O    1 
ATOM 147  C CB   . MET A 1 23  ? 3.557   -6.257  -8.345  1.00 4.15  ? 11  MET A CB   1 
ATOM 148  C CG   . MET A 1 23  ? 4.466   -5.444  -9.256  1.00 4.21  ? 11  MET A CG   1 
ATOM 149  S SD   . MET A 1 23  ? 6.213   -5.665  -8.871  1.00 3.95  ? 11  MET A SD   1 
ATOM 150  C CE   . MET A 1 23  ? 6.532   -4.187  -7.912  1.00 3.51  ? 11  MET A CE   1 
ATOM 151  H H    . MET A 1 23  ? 1.593   -7.399  -7.221  1.00 4.40  ? 11  MET A H    1 
ATOM 152  H HA   . MET A 1 23  ? 2.504   -4.765  -7.219  1.00 3.72  ? 11  MET A HA   1 
ATOM 153  H HB2  . MET A 1 23  ? 4.110   -6.505  -7.452  1.00 4.30  ? 11  MET A HB2  1 
ATOM 154  H HB3  . MET A 1 23  ? 3.295   -7.171  -8.858  1.00 4.39  ? 11  MET A HB3  1 
ATOM 155  H HG2  . MET A 1 23  ? 4.296   -5.751  -10.277 1.00 4.60  ? 11  MET A HG2  1 
ATOM 156  H HG3  . MET A 1 23  ? 4.217   -4.399  -9.149  1.00 4.46  ? 11  MET A HG3  1 
ATOM 157  H HE1  . MET A 1 23  ? 7.230   -3.557  -8.443  1.00 3.64  ? 11  MET A HE1  1 
ATOM 158  H HE2  . MET A 1 23  ? 6.951   -4.464  -6.956  1.00 3.69  ? 11  MET A HE2  1 
ATOM 159  H HE3  . MET A 1 23  ? 5.607   -3.651  -7.758  1.00 3.55  ? 11  MET A HE3  1 
ATOM 160  N N    . LYS A 1 24  ? 1.307   -5.710  -10.161 1.00 4.40  ? 12  LYS A N    1 
ATOM 161  C CA   . LYS A 1 24  ? 0.668   -5.232  -11.385 1.00 4.57  ? 12  LYS A CA   1 
ATOM 162  C C    . LYS A 1 24  ? -0.417  -4.215  -11.056 1.00 4.44  ? 12  LYS A C    1 
ATOM 163  O O    . LYS A 1 24  ? -0.585  -3.217  -11.757 1.00 4.45  ? 12  LYS A O    1 
ATOM 164  C CB   . LYS A 1 24  ? 0.067   -6.404  -12.164 1.00 5.03  ? 12  LYS A CB   1 
ATOM 165  C CG   . LYS A 1 24  ? 1.108   -7.313  -12.795 1.00 5.26  ? 12  LYS A CG   1 
ATOM 166  C CD   . LYS A 1 24  ? 1.501   -6.832  -14.182 1.00 5.64  ? 12  LYS A CD   1 
ATOM 167  C CE   . LYS A 1 24  ? 2.325   -7.875  -14.920 1.00 5.96  ? 12  LYS A CE   1 
ATOM 168  N NZ   . LYS A 1 24  ? 2.211   -7.730  -16.398 1.00 6.41  ? 12  LYS A NZ   1 
ATOM 169  H H    . LYS A 1 24  ? 1.498   -6.667  -10.067 1.00 4.60  ? 12  LYS A H    1 
ATOM 170  H HA   . LYS A 1 24  ? 1.423   -4.755  -11.992 1.00 4.52  ? 12  LYS A HA   1 
ATOM 171  H HB2  . LYS A 1 24  ? -0.537  -6.996  -11.493 1.00 5.15  ? 12  LYS A HB2  1 
ATOM 172  H HB3  . LYS A 1 24  ? -0.562  -6.014  -12.950 1.00 5.27  ? 12  LYS A HB3  1 
ATOM 173  H HG2  . LYS A 1 24  ? 1.987   -7.327  -12.167 1.00 5.26  ? 12  LYS A HG2  1 
ATOM 174  H HG3  . LYS A 1 24  ? 0.702   -8.312  -12.871 1.00 5.43  ? 12  LYS A HG3  1 
ATOM 175  H HD2  . LYS A 1 24  ? 0.605   -6.629  -14.750 1.00 5.89  ? 12  LYS A HD2  1 
ATOM 176  H HD3  . LYS A 1 24  ? 2.082   -5.927  -14.088 1.00 5.77  ? 12  LYS A HD3  1 
ATOM 177  H HE2  . LYS A 1 24  ? 3.360   -7.764  -14.636 1.00 6.08  ? 12  LYS A HE2  1 
ATOM 178  H HE3  . LYS A 1 24  ? 1.978   -8.857  -14.635 1.00 6.12  ? 12  LYS A HE3  1 
ATOM 179  H HZ1  . LYS A 1 24  ? 2.992   -7.146  -16.761 1.00 6.64  ? 12  LYS A HZ1  1 
ATOM 180  H HZ2  . LYS A 1 24  ? 1.309   -7.275  -16.644 1.00 6.57  ? 12  LYS A HZ2  1 
ATOM 181  H HZ3  . LYS A 1 24  ? 2.250   -8.665  -16.853 1.00 6.67  ? 12  LYS A HZ3  1 
ATOM 182  N N    . SER A 1 25  ? -1.139  -4.470  -9.969  1.00 4.38  ? 13  SER A N    1 
ATOM 183  C CA   . SER A 1 25  ? -2.192  -3.568  -9.530  1.00 4.31  ? 13  SER A CA   1 
ATOM 184  C C    . SER A 1 25  ? -1.602  -2.204  -9.183  1.00 3.92  ? 13  SER A C    1 
ATOM 185  O O    . SER A 1 25  ? -1.960  -1.190  -9.781  1.00 3.98  ? 13  SER A O    1 
ATOM 186  C CB   . SER A 1 25  ? -2.925  -4.152  -8.321  1.00 4.35  ? 13  SER A CB   1 
ATOM 187  O OG   . SER A 1 25  ? -4.151  -4.749  -8.709  1.00 4.77  ? 13  SER A OG   1 
ATOM 188  H H    . SER A 1 25  ? -0.948  -5.278  -9.443  1.00 4.43  ? 13  SER A H    1 
ATOM 189  H HA   . SER A 1 25  ? -2.891  -3.449  -10.345 1.00 4.58  ? 13  SER A HA   1 
ATOM 190  H HB2  . SER A 1 25  ? -2.307  -4.906  -7.858  1.00 4.42  ? 13  SER A HB2  1 
ATOM 191  H HB3  . SER A 1 25  ? -3.130  -3.366  -7.610  1.00 4.22  ? 13  SER A HB3  1 
ATOM 192  H HG   . SER A 1 25  ? -4.026  -5.694  -8.819  1.00 4.99  ? 13  SER A HG   1 
ATOM 193  N N    . LEU A 1 26  ? -0.676  -2.190  -8.225  1.00 3.60  ? 14  LEU A N    1 
ATOM 194  C CA   . LEU A 1 26  ? -0.018  -0.959  -7.809  1.00 3.26  ? 14  LEU A CA   1 
ATOM 195  C C    . LEU A 1 26  ? 0.598   -0.243  -9.017  1.00 3.30  ? 14  LEU A C    1 
ATOM 196  O O    . LEU A 1 26  ? 0.368   0.947   -9.224  1.00 3.29  ? 14  LEU A O    1 
ATOM 197  C CB   . LEU A 1 26  ? 1.073   -1.282  -6.777  1.00 3.00  ? 14  LEU A CB   1 
ATOM 198  C CG   . LEU A 1 26  ? 2.248   -0.302  -6.699  1.00 2.73  ? 14  LEU A CG   1 
ATOM 199  C CD1  . LEU A 1 26  ? 3.242   -0.563  -7.815  1.00 2.86  ? 14  LEU A CD1  1 
ATOM 200  C CD2  . LEU A 1 26  ? 1.775   1.140   -6.747  1.00 2.77  ? 14  LEU A CD2  1 
ATOM 201  H H    . LEU A 1 26  ? -0.419  -3.032  -7.793  1.00 3.63  ? 14  LEU A H    1 
ATOM 202  H HA   . LEU A 1 26  ? -0.761  -0.313  -7.341  1.00 3.22  ? 14  LEU A HA   1 
ATOM 203  H HB2  . LEU A 1 26  ? 0.614   -1.320  -5.803  1.00 3.02  ? 14  LEU A HB2  1 
ATOM 204  H HB3  . LEU A 1 26  ? 1.468   -2.260  -7.003  1.00 3.17  ? 14  LEU A HB3  1 
ATOM 205  H HG   . LEU A 1 26  ? 2.751   -0.450  -5.761  1.00 2.64  ? 14  LEU A HG   1 
ATOM 206  H HD11 . LEU A 1 26  ? 4.247   -0.426  -7.443  1.00 3.10  ? 14  LEU A HD11 1 
ATOM 207  H HD12 . LEU A 1 26  ? 3.057   0.131   -8.622  1.00 3.14  ? 14  LEU A HD12 1 
ATOM 208  H HD13 . LEU A 1 26  ? 3.123   -1.574  -8.174  1.00 3.01  ? 14  LEU A HD13 1 
ATOM 209  H HD21 . LEU A 1 26  ? 2.445   1.720   -7.363  1.00 3.03  ? 14  LEU A HD21 1 
ATOM 210  H HD22 . LEU A 1 26  ? 1.767   1.542   -5.750  1.00 2.91  ? 14  LEU A HD22 1 
ATOM 211  H HD23 . LEU A 1 26  ? 0.780   1.187   -7.155  1.00 3.00  ? 14  LEU A HD23 1 
ATOM 212  N N    . ILE A 1 27  ? 1.407   -0.969  -9.798  1.00 3.42  ? 15  ILE A N    1 
ATOM 213  C CA   . ILE A 1 27  ? 2.075   -0.372  -10.958 1.00 3.51  ? 15  ILE A CA   1 
ATOM 214  C C    . ILE A 1 27  ? 1.096   0.421   -11.810 1.00 3.72  ? 15  ILE A C    1 
ATOM 215  O O    . ILE A 1 27  ? 1.349   1.577   -12.146 1.00 3.72  ? 15  ILE A O    1 
ATOM 216  C CB   . ILE A 1 27  ? 2.802   -1.397  -11.861 1.00 3.75  ? 15  ILE A CB   1 
ATOM 217  C CG1  . ILE A 1 27  ? 3.119   -2.691  -11.099 1.00 3.82  ? 15  ILE A CG1  1 
ATOM 218  C CG2  . ILE A 1 27  ? 4.078   -0.772  -12.417 1.00 3.90  ? 15  ILE A CG2  1 
ATOM 219  C CD1  . ILE A 1 27  ? 4.136   -3.579  -11.786 1.00 4.08  ? 15  ILE A CD1  1 
ATOM 220  H H    . ILE A 1 27  ? 1.571   -1.908  -9.574  1.00 3.48  ? 15  ILE A H    1 
ATOM 221  H HA   . ILE A 1 27  ? 2.817   0.313   -10.576 1.00 3.32  ? 15  ILE A HA   1 
ATOM 222  H HB   . ILE A 1 27  ? 2.155   -1.629  -12.696 1.00 4.08  ? 15  ILE A HB   1 
ATOM 223  H HG12 . ILE A 1 27  ? 3.504   -2.441  -10.122 1.00 3.81  ? 15  ILE A HG12 1 
ATOM 224  H HG13 . ILE A 1 27  ? 2.210   -3.259  -10.988 1.00 4.08  ? 15  ILE A HG13 1 
ATOM 225  H HG21 . ILE A 1 27  ? 4.110   -0.911  -13.487 1.00 4.17  ? 15  ILE A HG21 1 
ATOM 226  H HG22 . ILE A 1 27  ? 4.938   -1.244  -11.965 1.00 4.07  ? 15  ILE A HG22 1 
ATOM 227  H HG23 . ILE A 1 27  ? 4.090   0.286   -12.191 1.00 4.07  ? 15  ILE A HG23 1 
ATOM 228  H HD11 . ILE A 1 27  ? 4.297   -3.228  -12.795 1.00 4.30  ? 15  ILE A HD11 1 
ATOM 229  H HD12 . ILE A 1 27  ? 3.768   -4.594  -11.813 1.00 4.30  ? 15  ILE A HD12 1 
ATOM 230  H HD13 . ILE A 1 27  ? 5.069   -3.548  -11.241 1.00 4.27  ? 15  ILE A HD13 1 
ATOM 231  N N    . GLU A 1 28  ? -0.034  -0.194  -12.140 1.00 3.98  ? 16  GLU A N    1 
ATOM 232  C CA   . GLU A 1 28  ? -1.052  0.470   -12.927 1.00 4.25  ? 16  GLU A CA   1 
ATOM 233  C C    . GLU A 1 28  ? -1.405  1.815   -12.298 1.00 4.09  ? 16  GLU A C    1 
ATOM 234  O O    . GLU A 1 28  ? -1.870  2.729   -12.976 1.00 4.25  ? 16  GLU A O    1 
ATOM 235  C CB   . GLU A 1 28  ? -2.287  -0.420  -13.015 1.00 4.59  ? 16  GLU A CB   1 
ATOM 236  C CG   . GLU A 1 28  ? -2.889  -0.487  -14.405 1.00 5.03  ? 16  GLU A CG   1 
ATOM 237  C CD   . GLU A 1 28  ? -4.270  0.133   -14.478 1.00 5.23  ? 16  GLU A CD   1 
ATOM 238  O OE1  . GLU A 1 28  ? -4.361  1.351   -14.741 1.00 5.43  ? 16  GLU A OE1  1 
ATOM 239  O OE2  . GLU A 1 28  ? -5.261  -0.599  -14.273 1.00 5.47  ? 16  GLU A OE2  1 
ATOM 240  H H    . GLU A 1 28  ? -0.197  -1.108  -11.835 1.00 4.03  ? 16  GLU A H    1 
ATOM 241  H HA   . GLU A 1 28  ? -0.658  0.634   -13.919 1.00 4.40  ? 16  GLU A HA   1 
ATOM 242  H HB2  . GLU A 1 28  ? -2.013  -1.421  -12.718 1.00 4.64  ? 16  GLU A HB2  1 
ATOM 243  H HB3  . GLU A 1 28  ? -3.033  -0.047  -12.335 1.00 4.61  ? 16  GLU A HB3  1 
ATOM 244  H HG2  . GLU A 1 28  ? -2.237  0.038   -15.086 1.00 5.21  ? 16  GLU A HG2  1 
ATOM 245  H HG3  . GLU A 1 28  ? -2.957  -1.523  -14.700 1.00 5.25  ? 16  GLU A HG3  1 
ATOM 246  N N    . ASN A 1 29  ? -1.171  1.923   -10.991 1.00 3.85  ? 17  ASN A N    1 
ATOM 247  C CA   . ASN A 1 29  ? -1.450  3.143   -10.251 1.00 3.76  ? 17  ASN A CA   1 
ATOM 248  C C    . ASN A 1 29  ? -0.295  4.127   -10.354 1.00 3.57  ? 17  ASN A C    1 
ATOM 249  O O    . ASN A 1 29  ? -0.493  5.291   -10.689 1.00 3.71  ? 17  ASN A O    1 
ATOM 250  C CB   . ASN A 1 29  ? -1.724  2.813   -8.796  1.00 3.61  ? 17  ASN A CB   1 
ATOM 251  C CG   . ASN A 1 29  ? -2.572  3.866   -8.111  1.00 3.73  ? 17  ASN A CG   1 
ATOM 252  O OD1  . ASN A 1 29  ? -3.795  3.885   -8.256  1.00 4.10  ? 17  ASN A OD1  1 
ATOM 253  N ND2  . ASN A 1 29  ? -1.927  4.751   -7.361  1.00 3.98  ? 17  ASN A ND2  1 
ATOM 254  H H    . ASN A 1 29  ? -0.798  1.156   -10.511 1.00 3.79  ? 17  ASN A H    1 
ATOM 255  H HA   . ASN A 1 29  ? -2.328  3.591   -10.673 1.00 4.04  ? 17  ASN A HA   1 
ATOM 256  H HB2  . ASN A 1 29  ? -2.245  1.877   -8.760  1.00 3.80  ? 17  ASN A HB2  1 
ATOM 257  H HB3  . ASN A 1 29  ? -0.787  2.725   -8.266  1.00 3.59  ? 17  ASN A HB3  1 
ATOM 258  H HD21 . ASN A 1 29  ? -0.952  4.675   -7.293  1.00 4.12  ? 17  ASN A HD21 1 
ATOM 259  H HD22 . ASN A 1 29  ? -2.452  5.443   -6.908  1.00 4.31  ? 17  ASN A HD22 1 
ATOM 260  N N    . CYS A 1 30  ? 0.915   3.662   -10.073 1.00 3.35  ? 18  CYS A N    1 
ATOM 261  C CA   . CYS A 1 30  ? 2.081   4.530   -10.157 1.00 3.27  ? 18  CYS A CA   1 
ATOM 262  C C    . CYS A 1 30  ? 2.166   5.134   -11.550 1.00 3.55  ? 18  CYS A C    1 
ATOM 263  O O    . CYS A 1 30  ? 2.473   6.311   -11.710 1.00 3.71  ? 18  CYS A O    1 
ATOM 264  C CB   . CYS A 1 30  ? 3.364   3.760   -9.827  1.00 3.14  ? 18  CYS A CB   1 
ATOM 265  S SG   . CYS A 1 30  ? 3.878   2.580   -11.094 1.00 3.54  ? 18  CYS A SG   1 
ATOM 266  H H    . CYS A 1 30  ? 1.028   2.723   -9.814  1.00 3.32  ? 18  CYS A H    1 
ATOM 267  H HA   . CYS A 1 30  ? 1.954   5.329   -9.442  1.00 3.25  ? 18  CYS A HA   1 
ATOM 268  H HB2  . CYS A 1 30  ? 4.172   4.464   -9.699  1.00 3.20  ? 18  CYS A HB2  1 
ATOM 269  H HB3  . CYS A 1 30  ? 3.221   3.214   -8.906  1.00 3.29  ? 18  CYS A HB3  1 
ATOM 270  H HG   . CYS A 1 30  ? 4.457   1.935   -10.681 1.00 3.64  ? 18  CYS A HG   1 
ATOM 271  N N    . LYS A 1 31  ? 1.881   4.315   -12.556 1.00 3.72  ? 19  LYS A N    1 
ATOM 272  C CA   . LYS A 1 31  ? 1.916   4.762   -13.940 1.00 4.05  ? 19  LYS A CA   1 
ATOM 273  C C    . LYS A 1 31  ? 0.701   5.619   -14.267 1.00 4.30  ? 19  LYS A C    1 
ATOM 274  O O    . LYS A 1 31  ? 0.758   6.474   -15.150 1.00 4.59  ? 19  LYS A O    1 
ATOM 275  C CB   . LYS A 1 31  ? 1.980   3.561   -14.886 1.00 4.30  ? 19  LYS A CB   1 
ATOM 276  C CG   . LYS A 1 31  ? 2.929   3.760   -16.057 1.00 4.51  ? 19  LYS A CG   1 
ATOM 277  C CD   . LYS A 1 31  ? 3.194   2.453   -16.787 1.00 4.78  ? 19  LYS A CD   1 
ATOM 278  C CE   . LYS A 1 31  ? 3.841   1.427   -15.871 1.00 5.04  ? 19  LYS A CE   1 
ATOM 279  N NZ   . LYS A 1 31  ? 4.434   0.295   -16.636 1.00 5.52  ? 19  LYS A NZ   1 
ATOM 280  H H    . LYS A 1 31  ? 1.635   3.386   -12.360 1.00 3.69  ? 19  LYS A H    1 
ATOM 281  H HA   . LYS A 1 31  ? 2.803   5.360   -14.072 1.00 4.04  ? 19  LYS A HA   1 
ATOM 282  H HB2  . LYS A 1 31  ? 2.307   2.696   -14.329 1.00 4.33  ? 19  LYS A HB2  1 
ATOM 283  H HB3  . LYS A 1 31  ? 0.991   3.373   -15.279 1.00 4.66  ? 19  LYS A HB3  1 
ATOM 284  H HG2  . LYS A 1 31  ? 2.489   4.463   -16.749 1.00 4.83  ? 19  LYS A HG2  1 
ATOM 285  H HG3  . LYS A 1 31  ? 3.864   4.153   -15.687 1.00 4.58  ? 19  LYS A HG3  1 
ATOM 286  H HD2  . LYS A 1 31  ? 2.257   2.057   -17.149 1.00 4.98  ? 19  LYS A HD2  1 
ATOM 287  H HD3  . LYS A 1 31  ? 3.853   2.645   -17.620 1.00 4.98  ? 19  LYS A HD3  1 
ATOM 288  H HE2  . LYS A 1 31  ? 4.620   1.911   -15.301 1.00 5.15  ? 19  LYS A HE2  1 
ATOM 289  H HE3  . LYS A 1 31  ? 3.090   1.040   -15.198 1.00 5.16  ? 19  LYS A HE3  1 
ATOM 290  H HZ1  . LYS A 1 31  ? 5.244   -0.101  -16.118 1.00 5.75  ? 19  LYS A HZ1  1 
ATOM 291  H HZ2  . LYS A 1 31  ? 4.761   0.625   -17.567 1.00 5.68  ? 19  LYS A HZ2  1 
ATOM 292  H HZ3  . LYS A 1 31  ? 3.725   -0.453  -16.776 1.00 5.83  ? 19  LYS A HZ3  1 
ATOM 293  N N    . LYS A 1 32  ? -0.399  5.397   -13.552 1.00 4.26  ? 20  LYS A N    1 
ATOM 294  C CA   . LYS A 1 32  ? -1.610  6.171   -13.789 1.00 4.59  ? 20  LYS A CA   1 
ATOM 295  C C    . LYS A 1 32  ? -1.645  7.418   -12.914 1.00 4.70  ? 20  LYS A C    1 
ATOM 296  O O    . LYS A 1 32  ? -2.377  8.366   -13.198 1.00 5.15  ? 20  LYS A O    1 
ATOM 297  C CB   . LYS A 1 32  ? -2.869  5.316   -13.575 1.00 4.81  ? 20  LYS A CB   1 
ATOM 298  C CG   . LYS A 1 32  ? -3.217  5.057   -12.110 1.00 4.64  ? 20  LYS A CG   1 
ATOM 299  C CD   . LYS A 1 32  ? -4.484  5.794   -11.700 1.00 4.97  ? 20  LYS A CD   1 
ATOM 300  C CE   . LYS A 1 32  ? -5.351  4.946   -10.782 1.00 5.27  ? 20  LYS A CE   1 
ATOM 301  N NZ   . LYS A 1 32  ? -6.784  4.984   -11.182 1.00 5.56  ? 20  LYS A NZ   1 
ATOM 302  H H    . LYS A 1 32  ? -0.394  4.707   -12.857 1.00 4.06  ? 20  LYS A H    1 
ATOM 303  H HA   . LYS A 1 32  ? -1.572  6.491   -14.816 1.00 4.75  ? 20  LYS A HA   1 
ATOM 304  H HB2  . LYS A 1 32  ? -3.708  5.818   -14.035 1.00 5.17  ? 20  LYS A HB2  1 
ATOM 305  H HB3  . LYS A 1 32  ? -2.727  4.363   -14.062 1.00 5.03  ? 20  LYS A HB3  1 
ATOM 306  H HG2  . LYS A 1 32  ? -3.368  3.994   -11.959 1.00 4.63  ? 20  LYS A HG2  1 
ATOM 307  H HG3  . LYS A 1 32  ? -2.402  5.392   -11.489 1.00 4.48  ? 20  LYS A HG3  1 
ATOM 308  H HD2  . LYS A 1 32  ? -4.209  6.700   -11.180 1.00 5.17  ? 20  LYS A HD2  1 
ATOM 309  H HD3  . LYS A 1 32  ? -5.049  6.041   -12.586 1.00 5.18  ? 20  LYS A HD3  1 
ATOM 310  H HE2  . LYS A 1 32  ? -5.004  3.924   -10.820 1.00 5.51  ? 20  LYS A HE2  1 
ATOM 311  H HE3  . LYS A 1 32  ? -5.257  5.320   -9.773  1.00 5.48  ? 20  LYS A HE3  1 
ATOM 312  H HZ1  . LYS A 1 32  ? -7.289  4.166   -10.782 1.00 5.78  ? 20  LYS A HZ1  1 
ATOM 313  H HZ2  . LYS A 1 32  ? -6.868  4.956   -12.218 1.00 5.70  ? 20  LYS A HZ2  1 
ATOM 314  H HZ3  . LYS A 1 32  ? -7.230  5.857   -10.833 1.00 5.79  ? 20  LYS A HZ3  1 
ATOM 315  N N    . ARG A 1 33  ? -0.832  7.423   -11.868 1.00 4.44  ? 21  ARG A N    1 
ATOM 316  C CA   . ARG A 1 33  ? -0.750  8.565   -10.975 1.00 4.70  ? 21  ARG A CA   1 
ATOM 317  C C    . ARG A 1 33  ? 0.426   9.454   -11.375 1.00 4.69  ? 21  ARG A C    1 
ATOM 318  O O    . ARG A 1 33  ? 0.873   10.302  -10.603 1.00 5.01  ? 21  ARG A O    1 
ATOM 319  C CB   . ARG A 1 33  ? -0.598  8.096   -9.528  1.00 4.67  ? 21  ARG A CB   1 
ATOM 320  C CG   . ARG A 1 33  ? -1.076  9.112   -8.503  1.00 5.15  ? 21  ARG A CG   1 
ATOM 321  C CD   . ARG A 1 33  ? 0.083   9.909   -7.929  1.00 5.31  ? 21  ARG A CD   1 
ATOM 322  N NE   . ARG A 1 33  ? -0.157  11.350  -7.995  1.00 5.69  ? 21  ARG A NE   1 
ATOM 323  C CZ   . ARG A 1 33  ? 0.406   12.238  -7.178  1.00 5.99  ? 21  ARG A CZ   1 
ATOM 324  N NH1  . ARG A 1 33  ? 1.245   11.842  -6.228  1.00 6.07  ? 21  ARG A NH1  1 
ATOM 325  N NH2  . ARG A 1 33  ? 0.130   13.528  -7.311  1.00 6.53  ? 21  ARG A NH2  1 
ATOM 326  H H    . ARG A 1 33  ? -0.257  6.647   -11.703 1.00 4.17  ? 21  ARG A H    1 
ATOM 327  H HA   . ARG A 1 33  ? -1.666  9.131   -11.071 1.00 5.11  ? 21  ARG A HA   1 
ATOM 328  H HB2  . ARG A 1 33  ? -1.167  7.188   -9.394  1.00 4.73  ? 21  ARG A HB2  1 
ATOM 329  H HB3  . ARG A 1 33  ? 0.444   7.887   -9.337  1.00 4.46  ? 21  ARG A HB3  1 
ATOM 330  H HG2  . ARG A 1 33  ? -1.767  9.791   -8.980  1.00 5.43  ? 21  ARG A HG2  1 
ATOM 331  H HG3  . ARG A 1 33  ? -1.576  8.591   -7.700  1.00 5.43  ? 21  ARG A HG3  1 
ATOM 332  H HD2  . ARG A 1 33  ? 0.221   9.624   -6.898  1.00 5.38  ? 21  ARG A HD2  1 
ATOM 333  H HD3  . ARG A 1 33  ? 0.976   9.675   -8.490  1.00 5.43  ? 21  ARG A HD3  1 
ATOM 334  H HE   . ARG A 1 33  ? -0.772  11.673  -8.687  1.00 5.95  ? 21  ARG A HE   1 
ATOM 335  H HH11 . ARG A 1 33  ? 1.459   10.872  -6.121  1.00 5.87  ? 21  ARG A HH11 1 
ATOM 336  H HH12 . ARG A 1 33  ? 1.663   12.516  -5.619  1.00 6.54  ? 21  ARG A HH12 1 
ATOM 337  H HH21 . ARG A 1 33  ? -0.501  13.833  -8.025  1.00 6.73  ? 21  ARG A HH21 1 
ATOM 338  H HH22 . ARG A 1 33  ? 0.552   14.195  -6.698  1.00 6.89  ? 21  ARG A HH22 1 
ATOM 339  N N    . ASN A 1 34  ? 0.921   9.245   -12.598 1.00 4.49  ? 22  ASN A N    1 
ATOM 340  C CA   . ASN A 1 34  ? 2.038   10.008  -13.132 1.00 4.65  ? 22  ASN A CA   1 
ATOM 341  C C    . ASN A 1 34  ? 3.325   9.679   -12.400 1.00 4.33  ? 22  ASN A C    1 
ATOM 342  O O    . ASN A 1 34  ? 4.080   10.564  -11.996 1.00 4.58  ? 22  ASN A O    1 
ATOM 343  C CB   . ASN A 1 34  ? 1.740   11.499  -13.069 1.00 5.25  ? 22  ASN A CB   1 
ATOM 344  C CG   . ASN A 1 34  ? 2.878   12.353  -13.597 1.00 5.73  ? 22  ASN A CG   1 
ATOM 345  O OD1  . ASN A 1 34  ? 3.236   12.270  -14.772 1.00 6.06  ? 22  ASN A OD1  1 
ATOM 346  N ND2  . ASN A 1 34  ? 3.452   13.175  -12.728 1.00 6.09  ? 22  ASN A ND2  1 
ATOM 347  H H    . ASN A 1 34  ? 0.519   8.557   -13.160 1.00 4.36  ? 22  ASN A H    1 
ATOM 348  H HA   . ASN A 1 34  ? 2.157   9.722   -14.164 1.00 4.80  ? 22  ASN A HA   1 
ATOM 349  H HB2  . ASN A 1 34  ? 0.867   11.691  -13.664 1.00 5.59  ? 22  ASN A HB2  1 
ATOM 350  H HB3  . ASN A 1 34  ? 1.544   11.776  -12.047 1.00 5.27  ? 22  ASN A HB3  1 
ATOM 351  H HD21 . ASN A 1 34  ? 3.114   13.186  -11.808 1.00 6.09  ? 22  ASN A HD21 1 
ATOM 352  H HD22 . ASN A 1 34  ? 4.190   13.738  -13.042 1.00 6.51  ? 22  ASN A HD22 1 
ATOM 353  N N    . MET A 1 35  ? 3.569   8.389   -12.253 1.00 4.00  ? 23  MET A N    1 
ATOM 354  C CA   . MET A 1 35  ? 4.773   7.896   -11.588 1.00 4.00  ? 23  MET A CA   1 
ATOM 355  C C    . MET A 1 35  ? 5.108   8.687   -10.329 1.00 3.80  ? 23  MET A C    1 
ATOM 356  O O    . MET A 1 35  ? 6.123   9.383   -10.271 1.00 4.17  ? 23  MET A O    1 
ATOM 357  C CB   . MET A 1 35  ? 5.955   7.925   -12.556 1.00 4.64  ? 23  MET A CB   1 
ATOM 358  C CG   . MET A 1 35  ? 6.977   6.827   -12.311 1.00 5.08  ? 23  MET A CG   1 
ATOM 359  S SD   . MET A 1 35  ? 6.546   5.287   -13.140 1.00 5.52  ? 23  MET A SD   1 
ATOM 360  C CE   . MET A 1 35  ? 4.828   5.127   -12.662 1.00 4.77  ? 23  MET A CE   1 
ATOM 361  H H    . MET A 1 35  ? 2.918   7.737   -12.617 1.00 3.94  ? 23  MET A H    1 
ATOM 362  H HA   . MET A 1 35  ? 4.589   6.879   -11.298 1.00 4.19  ? 23  MET A HA   1 
ATOM 363  H HB2  . MET A 1 35  ? 5.579   7.816   -13.562 1.00 4.94  ? 23  MET A HB2  1 
ATOM 364  H HB3  . MET A 1 35  ? 6.453   8.879   -12.468 1.00 4.98  ? 23  MET A HB3  1 
ATOM 365  H HG2  . MET A 1 35  ? 7.937   7.159   -12.675 1.00 5.52  ? 23  MET A HG2  1 
ATOM 366  H HG3  . MET A 1 35  ? 7.039   6.643   -11.248 1.00 5.19  ? 23  MET A HG3  1 
ATOM 367  H HE1  . MET A 1 35  ? 4.278   6.003   -12.989 1.00 4.84  ? 23  MET A HE1  1 
ATOM 368  H HE2  . MET A 1 35  ? 4.761   5.043   -11.582 1.00 4.86  ? 23  MET A HE2  1 
ATOM 369  H HE3  . MET A 1 35  ? 4.406   4.247   -13.119 1.00 4.62  ? 23  MET A HE3  1 
ATOM 370  N N    . PRO A 1 36  ? 4.269   8.570   -9.292  1.00 3.65  ? 24  PRO A N    1 
ATOM 371  C CA   . PRO A 1 36  ? 4.490   9.255   -8.019  1.00 3.95  ? 24  PRO A CA   1 
ATOM 372  C C    . PRO A 1 36  ? 5.657   8.649   -7.248  1.00 3.84  ? 24  PRO A C    1 
ATOM 373  O O    . PRO A 1 36  ? 5.508   8.245   -6.094  1.00 4.24  ? 24  PRO A O    1 
ATOM 374  C CB   . PRO A 1 36  ? 3.180   9.027   -7.264  1.00 4.38  ? 24  PRO A CB   1 
ATOM 375  C CG   . PRO A 1 36  ? 2.640   7.758   -7.829  1.00 4.18  ? 24  PRO A CG   1 
ATOM 376  C CD   . PRO A 1 36  ? 3.049   7.745   -9.277  1.00 3.74  ? 24  PRO A CD   1 
ATOM 377  H HA   . PRO A 1 36  ? 4.654   10.308  -8.159  1.00 4.40  ? 24  PRO A HA   1 
ATOM 378  H HB2  . PRO A 1 36  ? 3.382   8.937   -6.206  1.00 4.64  ? 24  PRO A HB2  1 
ATOM 379  H HB3  . PRO A 1 36  ? 2.512   9.855   -7.439  1.00 4.91  ? 24  PRO A HB3  1 
ATOM 380  H HG2  . PRO A 1 36  ? 3.069   6.913   -7.310  1.00 4.33  ? 24  PRO A HG2  1 
ATOM 381  H HG3  . PRO A 1 36  ? 1.564   7.747   -7.742  1.00 4.59  ? 24  PRO A HG3  1 
ATOM 382  H HD2  . PRO A 1 36  ? 3.261   6.739   -9.608  1.00 3.76  ? 24  PRO A HD2  1 
ATOM 383  H HD3  . PRO A 1 36  ? 2.279   8.189   -9.890  1.00 3.90  ? 24  PRO A HD3  1 
ATOM 384  N N    . LEU A 1 37  ? 6.815   8.577   -7.896  1.00 3.78  ? 25  LEU A N    1 
ATOM 385  C CA   . LEU A 1 37  ? 8.000   8.006   -7.273  1.00 4.07  ? 25  LEU A CA   1 
ATOM 386  C C    . LEU A 1 37  ? 9.188   8.030   -8.231  1.00 4.34  ? 25  LEU A C    1 
ATOM 387  O O    . LEU A 1 37  ? 10.313  8.327   -7.833  1.00 4.83  ? 25  LEU A O    1 
ATOM 388  C CB   . LEU A 1 37  ? 7.723   6.565   -6.815  1.00 4.05  ? 25  LEU A CB   1 
ATOM 389  C CG   . LEU A 1 37  ? 6.747   5.766   -7.693  1.00 3.99  ? 25  LEU A CG   1 
ATOM 390  C CD1  . LEU A 1 37  ? 7.504   4.895   -8.683  1.00 4.66  ? 25  LEU A CD1  1 
ATOM 391  C CD2  . LEU A 1 37  ? 5.829   4.908   -6.832  1.00 3.69  ? 25  LEU A CD2  1 
ATOM 392  H H    . LEU A 1 37  ? 6.873   8.908   -8.814  1.00 3.87  ? 25  LEU A H    1 
ATOM 393  H HA   . LEU A 1 37  ? 8.240   8.606   -6.411  1.00 4.53  ? 25  LEU A HA   1 
ATOM 394  H HB2  . LEU A 1 37  ? 8.662   6.035   -6.787  1.00 4.39  ? 25  LEU A HB2  1 
ATOM 395  H HB3  . LEU A 1 37  ? 7.322   6.602   -5.814  1.00 4.25  ? 25  LEU A HB3  1 
ATOM 396  H HG   . LEU A 1 37  ? 6.132   6.451   -8.257  1.00 4.24  ? 25  LEU A HG   1 
ATOM 397  H HD11 . LEU A 1 37  ? 6.863   4.095   -9.023  1.00 4.92  ? 25  LEU A HD11 1 
ATOM 398  H HD12 . LEU A 1 37  ? 8.375   4.477   -8.201  1.00 4.99  ? 25  LEU A HD12 1 
ATOM 399  H HD13 . LEU A 1 37  ? 7.813   5.494   -9.527  1.00 5.01  ? 25  LEU A HD13 1 
ATOM 400  H HD21 . LEU A 1 37  ? 5.005   4.546   -7.431  1.00 3.82  ? 25  LEU A HD21 1 
ATOM 401  H HD22 . LEU A 1 37  ? 5.445   5.500   -6.013  1.00 3.74  ? 25  LEU A HD22 1 
ATOM 402  H HD23 . LEU A 1 37  ? 6.384   4.068   -6.439  1.00 3.83  ? 25  LEU A HD23 1 
ATOM 403  N N    . GLN A 1 38  ? 8.930   7.694   -9.491  1.00 4.50  ? 26  GLN A N    1 
ATOM 404  C CA   . GLN A 1 38  ? 9.982   7.656   -10.508 1.00 5.14  ? 26  GLN A CA   1 
ATOM 405  C C    . GLN A 1 38  ? 10.981  6.544   -10.194 1.00 5.26  ? 26  GLN A C    1 
ATOM 406  O O    . GLN A 1 38  ? 12.065  6.478   -10.776 1.00 5.91  ? 26  GLN A O    1 
ATOM 407  C CB   . GLN A 1 38  ? 10.701  9.006   -10.587 1.00 5.96  ? 26  GLN A CB   1 
ATOM 408  C CG   . GLN A 1 38  ? 10.515  9.716   -11.919 1.00 6.48  ? 26  GLN A CG   1 
ATOM 409  C CD   . GLN A 1 38  ? 11.671  9.481   -12.871 1.00 7.28  ? 26  GLN A CD   1 
ATOM 410  O OE1  . GLN A 1 38  ? 12.636  8.793   -12.536 1.00 7.69  ? 26  GLN A OE1  1 
ATOM 411  N NE2  . GLN A 1 38  ? 11.581  10.055  -14.066 1.00 7.76  ? 26  GLN A NE2  1 
ATOM 412  H H    . GLN A 1 38  ? 8.018   7.453   -9.741  1.00 4.48  ? 26  GLN A H    1 
ATOM 413  H HA   . GLN A 1 38  ? 9.516   7.448   -11.460 1.00 5.21  ? 26  GLN A HA   1 
ATOM 414  H HB2  . GLN A 1 38  ? 10.322  9.648   -9.806  1.00 6.19  ? 26  GLN A HB2  1 
ATOM 415  H HB3  . GLN A 1 38  ? 11.758  8.851   -10.432 1.00 6.26  ? 26  GLN A HB3  1 
ATOM 416  H HG2  . GLN A 1 38  ? 9.609   9.354   -12.382 1.00 6.45  ? 26  GLN A HG2  1 
ATOM 417  H HG3  . GLN A 1 38  ? 10.426  10.777  -11.738 1.00 6.62  ? 26  GLN A HG3  1 
ATOM 418  H HE21 . GLN A 1 38  ? 10.784  10.590  -14.262 1.00 7.62  ? 26  GLN A HE21 1 
ATOM 419  H HE22 . GLN A 1 38  ? 12.314  9.920   -14.701 1.00 8.39  ? 26  GLN A HE22 1 
ATOM 420  N N    . SER A 1 39  ? 10.597  5.682   -9.258  1.00 4.82  ? 27  SER A N    1 
ATOM 421  C CA   . SER A 1 39  ? 11.420  4.564   -8.818  1.00 5.04  ? 27  SER A CA   1 
ATOM 422  C C    . SER A 1 39  ? 10.859  4.030   -7.508  1.00 4.48  ? 27  SER A C    1 
ATOM 423  O O    . SER A 1 39  ? 10.478  4.807   -6.633  1.00 4.80  ? 27  SER A O    1 
ATOM 424  C CB   . SER A 1 39  ? 12.871  5.007   -8.627  1.00 5.83  ? 27  SER A CB   1 
ATOM 425  O OG   . SER A 1 39  ? 13.707  4.465   -9.636  1.00 6.53  ? 27  SER A OG   1 
ATOM 426  H H    . SER A 1 39  ? 9.726   5.807   -8.838  1.00 4.51  ? 27  SER A H    1 
ATOM 427  H HA   . SER A 1 39  ? 11.372  3.791   -9.569  1.00 5.26  ? 27  SER A HA   1 
ATOM 428  H HB2  . SER A 1 39  ? 12.920  6.083   -8.677  1.00 6.01  ? 27  SER A HB2  1 
ATOM 429  H HB3  . SER A 1 39  ? 13.226  4.673   -7.664  1.00 5.93  ? 27  SER A HB3  1 
ATOM 430  H HG   . SER A 1 39  ? 13.270  4.538   -10.488 1.00 6.83  ? 27  SER A HG   1 
ATOM 431  N N    . ILE A 1 40  ? 10.798  2.713   -7.365  1.00 3.94  ? 28  ILE A N    1 
ATOM 432  C CA   . ILE A 1 40  ? 10.263  2.127   -6.145  1.00 3.57  ? 28  ILE A CA   1 
ATOM 433  C C    . ILE A 1 40  ? 11.084  2.560   -4.944  1.00 3.58  ? 28  ILE A C    1 
ATOM 434  O O    . ILE A 1 40  ? 12.285  2.298   -4.890  1.00 3.82  ? 28  ILE A O    1 
ATOM 435  C CB   . ILE A 1 40  ? 10.245  0.582   -6.163  1.00 3.46  ? 28  ILE A CB   1 
ATOM 436  C CG1  . ILE A 1 40  ? 10.204  0.022   -7.580  1.00 3.45  ? 28  ILE A CG1  1 
ATOM 437  C CG2  . ILE A 1 40  ? 9.072   0.058   -5.356  1.00 3.87  ? 28  ILE A CG2  1 
ATOM 438  C CD1  . ILE A 1 40  ? 9.212   0.716   -8.495  1.00 3.56  ? 28  ILE A CD1  1 
ATOM 439  H H    . ILE A 1 40  ? 11.112  2.131   -8.087  1.00 4.01  ? 28  ILE A H    1 
ATOM 440  H HA   . ILE A 1 40  ? 9.249   2.478   -6.026  1.00 3.78  ? 28  ILE A HA   1 
ATOM 441  H HB   . ILE A 1 40  ? 11.150  0.241   -5.685  1.00 3.71  ? 28  ILE A HB   1 
ATOM 442  H HG12 . ILE A 1 40  ? 11.186  0.118   -8.006  1.00 3.50  ? 28  ILE A HG12 1 
ATOM 443  H HG13 . ILE A 1 40  ? 9.939   -1.025  -7.535  1.00 3.90  ? 28  ILE A HG13 1 
ATOM 444  H HG21 . ILE A 1 40  ? 8.799   0.784   -4.603  1.00 4.05  ? 28  ILE A HG21 1 
ATOM 445  H HG22 . ILE A 1 40  ? 9.353   -0.866  -4.877  1.00 4.23  ? 28  ILE A HG22 1 
ATOM 446  H HG23 . ILE A 1 40  ? 8.231   -0.115  -6.011  1.00 4.18  ? 28  ILE A HG23 1 
ATOM 447  H HD11 . ILE A 1 40  ? 8.648   1.445   -7.930  1.00 3.76  ? 28  ILE A HD11 1 
ATOM 448  H HD12 . ILE A 1 40  ? 8.536   -0.014  -8.915  1.00 3.81  ? 28  ILE A HD12 1 
ATOM 449  H HD13 . ILE A 1 40  ? 9.744   1.213   -9.292  1.00 3.78  ? 28  ILE A HD13 1 
ATOM 450  N N    . PRO A 1 41  ? 10.456  3.200   -3.949  1.00 3.61  ? 29  PRO A N    1 
ATOM 451  C CA   . PRO A 1 41  ? 11.159  3.617   -2.742  1.00 3.84  ? 29  PRO A CA   1 
ATOM 452  C C    . PRO A 1 41  ? 11.573  2.395   -1.939  1.00 3.33  ? 29  PRO A C    1 
ATOM 453  O O    . PRO A 1 41  ? 11.088  2.173   -0.832  1.00 3.65  ? 29  PRO A O    1 
ATOM 454  C CB   . PRO A 1 41  ? 10.119  4.445   -1.983  1.00 4.29  ? 29  PRO A CB   1 
ATOM 455  C CG   . PRO A 1 41  ? 8.805   3.939   -2.469  1.00 4.21  ? 29  PRO A CG   1 
ATOM 456  C CD   . PRO A 1 41  ? 9.020   3.535   -3.902  1.00 3.77  ? 29  PRO A CD   1 
ATOM 457  H HA   . PRO A 1 41  ? 12.026  4.220   -2.970  1.00 4.31  ? 29  PRO A HA   1 
ATOM 458  H HB2  . PRO A 1 41  ? 10.237  4.288   -0.920  1.00 4.32  ? 29  PRO A HB2  1 
ATOM 459  H HB3  . PRO A 1 41  ? 10.249  5.492   -2.215  1.00 4.87  ? 29  PRO A HB3  1 
ATOM 460  H HG2  . PRO A 1 41  ? 8.499   3.087   -1.880  1.00 4.19  ? 29  PRO A HG2  1 
ATOM 461  H HG3  . PRO A 1 41  ? 8.065   4.723   -2.408  1.00 4.75  ? 29  PRO A HG3  1 
ATOM 462  H HD2  . PRO A 1 41  ? 8.416   2.674   -4.145  1.00 3.50  ? 29  PRO A HD2  1 
ATOM 463  H HD3  . PRO A 1 41  ? 8.794   4.356   -4.564  1.00 4.12  ? 29  PRO A HD3  1 
ATOM 464  N N    . GLU A 1 42  ? 12.453  1.586   -2.531  1.00 2.94  ? 30  GLU A N    1 
ATOM 465  C CA   . GLU A 1 42  ? 12.926  0.359   -1.907  1.00 2.78  ? 30  GLU A CA   1 
ATOM 466  C C    . GLU A 1 42  ? 13.371  0.612   -0.464  1.00 2.72  ? 30  GLU A C    1 
ATOM 467  O O    . GLU A 1 42  ? 14.561  0.788   -0.201  1.00 3.29  ? 30  GLU A O    1 
ATOM 468  C CB   . GLU A 1 42  ? 14.091  -0.222  -2.712  1.00 3.40  ? 30  GLU A CB   1 
ATOM 469  C CG   . GLU A 1 42  ? 13.659  -1.210  -3.781  1.00 3.69  ? 30  GLU A CG   1 
ATOM 470  C CD   . GLU A 1 42  ? 14.813  -1.669  -4.651  1.00 4.36  ? 30  GLU A CD   1 
ATOM 471  O OE1  . GLU A 1 42  ? 15.945  -1.766  -4.132  1.00 4.75  ? 30  GLU A OE1  1 
ATOM 472  O OE2  . GLU A 1 42  ? 14.584  -1.931  -5.851  1.00 4.85  ? 30  GLU A OE2  1 
ATOM 473  H H    . GLU A 1 42  ? 12.779  1.815   -3.424  1.00 3.10  ? 30  GLU A H    1 
ATOM 474  H HA   . GLU A 1 42  ? 12.106  -0.349  -1.923  1.00 2.58  ? 30  GLU A HA   1 
ATOM 475  H HB2  . GLU A 1 42  ? 14.620  0.588   -3.192  1.00 3.71  ? 30  GLU A HB2  1 
ATOM 476  H HB3  . GLU A 1 42  ? 14.764  -0.727  -2.034  1.00 3.66  ? 30  GLU A HB3  1 
ATOM 477  H HG2  . GLU A 1 42  ? 13.225  -2.075  -3.301  1.00 3.72  ? 30  GLU A HG2  1 
ATOM 478  H HG3  . GLU A 1 42  ? 12.917  -0.740  -4.410  1.00 3.70  ? 30  GLU A HG3  1 
ATOM 479  N N    . ILE A 1 43  ? 12.418  0.648   0.463   1.00 2.40  ? 31  ILE A N    1 
ATOM 480  C CA   . ILE A 1 43  ? 12.734  0.902   1.865   1.00 2.50  ? 31  ILE A CA   1 
ATOM 481  C C    . ILE A 1 43  ? 12.928  -0.393  2.643   1.00 2.89  ? 31  ILE A C    1 
ATOM 482  O O    . ILE A 1 43  ? 12.078  -1.283  2.625   1.00 3.30  ? 31  ILE A O    1 
ATOM 483  C CB   . ILE A 1 43  ? 11.640  1.752   2.554   1.00 2.46  ? 31  ILE A CB   1 
ATOM 484  C CG1  . ILE A 1 43  ? 11.452  3.097   1.841   1.00 2.91  ? 31  ILE A CG1  1 
ATOM 485  C CG2  . ILE A 1 43  ? 11.984  1.985   4.020   1.00 2.55  ? 31  ILE A CG2  1 
ATOM 486  C CD1  . ILE A 1 43  ? 12.676  3.590   1.095   1.00 3.51  ? 31  ILE A CD1  1 
ATOM 487  H H    . ILE A 1 43  ? 11.484  0.515   0.197   1.00 2.40  ? 31  ILE A H    1 
ATOM 488  H HA   . ILE A 1 43  ? 13.658  1.461   1.895   1.00 2.82  ? 31  ILE A HA   1 
ATOM 489  H HB   . ILE A 1 43  ? 10.713  1.200   2.514   1.00 2.63  ? 31  ILE A HB   1 
ATOM 490  H HG12 . ILE A 1 43  ? 10.644  3.011   1.131   1.00 3.17  ? 31  ILE A HG12 1 
ATOM 491  H HG13 . ILE A 1 43  ? 11.195  3.842   2.577   1.00 3.22  ? 31  ILE A HG13 1 
ATOM 492  H HG21 . ILE A 1 43  ? 11.687  1.124   4.601   1.00 2.72  ? 31  ILE A HG21 1 
ATOM 493  H HG22 . ILE A 1 43  ? 11.460  2.860   4.379   1.00 2.91  ? 31  ILE A HG22 1 
ATOM 494  H HG23 . ILE A 1 43  ? 13.049  2.138   4.121   1.00 2.76  ? 31  ILE A HG23 1 
ATOM 495  H HD11 . ILE A 1 43  ? 12.876  2.937   0.258   1.00 3.81  ? 31  ILE A HD11 1 
ATOM 496  H HD12 . ILE A 1 43  ? 13.527  3.592   1.760   1.00 3.86  ? 31  ILE A HD12 1 
ATOM 497  H HD13 . ILE A 1 43  ? 12.499  4.593   0.734   1.00 3.86  ? 31  ILE A HD13 1 
ATOM 498  N N    . GLY A 1 44  ? 14.062  -0.480  3.325   1.00 3.31  ? 32  GLY A N    1 
ATOM 499  C CA   . GLY A 1 44  ? 14.382  -1.653  4.110   1.00 4.02  ? 32  GLY A CA   1 
ATOM 500  C C    . GLY A 1 44  ? 15.744  -2.211  3.760   1.00 4.35  ? 32  GLY A C    1 
ATOM 501  O O    . GLY A 1 44  ? 16.722  -1.971  4.467   1.00 5.03  ? 32  GLY A O    1 
ATOM 502  H H    . GLY A 1 44  ? 14.693  0.263   3.290   1.00 3.42  ? 32  GLY A H    1 
ATOM 503  H HA2  . GLY A 1 44  ? 14.367  -1.389  5.157   1.00 4.38  ? 32  GLY A HA2  1 
ATOM 504  H HA3  . GLY A 1 44  ? 13.635  -2.412  3.929   1.00 4.33  ? 32  GLY A HA3  1 
ATOM 505  N N    . ASN A 1 45  ? 15.796  -2.948  2.657   1.00 4.15  ? 33  ASN A N    1 
ATOM 506  C CA   . ASN A 1 45  ? 17.036  -3.557  2.173   1.00 4.74  ? 33  ASN A CA   1 
ATOM 507  C C    . ASN A 1 45  ? 16.751  -4.559  1.054   1.00 4.74  ? 33  ASN A C    1 
ATOM 508  O O    . ASN A 1 45  ? 17.456  -5.558  0.912   1.00 5.28  ? 33  ASN A O    1 
ATOM 509  C CB   . ASN A 1 45  ? 17.767  -4.266  3.316   1.00 5.41  ? 33  ASN A CB   1 
ATOM 510  C CG   . ASN A 1 45  ? 19.121  -4.801  2.897   1.00 6.25  ? 33  ASN A CG   1 
ATOM 511  O OD1  . ASN A 1 45  ? 20.074  -4.041  2.723   1.00 6.65  ? 33  ASN A OD1  1 
ATOM 512  N ND2  . ASN A 1 45  ? 19.215  -6.115  2.732   1.00 6.80  ? 33  ASN A ND2  1 
ATOM 513  H H    . ASN A 1 45  ? 14.975  -3.081  2.151   1.00 3.78  ? 33  ASN A H    1 
ATOM 514  H HA   . ASN A 1 45  ? 17.665  -2.770  1.786   1.00 5.04  ? 33  ASN A HA   1 
ATOM 515  H HB2  . ASN A 1 45  ? 17.912  -3.574  4.128   1.00 5.41  ? 33  ASN A HB2  1 
ATOM 516  H HB3  . ASN A 1 45  ? 17.162  -5.092  3.657   1.00 5.60  ? 33  ASN A HB3  1 
ATOM 517  H HD21 . ASN A 1 45  ? 18.414  -6.659  2.889   1.00 6.71  ? 33  ASN A HD21 1 
ATOM 518  H HD22 . ASN A 1 45  ? 20.080  -6.488  2.462   1.00 7.44  ? 33  ASN A HD22 1 
ATOM 519  N N    . ARG A 1 46  ? 15.711  -4.295  0.264   1.00 4.42  ? 34  ARG A N    1 
ATOM 520  C CA   . ARG A 1 46  ? 15.335  -5.182  -0.835  1.00 4.63  ? 34  ARG A CA   1 
ATOM 521  C C    . ARG A 1 46  ? 14.003  -4.750  -1.444  1.00 4.03  ? 34  ARG A C    1 
ATOM 522  O O    . ARG A 1 46  ? 13.499  -3.667  -1.145  1.00 3.84  ? 34  ARG A O    1 
ATOM 523  C CB   . ARG A 1 46  ? 15.240  -6.630  -0.342  1.00 5.30  ? 34  ARG A CB   1 
ATOM 524  C CG   . ARG A 1 46  ? 14.485  -6.779  0.968   1.00 5.56  ? 34  ARG A CG   1 
ATOM 525  C CD   . ARG A 1 46  ? 12.995  -6.534  0.784   1.00 5.93  ? 34  ARG A CD   1 
ATOM 526  N NE   . ARG A 1 46  ? 12.187  -7.483  1.546   1.00 6.81  ? 34  ARG A NE   1 
ATOM 527  C CZ   . ARG A 1 46  ? 11.944  -8.732  1.153   1.00 7.52  ? 34  ARG A CZ   1 
ATOM 528  N NH1  . ARG A 1 46  ? 12.448  -9.185  0.012   1.00 7.56  ? 34  ARG A NH1  1 
ATOM 529  N NH2  . ARG A 1 46  ? 11.198  -9.529  1.905   1.00 8.41  ? 34  ARG A NH2  1 
ATOM 530  H H    . ARG A 1 46  ? 15.182  -3.487  0.424   1.00 4.28  ? 34  ARG A H    1 
ATOM 531  H HA   . ARG A 1 46  ? 16.103  -5.117  -1.592  1.00 5.02  ? 34  ARG A HA   1 
ATOM 532  H HB2  . ARG A 1 46  ? 14.739  -7.224  -1.091  1.00 5.43  ? 34  ARG A HB2  1 
ATOM 533  H HB3  . ARG A 1 46  ? 16.239  -7.017  -0.203  1.00 5.79  ? 34  ARG A HB3  1 
ATOM 534  H HG2  . ARG A 1 46  ? 14.630  -7.781  1.345   1.00 5.93  ? 34  ARG A HG2  1 
ATOM 535  H HG3  . ARG A 1 46  ? 14.873  -6.065  1.680   1.00 5.49  ? 34  ARG A HG3  1 
ATOM 536  H HD2  . ARG A 1 46  ? 12.765  -5.532  1.117   1.00 5.87  ? 34  ARG A HD2  1 
ATOM 537  H HD3  . ARG A 1 46  ? 12.754  -6.629  -0.264  1.00 5.91  ? 34  ARG A HD3  1 
ATOM 538  H HE   . ARG A 1 46  ? 11.804  -7.173  2.393   1.00 7.05  ? 34  ARG A HE   1 
ATOM 539  H HH11 . ARG A 1 46  ? 13.012  -8.589  -0.559  1.00 7.04  ? 34  ARG A HH11 1 
ATOM 540  H HH12 . ARG A 1 46  ? 12.262  -10.125 -0.277  1.00 8.26  ? 34  ARG A HH12 1 
ATOM 541  H HH21 . ARG A 1 46  ? 10.817  -9.193  2.766   1.00 8.59  ? 34  ARG A HH21 1 
ATOM 542  H HH22 . ARG A 1 46  ? 11.016  -10.467 1.611   1.00 9.03  ? 34  ARG A HH22 1 
ATOM 543  N N    . LYS A 1 47  ? 13.435  -5.602  -2.297  1.00 4.01  ? 35  LYS A N    1 
ATOM 544  C CA   . LYS A 1 47  ? 12.159  -5.304  -2.946  1.00 3.73  ? 35  LYS A CA   1 
ATOM 545  C C    . LYS A 1 47  ? 11.136  -4.786  -1.937  1.00 3.43  ? 35  LYS A C    1 
ATOM 546  O O    . LYS A 1 47  ? 11.057  -5.273  -0.810  1.00 3.82  ? 35  LYS A O    1 
ATOM 547  C CB   . LYS A 1 47  ? 11.615  -6.552  -3.644  1.00 4.23  ? 35  LYS A CB   1 
ATOM 548  C CG   . LYS A 1 47  ? 10.692  -6.240  -4.811  1.00 4.58  ? 35  LYS A CG   1 
ATOM 549  C CD   . LYS A 1 47  ? 11.464  -5.689  -6.001  1.00 4.74  ? 35  LYS A CD   1 
ATOM 550  C CE   . LYS A 1 47  ? 10.763  -4.487  -6.612  1.00 4.71  ? 35  LYS A CE   1 
ATOM 551  N NZ   . LYS A 1 47  ? 10.998  -4.393  -8.080  1.00 5.19  ? 35  LYS A NZ   1 
ATOM 552  H H    . LYS A 1 47  ? 13.883  -6.448  -2.498  1.00 4.40  ? 35  LYS A H    1 
ATOM 553  H HA   . LYS A 1 47  ? 12.335  -4.539  -3.685  1.00 3.66  ? 35  LYS A HA   1 
ATOM 554  H HB2  . LYS A 1 47  ? 12.446  -7.134  -4.014  1.00 4.51  ? 35  LYS A HB2  1 
ATOM 555  H HB3  . LYS A 1 47  ? 11.065  -7.142  -2.925  1.00 4.38  ? 35  LYS A HB3  1 
ATOM 556  H HG2  . LYS A 1 47  ? 10.189  -7.147  -5.111  1.00 4.85  ? 35  LYS A HG2  1 
ATOM 557  H HG3  . LYS A 1 47  ? 9.964   -5.509  -4.495  1.00 4.91  ? 35  LYS A HG3  1 
ATOM 558  H HD2  . LYS A 1 47  ? 12.448  -5.390  -5.673  1.00 5.09  ? 35  LYS A HD2  1 
ATOM 559  H HD3  . LYS A 1 47  ? 11.552  -6.462  -6.749  1.00 4.96  ? 35  LYS A HD3  1 
ATOM 560  H HE2  . LYS A 1 47  ? 9.702   -4.575  -6.432  1.00 4.75  ? 35  LYS A HE2  1 
ATOM 561  H HE3  . LYS A 1 47  ? 11.134  -3.590  -6.138  1.00 4.71  ? 35  LYS A HE3  1 
ATOM 562  H HZ1  . LYS A 1 47  ? 10.196  -4.804  -8.597  1.00 5.36  ? 35  LYS A HZ1  1 
ATOM 563  H HZ2  . LYS A 1 47  ? 11.864  -4.909  -8.337  1.00 5.46  ? 35  LYS A HZ2  1 
ATOM 564  H HZ3  . LYS A 1 47  ? 11.105  -3.397  -8.361  1.00 5.50  ? 35  LYS A HZ3  1 
ATOM 565  N N    . ILE A 1 48  ? 10.364  -3.788  -2.350  1.00 3.02  ? 36  ILE A N    1 
ATOM 566  C CA   . ILE A 1 48  ? 9.357   -3.191  -1.491  1.00 2.85  ? 36  ILE A CA   1 
ATOM 567  C C    . ILE A 1 48  ? 8.329   -4.214  -1.018  1.00 2.76  ? 36  ILE A C    1 
ATOM 568  O O    . ILE A 1 48  ? 8.023   -5.179  -1.718  1.00 3.16  ? 36  ILE A O    1 
ATOM 569  C CB   . ILE A 1 48  ? 8.623   -2.045  -2.211  1.00 2.96  ? 36  ILE A CB   1 
ATOM 570  C CG1  . ILE A 1 48  ? 8.075   -2.509  -3.566  1.00 2.96  ? 36  ILE A CG1  1 
ATOM 571  C CG2  . ILE A 1 48  ? 9.552   -0.854  -2.393  1.00 3.39  ? 36  ILE A CG2  1 
ATOM 572  C CD1  . ILE A 1 48  ? 6.867   -3.415  -3.460  1.00 3.31  ? 36  ILE A CD1  1 
ATOM 573  H H    . ILE A 1 48  ? 10.479  -3.437  -3.255  1.00 3.05  ? 36  ILE A H    1 
ATOM 574  H HA   . ILE A 1 48  ? 9.859   -2.778  -0.629  1.00 3.03  ? 36  ILE A HA   1 
ATOM 575  H HB   . ILE A 1 48  ? 7.805   -1.734  -1.590  1.00 3.27  ? 36  ILE A HB   1 
ATOM 576  H HG12 . ILE A 1 48  ? 7.781   -1.645  -4.141  1.00 2.98  ? 36  ILE A HG12 1 
ATOM 577  H HG13 . ILE A 1 48  ? 8.845   -3.044  -4.098  1.00 3.15  ? 36  ILE A HG13 1 
ATOM 578  H HG21 . ILE A 1 48  ? 8.988   -0.010  -2.761  1.00 3.67  ? 36  ILE A HG21 1 
ATOM 579  H HG22 . ILE A 1 48  ? 10.327  -1.106  -3.103  1.00 3.70  ? 36  ILE A HG22 1 
ATOM 580  H HG23 . ILE A 1 48  ? 10.002  -0.600  -1.445  1.00 3.72  ? 36  ILE A HG23 1 
ATOM 581  H HD11 . ILE A 1 48  ? 6.097   -3.067  -4.133  1.00 3.48  ? 36  ILE A HD11 1 
ATOM 582  H HD12 . ILE A 1 48  ? 6.494   -3.399  -2.449  1.00 3.60  ? 36  ILE A HD12 1 
ATOM 583  H HD13 . ILE A 1 48  ? 7.149   -4.422  -3.724  1.00 3.65  ? 36  ILE A HD13 1 
ATOM 584  N N    . ASN A 1 49  ? 7.786   -3.976  0.170   1.00 2.66  ? 37  ASN A N    1 
ATOM 585  C CA   . ASN A 1 49  ? 6.772   -4.849  0.749   1.00 2.70  ? 37  ASN A CA   1 
ATOM 586  C C    . ASN A 1 49  ? 5.508   -4.043  1.028   1.00 2.31  ? 37  ASN A C    1 
ATOM 587  O O    . ASN A 1 49  ? 4.910   -4.146  2.096   1.00 2.27  ? 37  ASN A O    1 
ATOM 588  C CB   . ASN A 1 49  ? 7.291   -5.489  2.039   1.00 3.07  ? 37  ASN A CB   1 
ATOM 589  C CG   . ASN A 1 49  ? 7.027   -6.982  2.092   1.00 3.55  ? 37  ASN A CG   1 
ATOM 590  O OD1  . ASN A 1 49  ? 6.572   -7.578  1.116   1.00 4.00  ? 37  ASN A OD1  1 
ATOM 591  N ND2  . ASN A 1 49  ? 7.313   -7.594  3.236   1.00 3.96  ? 37  ASN A ND2  1 
ATOM 592  H H    . ASN A 1 49  ? 8.065   -3.179  0.668   1.00 2.86  ? 37  ASN A H    1 
ATOM 593  H HA   . ASN A 1 49  ? 6.546   -5.622  0.030   1.00 2.98  ? 37  ASN A HA   1 
ATOM 594  H HB2  . ASN A 1 49  ? 8.356   -5.330  2.110   1.00 3.29  ? 37  ASN A HB2  1 
ATOM 595  H HB3  . ASN A 1 49  ? 6.805   -5.026  2.886   1.00 3.21  ? 37  ASN A HB3  1 
ATOM 596  H HD21 . ASN A 1 49  ? 7.672   -7.055  3.972   1.00 4.01  ? 37  ASN A HD21 1 
ATOM 597  H HD22 . ASN A 1 49  ? 7.152   -8.558  3.297   1.00 4.44  ? 37  ASN A HD22 1 
ATOM 598  N N    . LEU A 1 50  ? 5.129   -3.222  0.052   1.00 2.21  ? 38  LEU A N    1 
ATOM 599  C CA   . LEU A 1 50  ? 3.961   -2.359  0.151   1.00 2.13  ? 38  LEU A CA   1 
ATOM 600  C C    . LEU A 1 50  ? 2.784   -3.027  0.862   1.00 2.22  ? 38  LEU A C    1 
ATOM 601  O O    . LEU A 1 50  ? 2.527   -2.761  2.035   1.00 2.17  ? 38  LEU A O    1 
ATOM 602  C CB   . LEU A 1 50  ? 3.540   -1.907  -1.247  1.00 2.44  ? 38  LEU A CB   1 
ATOM 603  C CG   . LEU A 1 50  ? 4.591   -1.102  -2.015  1.00 2.55  ? 38  LEU A CG   1 
ATOM 604  C CD1  . LEU A 1 50  ? 3.974   -0.462  -3.245  1.00 3.21  ? 38  LEU A CD1  1 
ATOM 605  C CD2  . LEU A 1 50  ? 5.216   -0.040  -1.120  1.00 3.01  ? 38  LEU A CD2  1 
ATOM 606  H H    . LEU A 1 50  ? 5.664   -3.183  -0.765  1.00 2.36  ? 38  LEU A H    1 
ATOM 607  H HA   . LEU A 1 50  ? 4.251   -1.486  0.715   1.00 2.11  ? 38  LEU A HA   1 
ATOM 608  H HB2  . LEU A 1 50  ? 3.295   -2.784  -1.828  1.00 2.80  ? 38  LEU A HB2  1 
ATOM 609  H HB3  . LEU A 1 50  ? 2.656   -1.303  -1.153  1.00 2.75  ? 38  LEU A HB3  1 
ATOM 610  H HG   . LEU A 1 50  ? 5.375   -1.768  -2.344  1.00 2.54  ? 38  LEU A HG   1 
ATOM 611  H HD11 . LEU A 1 50  ? 3.177   -1.090  -3.617  1.00 3.65  ? 38  LEU A HD11 1 
ATOM 612  H HD12 . LEU A 1 50  ? 4.728   -0.347  -4.009  1.00 3.53  ? 38  LEU A HD12 1 
ATOM 613  H HD13 . LEU A 1 50  ? 3.575   0.507   -2.983  1.00 3.55  ? 38  LEU A HD13 1 
ATOM 614  H HD21 . LEU A 1 50  ? 5.957   0.512   -1.681  1.00 3.40  ? 38  LEU A HD21 1 
ATOM 615  H HD22 . LEU A 1 50  ? 5.686   -0.515  -0.273  1.00 3.25  ? 38  LEU A HD22 1 
ATOM 616  H HD23 . LEU A 1 50  ? 4.448   0.637   -0.775  1.00 3.36  ? 38  LEU A HD23 1 
ATOM 617  N N    . PHE A 1 51  ? 2.055   -3.876  0.149   1.00 2.52  ? 39  PHE A N    1 
ATOM 618  C CA   . PHE A 1 51  ? 0.893   -4.546  0.724   1.00 2.74  ? 39  PHE A CA   1 
ATOM 619  C C    . PHE A 1 51  ? 1.187   -5.130  2.107   1.00 2.71  ? 39  PHE A C    1 
ATOM 620  O O    . PHE A 1 51  ? 0.275   -5.306  2.907   1.00 2.76  ? 39  PHE A O    1 
ATOM 621  C CB   . PHE A 1 51  ? 0.356   -5.607  -0.234  1.00 3.20  ? 39  PHE A CB   1 
ATOM 622  C CG   . PHE A 1 51  ? -0.263  -5.007  -1.467  1.00 3.23  ? 39  PHE A CG   1 
ATOM 623  C CD1  . PHE A 1 51  ? 0.533   -4.628  -2.533  1.00 3.49  ? 39  PHE A CD1  1 
ATOM 624  C CD2  . PHE A 1 51  ? -1.636  -4.809  -1.558  1.00 3.50  ? 39  PHE A CD2  1 
ATOM 625  C CE1  . PHE A 1 51  ? -0.021  -4.067  -3.667  1.00 3.65  ? 39  PHE A CE1  1 
ATOM 626  C CE2  . PHE A 1 51  ? -2.197  -4.246  -2.694  1.00 3.66  ? 39  PHE A CE2  1 
ATOM 627  C CZ   . PHE A 1 51  ? -1.385  -3.876  -3.749  1.00 3.57  ? 39  PHE A CZ   1 
ATOM 628  H H    . PHE A 1 51  ? 2.291   -4.043  -0.786  1.00 2.68  ? 39  PHE A H    1 
ATOM 629  H HA   . PHE A 1 51  ? 0.133   -3.794  0.847   1.00 2.68  ? 39  PHE A HA   1 
ATOM 630  H HB2  . PHE A 1 51  ? 1.167   -6.252  -0.543  1.00 3.36  ? 39  PHE A HB2  1 
ATOM 631  H HB3  . PHE A 1 51  ? -0.397  -6.194  0.270   1.00 3.48  ? 39  PHE A HB3  1 
ATOM 632  H HD1  . PHE A 1 51  ? 1.600   -4.774  -2.475  1.00 3.88  ? 39  PHE A HD1  1 
ATOM 633  H HD2  . PHE A 1 51  ? -2.269  -5.100  -0.732  1.00 3.88  ? 39  PHE A HD2  1 
ATOM 634  H HE1  . PHE A 1 51  ? 0.613   -3.778  -4.493  1.00 4.13  ? 39  PHE A HE1  1 
ATOM 635  H HE2  . PHE A 1 51  ? -3.268  -4.090  -2.756  1.00 4.14  ? 39  PHE A HE2  1 
ATOM 636  H HZ   . PHE A 1 51  ? -1.815  -3.442  -4.637  1.00 3.78  ? 39  PHE A HZ   1 
ATOM 637  N N    . TYR A 1 52  ? 2.453   -5.395  2.407   1.00 2.70  ? 40  TYR A N    1 
ATOM 638  C CA   . TYR A 1 52  ? 2.809   -5.914  3.724   1.00 2.76  ? 40  TYR A CA   1 
ATOM 639  C C    . TYR A 1 52  ? 2.530   -4.842  4.778   1.00 2.49  ? 40  TYR A C    1 
ATOM 640  O O    . TYR A 1 52  ? 1.480   -4.849  5.430   1.00 2.58  ? 40  TYR A O    1 
ATOM 641  C CB   . TYR A 1 52  ? 4.278   -6.336  3.762   1.00 2.82  ? 40  TYR A CB   1 
ATOM 642  C CG   . TYR A 1 52  ? 4.481   -7.789  4.128   1.00 3.21  ? 40  TYR A CG   1 
ATOM 643  C CD1  . TYR A 1 52  ? 4.479   -8.199  5.456   1.00 3.65  ? 40  TYR A CD1  1 
ATOM 644  C CD2  . TYR A 1 52  ? 4.671   -8.753  3.145   1.00 3.58  ? 40  TYR A CD2  1 
ATOM 645  C CE1  . TYR A 1 52  ? 4.663   -9.527  5.793   1.00 4.04  ? 40  TYR A CE1  1 
ATOM 646  C CE2  . TYR A 1 52  ? 4.855   -10.081 3.474   1.00 3.99  ? 40  TYR A CE2  1 
ATOM 647  C CZ   . TYR A 1 52  ? 4.850   -10.463 4.798   1.00 4.06  ? 40  TYR A CZ   1 
ATOM 648  O OH   . TYR A 1 52  ? 5.032   -11.785 5.130   1.00 4.52  ? 40  TYR A OH   1 
ATOM 649  H H    . TYR A 1 52  ? 3.157   -5.217  1.750   1.00 2.72  ? 40  TYR A H    1 
ATOM 650  H HA   . TYR A 1 52  ? 2.184   -6.772  3.924   1.00 3.02  ? 40  TYR A HA   1 
ATOM 651  H HB2  . TYR A 1 52  ? 4.715   -6.178  2.789   1.00 2.84  ? 40  TYR A HB2  1 
ATOM 652  H HB3  . TYR A 1 52  ? 4.803   -5.734  4.490   1.00 2.65  ? 40  TYR A HB3  1 
ATOM 653  H HD1  . TYR A 1 52  ? 4.333   -7.463  6.232   1.00 3.95  ? 40  TYR A HD1  1 
ATOM 654  H HD2  . TYR A 1 52  ? 4.674   -8.450  2.107   1.00 3.82  ? 40  TYR A HD2  1 
ATOM 655  H HE1  . TYR A 1 52  ? 4.660   -9.826  6.830   1.00 4.57  ? 40  TYR A HE1  1 
ATOM 656  H HE2  . TYR A 1 52  ? 5.001   -10.814 2.695   1.00 4.50  ? 40  TYR A HE2  1 
ATOM 657  H HH   . TYR A 1 52  ? 4.331   -12.066 5.722   1.00 4.70  ? 40  TYR A HH   1 
ATOM 658  N N    . LEU A 1 53  ? 3.456   -3.891  4.916   1.00 2.22  ? 41  LEU A N    1 
ATOM 659  C CA   . LEU A 1 53  ? 3.278   -2.795  5.863   1.00 2.01  ? 41  LEU A CA   1 
ATOM 660  C C    . LEU A 1 53  ? 1.900   -2.179  5.674   1.00 1.95  ? 41  LEU A C    1 
ATOM 661  O O    . LEU A 1 53  ? 1.299   -1.648  6.611   1.00 1.99  ? 41  LEU A O    1 
ATOM 662  C CB   . LEU A 1 53  ? 4.358   -1.728  5.673   1.00 1.82  ? 41  LEU A CB   1 
ATOM 663  C CG   . LEU A 1 53  ? 4.103   -0.740  4.528   1.00 1.55  ? 41  LEU A CG   1 
ATOM 664  C CD1  . LEU A 1 53  ? 4.911   0.533   4.730   1.00 1.50  ? 41  LEU A CD1  1 
ATOM 665  C CD2  . LEU A 1 53  ? 4.463   -1.386  3.200   1.00 1.82  ? 41  LEU A CD2  1 
ATOM 666  H H    . LEU A 1 53  ? 4.258   -3.915  4.355   1.00 2.22  ? 41  LEU A H    1 
ATOM 667  H HA   . LEU A 1 53  ? 3.349   -3.201  6.860   1.00 2.16  ? 41  LEU A HA   1 
ATOM 668  H HB2  . LEU A 1 53  ? 4.448   -1.170  6.592   1.00 1.89  ? 41  LEU A HB2  1 
ATOM 669  H HB3  . LEU A 1 53  ? 5.296   -2.228  5.483   1.00 2.02  ? 41  LEU A HB3  1 
ATOM 670  H HG   . LEU A 1 53  ? 3.041   -0.471  4.502   1.00 1.53  ? 41  LEU A HG   1 
ATOM 671  H HD11 . LEU A 1 53  ? 5.673   0.602   3.969   1.00 1.83  ? 41  LEU A HD11 1 
ATOM 672  H HD12 . LEU A 1 53  ? 5.377   0.514   5.703   1.00 1.92  ? 41  LEU A HD12 1 
ATOM 673  H HD13 . LEU A 1 53  ? 4.258   1.387   4.662   1.00 1.78  ? 41  LEU A HD13 1 
ATOM 674  H HD21 . LEU A 1 53  ? 4.497   -2.456  3.317   1.00 2.19  ? 41  LEU A HD21 1 
ATOM 675  H HD22 . LEU A 1 53  ? 5.428   -1.028  2.873   1.00 2.22  ? 41  LEU A HD22 1 
ATOM 676  H HD23 . LEU A 1 53  ? 3.717   -1.130  2.464   1.00 2.08  ? 41  LEU A HD23 1 
ATOM 677  N N    . TYR A 1 54  ? 1.392   -2.270  4.454   1.00 1.99  ? 42  TYR A N    1 
ATOM 678  C CA   . TYR A 1 54  ? 0.081   -1.747  4.166   1.00 2.08  ? 42  TYR A CA   1 
ATOM 679  C C    . TYR A 1 54  ? -0.959  -2.628  4.861   1.00 2.40  ? 42  TYR A C    1 
ATOM 680  O O    . TYR A 1 54  ? -1.822  -2.139  5.577   1.00 2.46  ? 42  TYR A O    1 
ATOM 681  C CB   . TYR A 1 54  ? -0.150  -1.656  2.646   1.00 2.22  ? 42  TYR A CB   1 
ATOM 682  C CG   . TYR A 1 54  ? -1.593  -1.862  2.206   1.00 2.60  ? 42  TYR A CG   1 
ATOM 683  C CD1  . TYR A 1 54  ? -2.634  -1.501  3.040   1.00 3.03  ? 42  TYR A CD1  1 
ATOM 684  C CD2  . TYR A 1 54  ? -1.913  -2.420  0.974   1.00 3.05  ? 42  TYR A CD2  1 
ATOM 685  C CE1  . TYR A 1 54  ? -3.942  -1.684  2.688   1.00 3.42  ? 42  TYR A CE1  1 
ATOM 686  C CE2  . TYR A 1 54  ? -3.232  -2.613  0.603   1.00 3.44  ? 42  TYR A CE2  1 
ATOM 687  C CZ   . TYR A 1 54  ? -4.245  -2.245  1.466   1.00 3.43  ? 42  TYR A CZ   1 
ATOM 688  O OH   . TYR A 1 54  ? -5.558  -2.437  1.105   1.00 3.88  ? 42  TYR A OH   1 
ATOM 689  H H    . TYR A 1 54  ? 1.903   -2.712  3.745   1.00 2.04  ? 42  TYR A H    1 
ATOM 690  H HA   . TYR A 1 54  ? 0.033   -0.756  4.588   1.00 1.89  ? 42  TYR A HA   1 
ATOM 691  H HB2  . TYR A 1 54  ? 0.153   -0.679  2.311   1.00 2.10  ? 42  TYR A HB2  1 
ATOM 692  H HB3  . TYR A 1 54  ? 0.462   -2.392  2.160   1.00 2.27  ? 42  TYR A HB3  1 
ATOM 693  H HD1  . TYR A 1 54  ? -2.407  -1.062  3.982   1.00 3.38  ? 42  TYR A HD1  1 
ATOM 694  H HD2  . TYR A 1 54  ? -1.119  -2.706  0.303   1.00 3.40  ? 42  TYR A HD2  1 
ATOM 695  H HE1  . TYR A 1 54  ? -4.720  -1.397  3.379   1.00 3.98  ? 42  TYR A HE1  1 
ATOM 696  H HE2  . TYR A 1 54  ? -3.464  -3.048  -0.357  1.00 4.02  ? 42  TYR A HE2  1 
ATOM 697  H HH   . TYR A 1 54  ? -6.050  -2.773  1.856   1.00 4.00  ? 42  TYR A HH   1 
ATOM 698  N N    . MET A 1 55  ? -0.861  -3.937  4.680   1.00 2.67  ? 43  MET A N    1 
ATOM 699  C CA   . MET A 1 55  ? -1.798  -4.851  5.326   1.00 3.01  ? 43  MET A CA   1 
ATOM 700  C C    . MET A 1 55  ? -1.998  -4.473  6.792   1.00 2.93  ? 43  MET A C    1 
ATOM 701  O O    . MET A 1 55  ? -3.039  -4.761  7.381   1.00 3.17  ? 43  MET A O    1 
ATOM 702  C CB   . MET A 1 55  ? -1.309  -6.299  5.210   1.00 3.28  ? 43  MET A CB   1 
ATOM 703  C CG   . MET A 1 55  ? -1.753  -7.041  3.944   1.00 3.59  ? 43  MET A CG   1 
ATOM 704  S SD   . MET A 1 55  ? -3.310  -6.446  3.238   1.00 3.76  ? 43  MET A SD   1 
ATOM 705  C CE   . MET A 1 55  ? -2.797  -4.876  2.539   1.00 3.47  ? 43  MET A CE   1 
ATOM 706  H H    . MET A 1 55  ? -0.144  -4.295  4.121   1.00 2.66  ? 43  MET A H    1 
ATOM 707  H HA   . MET A 1 55  ? -2.745  -4.755  4.830   1.00 3.19  ? 43  MET A HA   1 
ATOM 708  H HB2  . MET A 1 55  ? -0.230  -6.299  5.232   1.00 3.33  ? 43  MET A HB2  1 
ATOM 709  H HB3  . MET A 1 55  ? -1.670  -6.849  6.063   1.00 3.46  ? 43  MET A HB3  1 
ATOM 710  H HG2  . MET A 1 55  ? -0.984  -6.938  3.197   1.00 3.71  ? 43  MET A HG2  1 
ATOM 711  H HG3  . MET A 1 55  ? -1.867  -8.087  4.187   1.00 4.00  ? 43  MET A HG3  1 
ATOM 712  H HE1  . MET A 1 55  ? -3.336  -4.072  3.022   1.00 3.54  ? 43  MET A HE1  1 
ATOM 713  H HE2  . MET A 1 55  ? -3.005  -4.867  1.481   1.00 3.61  ? 43  MET A HE2  1 
ATOM 714  H HE3  . MET A 1 55  ? -1.737  -4.741  2.697   1.00 3.61  ? 43  MET A HE3  1 
ATOM 715  N N    . LEU A 1 56  ? -0.999  -3.811  7.370   1.00 2.65  ? 44  LEU A N    1 
ATOM 716  C CA   . LEU A 1 56  ? -1.081  -3.378  8.763   1.00 2.65  ? 44  LEU A CA   1 
ATOM 717  C C    . LEU A 1 56  ? -1.832  -2.059  8.889   1.00 2.56  ? 44  LEU A C    1 
ATOM 718  O O    . LEU A 1 56  ? -2.571  -1.852  9.851   1.00 2.81  ? 44  LEU A O    1 
ATOM 719  C CB   . LEU A 1 56  ? 0.305   -3.223  9.388   1.00 2.57  ? 44  LEU A CB   1 
ATOM 720  C CG   . LEU A 1 56  ? 1.473   -3.740  8.558   1.00 2.52  ? 44  LEU A CG   1 
ATOM 721  C CD1  . LEU A 1 56  ? 2.787   -3.533  9.293   1.00 2.67  ? 44  LEU A CD1  1 
ATOM 722  C CD2  . LEU A 1 56  ? 1.279   -5.212  8.211   1.00 2.93  ? 44  LEU A CD2  1 
ATOM 723  H H    . LEU A 1 56  ? -0.191  -3.606  6.847   1.00 2.49  ? 44  LEU A H    1 
ATOM 724  H HA   . LEU A 1 56  ? -1.624  -4.136  9.308   1.00 2.90  ? 44  LEU A HA   1 
ATOM 725  H HB2  . LEU A 1 56  ? 0.471   -2.175  9.586   1.00 2.59  ? 44  LEU A HB2  1 
ATOM 726  H HB3  . LEU A 1 56  ? 0.301   -3.742  10.320  1.00 2.84  ? 44  LEU A HB3  1 
ATOM 727  H HG   . LEU A 1 56  ? 1.513   -3.176  7.643   1.00 2.41  ? 44  LEU A HG   1 
ATOM 728  H HD11 . LEU A 1 56  ? 2.593   -3.137  10.280  1.00 2.93  ? 44  LEU A HD11 1 
ATOM 729  H HD12 . LEU A 1 56  ? 3.404   -2.841  8.743   1.00 2.94  ? 44  LEU A HD12 1 
ATOM 730  H HD13 . LEU A 1 56  ? 3.299   -4.478  9.381   1.00 2.92  ? 44  LEU A HD13 1 
ATOM 731  H HD21 . LEU A 1 56  ? 0.815   -5.719  9.044   1.00 3.20  ? 44  LEU A HD21 1 
ATOM 732  H HD22 . LEU A 1 56  ? 2.238   -5.662  8.005   1.00 3.24  ? 44  LEU A HD22 1 
ATOM 733  H HD23 . LEU A 1 56  ? 0.648   -5.301  7.340   1.00 3.20  ? 44  LEU A HD23 1 
ATOM 734  N N    . VAL A 1 57  ? -1.651  -1.165  7.916   1.00 2.31  ? 45  VAL A N    1 
ATOM 735  C CA   . VAL A 1 57  ? -2.343  0.122   7.957   1.00 2.32  ? 45  VAL A CA   1 
ATOM 736  C C    . VAL A 1 57  ? -3.834  -0.109  8.044   1.00 2.74  ? 45  VAL A C    1 
ATOM 737  O O    . VAL A 1 57  ? -4.581  0.726   8.550   1.00 3.05  ? 45  VAL A O    1 
ATOM 738  C CB   . VAL A 1 57  ? -2.053  1.019   6.738   1.00 2.08  ? 45  VAL A CB   1 
ATOM 739  C CG1  . VAL A 1 57  ? -2.204  0.272   5.449   1.00 2.34  ? 45  VAL A CG1  1 
ATOM 740  C CG2  . VAL A 1 57  ? -2.970  2.216   6.736   1.00 2.24  ? 45  VAL A CG2  1 
ATOM 741  H H    . VAL A 1 57  ? -1.062  -1.384  7.162   1.00 2.22  ? 45  VAL A H    1 
ATOM 742  H HA   . VAL A 1 57  ? -2.020  0.643   8.848   1.00 2.34  ? 45  VAL A HA   1 
ATOM 743  H HB   . VAL A 1 57  ? -1.041  1.363   6.801   1.00 1.87  ? 45  VAL A HB   1 
ATOM 744  H HG11 . VAL A 1 57  ? -2.936  -0.509  5.575   1.00 2.70  ? 45  VAL A HG11 1 
ATOM 745  H HG12 . VAL A 1 57  ? -1.250  -0.151  5.174   1.00 2.66  ? 45  VAL A HG12 1 
ATOM 746  H HG13 . VAL A 1 57  ? -2.532  0.953   4.677   1.00 2.51  ? 45  VAL A HG13 1 
ATOM 747  H HG21 . VAL A 1 57  ? -3.923  1.929   6.316   1.00 2.54  ? 45  VAL A HG21 1 
ATOM 748  H HG22 . VAL A 1 57  ? -2.532  2.999   6.138   1.00 2.51  ? 45  VAL A HG22 1 
ATOM 749  H HG23 . VAL A 1 57  ? -3.111  2.561   7.747   1.00 2.54  ? 45  VAL A HG23 1 
ATOM 750  N N    . GLN A 1 58  ? -4.248  -1.266  7.550   1.00 2.94  ? 46  GLN A N    1 
ATOM 751  C CA   . GLN A 1 58  ? -5.654  -1.665  7.567   1.00 3.45  ? 46  GLN A CA   1 
ATOM 752  C C    . GLN A 1 58  ? -6.303  -1.258  8.886   1.00 3.39  ? 46  GLN A C    1 
ATOM 753  O O    . GLN A 1 58  ? -7.486  -0.919  8.931   1.00 3.62  ? 46  GLN A O    1 
ATOM 754  C CB   . GLN A 1 58  ? -5.782  -3.176  7.364   1.00 3.91  ? 46  GLN A CB   1 
ATOM 755  C CG   . GLN A 1 58  ? -7.017  -3.581  6.576   1.00 4.48  ? 46  GLN A CG   1 
ATOM 756  C CD   . GLN A 1 58  ? -7.854  -4.620  7.295   1.00 5.07  ? 46  GLN A CD   1 
ATOM 757  O OE1  . GLN A 1 58  ? -7.775  -4.763  8.516   1.00 5.51  ? 46  GLN A OE1  1 
ATOM 758  N NE2  . GLN A 1 58  ? -8.662  -5.355  6.540   1.00 5.42  ? 46  GLN A NE2  1 
ATOM 759  H H    . GLN A 1 58  ? -3.579  -1.869  7.168   1.00 2.84  ? 46  GLN A H    1 
ATOM 760  H HA   . GLN A 1 58  ? -6.155  -1.155  6.758   1.00 3.79  ? 46  GLN A HA   1 
ATOM 761  H HB2  . GLN A 1 58  ? -4.910  -3.532  6.835   1.00 4.10  ? 46  GLN A HB2  1 
ATOM 762  H HB3  . GLN A 1 58  ? -5.825  -3.655  8.331   1.00 4.02  ? 46  GLN A HB3  1 
ATOM 763  H HG2  . GLN A 1 58  ? -7.625  -2.704  6.410   1.00 4.69  ? 46  GLN A HG2  1 
ATOM 764  H HG3  . GLN A 1 58  ? -6.704  -3.986  5.625   1.00 4.66  ? 46  GLN A HG3  1 
ATOM 765  H HE21 . GLN A 1 58  ? -8.673  -5.186  5.574   1.00 5.38  ? 46  GLN A HE21 1 
ATOM 766  H HE22 . GLN A 1 58  ? -9.216  -6.034  6.978   1.00 5.92  ? 46  GLN A HE22 1 
ATOM 767  N N    . LYS A 1 59  ? -5.501  -1.265  9.954   1.00 3.21  ? 47  LYS A N    1 
ATOM 768  C CA   . LYS A 1 59  ? -5.967  -0.865  11.277  1.00 3.38  ? 47  LYS A CA   1 
ATOM 769  C C    . LYS A 1 59  ? -6.775  0.424   11.161  1.00 3.51  ? 47  LYS A C    1 
ATOM 770  O O    . LYS A 1 59  ? -7.735  0.644   11.898  1.00 3.89  ? 47  LYS A O    1 
ATOM 771  C CB   . LYS A 1 59  ? -4.751  -0.709  12.215  1.00 3.31  ? 47  LYS A CB   1 
ATOM 772  C CG   . LYS A 1 59  ? -4.802  0.450   13.212  1.00 3.20  ? 47  LYS A CG   1 
ATOM 773  C CD   . LYS A 1 59  ? -6.122  0.503   13.968  1.00 3.77  ? 47  LYS A CD   1 
ATOM 774  C CE   . LYS A 1 59  ? -5.907  0.484   15.473  1.00 4.27  ? 47  LYS A CE   1 
ATOM 775  N NZ   . LYS A 1 59  ? -6.929  -0.348  16.168  1.00 4.80  ? 47  LYS A NZ   1 
ATOM 776  H H    . LYS A 1 59  ? -4.563  -1.526  9.843   1.00 3.07  ? 47  LYS A H    1 
ATOM 777  H HA   . LYS A 1 59  ? -6.609  -1.646  11.653  1.00 3.73  ? 47  LYS A HA   1 
ATOM 778  H HB2  . LYS A 1 59  ? -4.642  -1.621  12.781  1.00 3.56  ? 47  LYS A HB2  1 
ATOM 779  H HB3  . LYS A 1 59  ? -3.870  -0.581  11.602  1.00 3.56  ? 47  LYS A HB3  1 
ATOM 780  H HG2  . LYS A 1 59  ? -4.004  0.319   13.928  1.00 3.31  ? 47  LYS A HG2  1 
ATOM 781  H HG3  . LYS A 1 59  ? -4.652  1.387   12.682  1.00 3.00  ? 47  LYS A HG3  1 
ATOM 782  H HD2  . LYS A 1 59  ? -6.643  1.411   13.700  1.00 4.04  ? 47  LYS A HD2  1 
ATOM 783  H HD3  . LYS A 1 59  ? -6.720  -0.352  13.687  1.00 4.02  ? 47  LYS A HD3  1 
ATOM 784  H HE2  . LYS A 1 59  ? -4.927  0.081   15.680  1.00 4.45  ? 47  LYS A HE2  1 
ATOM 785  H HE3  . LYS A 1 59  ? -5.966  1.496   15.845  1.00 4.51  ? 47  LYS A HE3  1 
ATOM 786  H HZ1  . LYS A 1 59  ? -6.563  -1.310  16.319  1.00 5.07  ? 47  LYS A HZ1  1 
ATOM 787  H HZ2  . LYS A 1 59  ? -7.794  -0.404  15.594  1.00 5.10  ? 47  LYS A HZ2  1 
ATOM 788  H HZ3  . LYS A 1 59  ? -7.164  0.071   17.090  1.00 5.03  ? 47  LYS A HZ3  1 
ATOM 789  N N    . PHE A 1 60  ? -6.394  1.256   10.199  1.00 3.35  ? 48  PHE A N    1 
ATOM 790  C CA   . PHE A 1 60  ? -7.090  2.501   9.955   1.00 3.70  ? 48  PHE A CA   1 
ATOM 791  C C    . PHE A 1 60  ? -7.902  2.421   8.669   1.00 3.86  ? 48  PHE A C    1 
ATOM 792  O O    . PHE A 1 60  ? -9.043  2.878   8.614   1.00 4.50  ? 48  PHE A O    1 
ATOM 793  C CB   . PHE A 1 60  ? -6.113  3.670   9.912   1.00 4.00  ? 48  PHE A CB   1 
ATOM 794  C CG   . PHE A 1 60  ? -6.448  4.725   10.927  1.00 4.86  ? 48  PHE A CG   1 
ATOM 795  C CD1  . PHE A 1 60  ? -7.765  5.094   11.155  1.00 5.44  ? 48  PHE A CD1  1 
ATOM 796  C CD2  . PHE A 1 60  ? -5.453  5.329   11.671  1.00 5.46  ? 48  PHE A CD2  1 
ATOM 797  C CE1  . PHE A 1 60  ? -8.081  6.046   12.103  1.00 6.40  ? 48  PHE A CE1  1 
ATOM 798  C CE2  . PHE A 1 60  ? -5.761  6.282   12.624  1.00 6.41  ? 48  PHE A CE2  1 
ATOM 799  C CZ   . PHE A 1 60  ? -7.076  6.642   12.839  1.00 6.80  ? 48  PHE A CZ   1 
ATOM 800  H H    . PHE A 1 60  ? -5.638  1.014   9.628   1.00 3.07  ? 48  PHE A H    1 
ATOM 801  H HA   . PHE A 1 60  ? -7.764  2.657   10.770  1.00 3.95  ? 48  PHE A HA   1 
ATOM 802  H HB2  . PHE A 1 60  ? -5.118  3.304   10.125  1.00 4.03  ? 48  PHE A HB2  1 
ATOM 803  H HB3  . PHE A 1 60  ? -6.125  4.119   8.929   1.00 3.94  ? 48  PHE A HB3  1 
ATOM 804  H HD1  . PHE A 1 60  ? -8.552  4.628   10.578  1.00 5.38  ? 48  PHE A HD1  1 
ATOM 805  H HD2  . PHE A 1 60  ? -4.427  5.048   11.502  1.00 5.42  ? 48  PHE A HD2  1 
ATOM 806  H HE1  . PHE A 1 60  ? -9.110  6.325   12.268  1.00 7.01  ? 48  PHE A HE1  1 
ATOM 807  H HE2  . PHE A 1 60  ? -4.975  6.745   13.199  1.00 7.02  ? 48  PHE A HE2  1 
ATOM 808  H HZ   . PHE A 1 60  ? -7.319  7.386   13.583  1.00 7.62  ? 48  PHE A HZ   1 
ATOM 809  N N    . GLY A 1 61  ? -7.308  1.832   7.636   1.00 3.57  ? 49  GLY A N    1 
ATOM 810  C CA   . GLY A 1 61  ? -7.993  1.700   6.368   1.00 3.98  ? 49  GLY A CA   1 
ATOM 811  C C    . GLY A 1 61  ? -7.787  2.905   5.482   1.00 3.84  ? 49  GLY A C    1 
ATOM 812  O O    . GLY A 1 61  ? -7.716  2.785   4.259   1.00 4.24  ? 49  GLY A O    1 
ATOM 813  H H    . GLY A 1 61  ? -6.399  1.488   7.736   1.00 3.31  ? 49  GLY A H    1 
ATOM 814  H HA2  . GLY A 1 61  ? -7.624  0.822   5.859   1.00 4.17  ? 49  GLY A HA2  1 
ATOM 815  H HA3  . GLY A 1 61  ? -9.047  1.581   6.554   1.00 4.35  ? 49  GLY A HA3  1 
ATOM 816  N N    . GLY A 1 62  ? -7.678  4.070   6.106   1.00 3.48  ? 50  GLY A N    1 
ATOM 817  C CA   . GLY A 1 62  ? -7.465  5.288   5.363   1.00 3.42  ? 50  GLY A CA   1 
ATOM 818  C C    . GLY A 1 62  ? -6.131  5.913   5.691   1.00 3.02  ? 50  GLY A C    1 
ATOM 819  O O    . GLY A 1 62  ? -5.948  6.466   6.776   1.00 2.92  ? 50  GLY A O    1 
ATOM 820  H H    . GLY A 1 62  ? -7.732  4.100   7.082   1.00 3.42  ? 50  GLY A H    1 
ATOM 821  H HA2  . GLY A 1 62  ? -7.497  5.058   4.310   1.00 3.56  ? 50  GLY A HA2  1 
ATOM 822  H HA3  . GLY A 1 62  ? -8.252  5.990   5.598   1.00 3.61  ? 50  GLY A HA3  1 
ATOM 823  N N    . ALA A 1 63  ? -5.190  5.808   4.758   1.00 2.86  ? 51  ALA A N    1 
ATOM 824  C CA   . ALA A 1 63  ? -3.850  6.349   4.949   1.00 2.53  ? 51  ALA A CA   1 
ATOM 825  C C    . ALA A 1 63  ? -3.873  7.702   5.643   1.00 2.58  ? 51  ALA A C    1 
ATOM 826  O O    . ALA A 1 63  ? -3.357  7.851   6.744   1.00 2.43  ? 51  ALA A O    1 
ATOM 827  C CB   . ALA A 1 63  ? -3.134  6.460   3.619   1.00 2.56  ? 51  ALA A CB   1 
ATOM 828  H H    . ALA A 1 63  ? -5.401  5.342   3.922   1.00 3.03  ? 51  ALA A H    1 
ATOM 829  H HA   . ALA A 1 63  ? -3.301  5.656   5.561   1.00 2.35  ? 51  ALA A HA   1 
ATOM 830  H HB1  . ALA A 1 63  ? -3.146  7.485   3.288   1.00 2.79  ? 51  ALA A HB1  1 
ATOM 831  H HB2  . ALA A 1 63  ? -3.630  5.837   2.888   1.00 2.66  ? 51  ALA A HB2  1 
ATOM 832  H HB3  . ALA A 1 63  ? -2.112  6.132   3.744   1.00 2.84  ? 51  ALA A HB3  1 
ATOM 833  N N    . ASP A 1 64  ? -4.470  8.687   4.990   1.00 2.92  ? 52  ASP A N    1 
ATOM 834  C CA   . ASP A 1 64  ? -4.552  10.036  5.540   1.00 3.13  ? 52  ASP A CA   1 
ATOM 835  C C    . ASP A 1 64  ? -4.892  10.047  7.034   1.00 3.11  ? 52  ASP A C    1 
ATOM 836  O O    . ASP A 1 64  ? -4.576  11.009  7.732   1.00 3.25  ? 52  ASP A O    1 
ATOM 837  C CB   . ASP A 1 64  ? -5.594  10.851  4.770   1.00 3.59  ? 52  ASP A CB   1 
ATOM 838  C CG   . ASP A 1 64  ? -4.999  11.564  3.572   1.00 3.95  ? 52  ASP A CG   1 
ATOM 839  O OD1  . ASP A 1 64  ? -4.654  10.880  2.585   1.00 4.31  ? 52  ASP A OD1  1 
ATOM 840  O OD2  . ASP A 1 64  ? -4.879  12.807  3.620   1.00 4.30  ? 52  ASP A OD2  1 
ATOM 841  H H    . ASP A 1 64  ? -4.862  8.506   4.111   1.00 3.11  ? 52  ASP A H    1 
ATOM 842  H HA   . ASP A 1 64  ? -3.587  10.500  5.405   1.00 3.08  ? 52  ASP A HA   1 
ATOM 843  H HB2  . ASP A 1 64  ? -6.372  10.190  4.421   1.00 3.75  ? 52  ASP A HB2  1 
ATOM 844  H HB3  . ASP A 1 64  ? -6.023  11.590  5.430   1.00 3.83  ? 52  ASP A HB3  1 
ATOM 845  N N    . GLN A 1 65  ? -5.521  8.980   7.532   1.00 3.03  ? 53  GLN A N    1 
ATOM 846  C CA   . GLN A 1 65  ? -5.869  8.903   8.937   1.00 3.09  ? 53  GLN A CA   1 
ATOM 847  C C    . GLN A 1 65  ? -4.774  8.196   9.710   1.00 2.79  ? 53  GLN A C    1 
ATOM 848  O O    . GLN A 1 65  ? -4.519  8.487   10.879  1.00 2.87  ? 53  GLN A O    1 
ATOM 849  C CB   . GLN A 1 65  ? -7.197  8.171   9.116   1.00 3.32  ? 53  GLN A CB   1 
ATOM 850  C CG   . GLN A 1 65  ? -7.894  8.507   10.420  1.00 3.51  ? 53  GLN A CG   1 
ATOM 851  C CD   . GLN A 1 65  ? -8.455  9.916   10.437  1.00 3.82  ? 53  GLN A CD   1 
ATOM 852  O OE1  . GLN A 1 65  ? -8.264  10.682  9.492   1.00 4.15  ? 53  GLN A OE1  1 
ATOM 853  N NE2  . GLN A 1 65  ? -9.152  10.262  11.511  1.00 4.14  ? 53  GLN A NE2  1 
ATOM 854  H H    . GLN A 1 65  ? -5.730  8.215   6.955   1.00 2.99  ? 53  GLN A H    1 
ATOM 855  H HA   . GLN A 1 65  ? -5.967  9.910   9.313   1.00 3.30  ? 53  GLN A HA   1 
ATOM 856  H HB2  . GLN A 1 65  ? -7.855  8.437   8.302   1.00 3.55  ? 53  GLN A HB2  1 
ATOM 857  H HB3  . GLN A 1 65  ? -7.016  7.107   9.093   1.00 3.19  ? 53  GLN A HB3  1 
ATOM 858  H HG2  . GLN A 1 65  ? -8.703  7.811   10.570  1.00 3.69  ? 53  GLN A HG2  1 
ATOM 859  H HG3  . GLN A 1 65  ? -7.180  8.410   11.226  1.00 3.47  ? 53  GLN A HG3  1 
ATOM 860  H HE21 . GLN A 1 65  ? -9.264  9.601   12.225  1.00 4.28  ? 53  GLN A HE21 1 
ATOM 861  H HE22 . GLN A 1 65  ? -9.527  11.167  11.547  1.00 4.44  ? 53  GLN A HE22 1 
ATOM 862  N N    . VAL A 1 66  ? -4.158  7.234   9.041   1.00 2.55  ? 54  VAL A N    1 
ATOM 863  C CA   . VAL A 1 66  ? -3.114  6.430   9.634   1.00 2.34  ? 54  VAL A CA   1 
ATOM 864  C C    . VAL A 1 66  ? -1.723  7.018   9.439   1.00 2.26  ? 54  VAL A C    1 
ATOM 865  O O    . VAL A 1 66  ? -0.781  6.665   10.144  1.00 2.31  ? 54  VAL A O    1 
ATOM 866  C CB   . VAL A 1 66  ? -3.163  4.999   9.068   1.00 2.18  ? 54  VAL A CB   1 
ATOM 867  C CG1  . VAL A 1 66  ? -2.436  4.836   7.740   1.00 2.02  ? 54  VAL A CG1  1 
ATOM 868  C CG2  . VAL A 1 66  ? -2.605  4.055   10.073  1.00 2.18  ? 54  VAL A CG2  1 
ATOM 869  H H    . VAL A 1 66  ? -4.436  7.043   8.122   1.00 2.61  ? 54  VAL A H    1 
ATOM 870  H HA   . VAL A 1 66  ? -3.316  6.370   10.690  1.00 2.48  ? 54  VAL A HA   1 
ATOM 871  H HB   . VAL A 1 66  ? -4.197  4.738   8.909   1.00 2.38  ? 54  VAL A HB   1 
ATOM 872  H HG11 . VAL A 1 66  ? -1.900  5.735   7.487   1.00 2.31  ? 54  VAL A HG11 1 
ATOM 873  H HG12 . VAL A 1 66  ? -3.161  4.613   6.975   1.00 2.29  ? 54  VAL A HG12 1 
ATOM 874  H HG13 . VAL A 1 66  ? -1.738  4.006   7.816   1.00 2.12  ? 54  VAL A HG13 1 
ATOM 875  H HG21 . VAL A 1 66  ? -2.677  4.508   11.045  1.00 2.41  ? 54  VAL A HG21 1 
ATOM 876  H HG22 . VAL A 1 66  ? -1.572  3.860   9.831   1.00 2.45  ? 54  VAL A HG22 1 
ATOM 877  H HG23 . VAL A 1 66  ? -3.170  3.144   10.047  1.00 2.42  ? 54  VAL A HG23 1 
ATOM 878  N N    . THR A 1 67  ? -1.607  7.890   8.463   1.00 2.32  ? 55  THR A N    1 
ATOM 879  C CA   . THR A 1 67  ? -0.343  8.518   8.127   1.00 2.43  ? 55  THR A CA   1 
ATOM 880  C C    . THR A 1 67  ? 0.125   9.510   9.184   1.00 2.81  ? 55  THR A C    1 
ATOM 881  O O    . THR A 1 67  ? 1.267   9.967   9.166   1.00 3.04  ? 55  THR A O    1 
ATOM 882  C CB   . THR A 1 67  ? -0.480  9.189   6.779   1.00 2.57  ? 55  THR A CB   1 
ATOM 883  O OG1  . THR A 1 67  ? -1.469  10.203  6.818   1.00 2.86  ? 55  THR A OG1  1 
ATOM 884  C CG2  . THR A 1 67  ? -0.865  8.201   5.704   1.00 2.51  ? 55  THR A CG2  1 
ATOM 885  H H    . THR A 1 67  ? -2.397  8.105   7.935   1.00 2.41  ? 55  THR A H    1 
ATOM 886  H HA   . THR A 1 67  ? 0.382   7.743   8.043   1.00 2.26  ? 55  THR A HA   1 
ATOM 887  H HB   . THR A 1 67  ? 0.459   9.635   6.512   1.00 2.73  ? 55  THR A HB   1 
ATOM 888  H HG1  . THR A 1 67  ? -1.045  11.062  6.895   1.00 3.04  ? 55  THR A HG1  1 
ATOM 889  H HG21 . THR A 1 67  ? -1.421  8.706   4.930   1.00 2.76  ? 55  THR A HG21 1 
ATOM 890  H HG22 . THR A 1 67  ? -1.473  7.422   6.137   1.00 2.73  ? 55  THR A HG22 1 
ATOM 891  H HG23 . THR A 1 67  ? 0.022   7.758   5.285   1.00 2.69  ? 55  THR A HG23 1 
ATOM 892  N N    . ARG A 1 68  ? -0.766  9.828   10.098  1.00 2.99  ? 56  ARG A N    1 
ATOM 893  C CA   . ARG A 1 68  ? -0.468  10.761  11.181  1.00 3.39  ? 56  ARG A CA   1 
ATOM 894  C C    . ARG A 1 68  ? -1.027  10.255  12.512  1.00 3.36  ? 56  ARG A C    1 
ATOM 895  O O    . ARG A 1 68  ? -1.540  11.035  13.314  1.00 3.65  ? 56  ARG A O    1 
ATOM 896  C CB   . ARG A 1 68  ? -1.044  12.144  10.859  1.00 3.73  ? 56  ARG A CB   1 
ATOM 897  C CG   . ARG A 1 68  ? -2.550  12.246  11.066  1.00 3.69  ? 56  ARG A CG   1 
ATOM 898  C CD   . ARG A 1 68  ? -3.246  12.878  9.870   1.00 3.88  ? 56  ARG A CD   1 
ATOM 899  N NE   . ARG A 1 68  ? -3.871  14.154  10.212  1.00 4.29  ? 56  ARG A NE   1 
ATOM 900  C CZ   . ARG A 1 68  ? -4.854  14.711  9.509   1.00 4.70  ? 56  ARG A CZ   1 
ATOM 901  N NH1  . ARG A 1 68  ? -5.323  14.113  8.421   1.00 4.90  ? 56  ARG A NH1  1 
ATOM 902  N NH2  . ARG A 1 68  ? -5.368  15.871  9.893   1.00 5.23  ? 56  ARG A NH2  1 
ATOM 903  H H    . ARG A 1 68  ? -1.645  9.422   10.041  1.00 2.93  ? 56  ARG A H    1 
ATOM 904  H HA   . ARG A 1 68  ? 0.606   10.839  11.263  1.00 3.56  ? 56  ARG A HA   1 
ATOM 905  H HB2  . ARG A 1 68  ? -0.566  12.876  11.495  1.00 4.06  ? 56  ARG A HB2  1 
ATOM 906  H HB3  . ARG A 1 68  ? -0.827  12.380  9.829   1.00 3.82  ? 56  ARG A HB3  1 
ATOM 907  H HG2  . ARG A 1 68  ? -2.950  11.254  11.216  1.00 3.69  ? 56  ARG A HG2  1 
ATOM 908  H HG3  . ARG A 1 68  ? -2.742  12.848  11.942  1.00 3.89  ? 56  ARG A HG3  1 
ATOM 909  H HD2  . ARG A 1 68  ? -2.519  13.043  9.089   1.00 4.04  ? 56  ARG A HD2  1 
ATOM 910  H HD3  . ARG A 1 68  ? -4.007  12.199  9.516   1.00 4.00  ? 56  ARG A HD3  1 
ATOM 911  H HE   . ARG A 1 68  ? -3.541  14.618  11.010  1.00 4.51  ? 56  ARG A HE   1 
ATOM 912  H HH11 . ARG A 1 68  ? -4.940  13.239  8.124   1.00 4.73  ? 56  ARG A HH11 1 
ATOM 913  H HH12 . ARG A 1 68  ? -6.063  14.537  7.898   1.00 5.43  ? 56  ARG A HH12 1 
ATOM 914  H HH21 . ARG A 1 68  ? -5.017  16.327  10.712  1.00 5.39  ? 56  ARG A HH21 1 
ATOM 915  H HH22 . ARG A 1 68  ? -6.106  16.290  9.365   1.00 5.64  ? 56  ARG A HH22 1 
ATOM 916  N N    . THR A 1 69  ? -0.935  8.947   12.738  1.00 3.15  ? 57  THR A N    1 
ATOM 917  C CA   . THR A 1 69  ? -1.446  8.348   13.970  1.00 3.20  ? 57  THR A CA   1 
ATOM 918  C C    . THR A 1 69  ? -0.415  7.425   14.621  1.00 3.20  ? 57  THR A C    1 
ATOM 919  O O    . THR A 1 69  ? 0.775   7.486   14.315  1.00 3.32  ? 57  THR A O    1 
ATOM 920  C CB   . THR A 1 69  ? -2.716  7.551   13.668  1.00 3.05  ? 57  THR A CB   1 
ATOM 921  O OG1  . THR A 1 69  ? -3.409  7.233   14.868  1.00 3.24  ? 57  THR A OG1  1 
ATOM 922  C CG2  . THR A 1 69  ? -2.435  6.256   12.935  1.00 2.79  ? 57  THR A CG2  1 
ATOM 923  H H    . THR A 1 69  ? -0.526  8.371   12.057  1.00 3.07  ? 57  THR A H    1 
ATOM 924  H HA   . THR A 1 69  ? -1.686  9.145   14.656  1.00 3.45  ? 57  THR A HA   1 
ATOM 925  H HB   . THR A 1 69  ? -3.366  8.150   13.047  1.00 3.11  ? 57  THR A HB   1 
ATOM 926  H HG1  . THR A 1 69  ? -3.635  6.298   14.876  1.00 3.20  ? 57  THR A HG1  1 
ATOM 927  H HG21 . THR A 1 69  ? -1.710  5.679   13.487  1.00 2.97  ? 57  THR A HG21 1 
ATOM 928  H HG22 . THR A 1 69  ? -2.044  6.476   11.954  1.00 2.83  ? 57  THR A HG22 1 
ATOM 929  H HG23 . THR A 1 69  ? -3.347  5.690   12.843  1.00 2.96  ? 57  THR A HG23 1 
ATOM 930  N N    . GLN A 1 70  ? -0.898  6.554   15.508  1.00 3.20  ? 58  GLN A N    1 
ATOM 931  C CA   . GLN A 1 70  ? -0.044  5.596   16.194  1.00 3.30  ? 58  GLN A CA   1 
ATOM 932  C C    . GLN A 1 70  ? 0.055   4.309   15.383  1.00 3.05  ? 58  GLN A C    1 
ATOM 933  O O    . GLN A 1 70  ? 1.132   3.727   15.255  1.00 3.12  ? 58  GLN A O    1 
ATOM 934  C CB   . GLN A 1 70  ? -0.592  5.296   17.592  1.00 3.63  ? 58  GLN A CB   1 
ATOM 935  C CG   . GLN A 1 70  ? -0.187  6.324   18.635  1.00 3.99  ? 58  GLN A CG   1 
ATOM 936  C CD   . GLN A 1 70  ? -0.639  5.943   20.032  1.00 4.24  ? 58  GLN A CD   1 
ATOM 937  O OE1  . GLN A 1 70  ? -1.167  4.854   20.252  1.00 4.42  ? 58  GLN A OE1  1 
ATOM 938  N NE2  . GLN A 1 70  ? -0.432  6.845   20.985  1.00 4.74  ? 58  GLN A NE2  1 
ATOM 939  H H    . GLN A 1 70  ? -1.859  6.549   15.696  1.00 3.20  ? 58  GLN A H    1 
ATOM 940  H HA   . GLN A 1 70  ? 0.939   6.029   16.283  1.00 3.42  ? 58  GLN A HA   1 
ATOM 941  H HB2  . GLN A 1 70  ? -1.670  5.268   17.545  1.00 3.78  ? 58  GLN A HB2  1 
ATOM 942  H HB3  . GLN A 1 70  ? -0.228  4.330   17.908  1.00 3.82  ? 58  GLN A HB3  1 
ATOM 943  H HG2  . GLN A 1 70  ? 0.889   6.414   18.634  1.00 4.27  ? 58  GLN A HG2  1 
ATOM 944  H HG3  . GLN A 1 70  ? -0.627  7.274   18.376  1.00 4.29  ? 58  GLN A HG3  1 
ATOM 945  H HE21 . GLN A 1 70  ? -0.007  7.692   20.737  1.00 4.95  ? 58  GLN A HE21 1 
ATOM 946  H HE22 . GLN A 1 70  ? -0.715  6.626   21.897  1.00 5.11  ? 58  GLN A HE22 1 
ATOM 947  N N    . GLN A 1 71  ? -1.076  3.879   14.823  1.00 2.88  ? 59  GLN A N    1 
ATOM 948  C CA   . GLN A 1 71  ? -1.121  2.674   14.006  1.00 2.75  ? 59  GLN A CA   1 
ATOM 949  C C    . GLN A 1 71  ? 0.013   2.688   12.982  1.00 2.48  ? 59  GLN A C    1 
ATOM 950  O O    . GLN A 1 71  ? 0.538   1.642   12.589  1.00 2.45  ? 59  GLN A O    1 
ATOM 951  C CB   . GLN A 1 71  ? -2.473  2.570   13.288  1.00 2.76  ? 59  GLN A CB   1 
ATOM 952  C CG   . GLN A 1 71  ? -3.647  3.130   14.087  1.00 3.03  ? 59  GLN A CG   1 
ATOM 953  C CD   . GLN A 1 71  ? -3.726  2.557   15.489  1.00 3.32  ? 59  GLN A CD   1 
ATOM 954  O OE1  . GLN A 1 71  ? -3.153  1.506   15.776  1.00 3.68  ? 59  GLN A OE1  1 
ATOM 955  N NE2  . GLN A 1 71  ? -4.439  3.248   16.371  1.00 3.73  ? 59  GLN A NE2  1 
ATOM 956  H H    . GLN A 1 71  ? -1.899  4.390   14.952  1.00 2.93  ? 59  GLN A H    1 
ATOM 957  H HA   . GLN A 1 71  ? -0.996  1.821   14.658  1.00 2.95  ? 59  GLN A HA   1 
ATOM 958  H HB2  . GLN A 1 71  ? -2.414  3.109   12.357  1.00 2.68  ? 59  GLN A HB2  1 
ATOM 959  H HB3  . GLN A 1 71  ? -2.674  1.533   13.078  1.00 2.86  ? 59  GLN A HB3  1 
ATOM 960  H HG2  . GLN A 1 71  ? -3.541  4.201   14.158  1.00 3.25  ? 59  GLN A HG2  1 
ATOM 961  H HG3  . GLN A 1 71  ? -4.565  2.899   13.569  1.00 3.24  ? 59  GLN A HG3  1 
ATOM 962  H HE21 . GLN A 1 71  ? -4.869  4.077   16.072  1.00 3.88  ? 59  GLN A HE21 1 
ATOM 963  H HE22 . GLN A 1 71  ? -4.506  2.901   17.285  1.00 4.13  ? 59  GLN A HE22 1 
ATOM 964  N N    . TRP A 1 72  ? 0.396   3.887   12.559  1.00 2.38  ? 60  TRP A N    1 
ATOM 965  C CA   . TRP A 1 72  ? 1.469   4.038   11.592  1.00 2.18  ? 60  TRP A CA   1 
ATOM 966  C C    . TRP A 1 72  ? 2.753   3.440   12.123  1.00 2.30  ? 60  TRP A C    1 
ATOM 967  O O    . TRP A 1 72  ? 3.494   2.792   11.387  1.00 2.20  ? 60  TRP A O    1 
ATOM 968  C CB   . TRP A 1 72  ? 1.677   5.503   11.234  1.00 2.24  ? 60  TRP A CB   1 
ATOM 969  C CG   . TRP A 1 72  ? 1.670   5.773   9.760   1.00 2.03  ? 60  TRP A CG   1 
ATOM 970  C CD1  . TRP A 1 72  ? 2.121   6.905   9.154   1.00 2.16  ? 60  TRP A CD1  1 
ATOM 971  C CD2  . TRP A 1 72  ? 1.190   4.914   8.705   1.00 1.77  ? 60  TRP A CD2  1 
ATOM 972  N NE1  . TRP A 1 72  ? 1.936   6.823   7.798   1.00 1.99  ? 60  TRP A NE1  1 
ATOM 973  C CE2  . TRP A 1 72  ? 1.375   5.608   7.494   1.00 1.73  ? 60  TRP A CE2  1 
ATOM 974  C CE3  . TRP A 1 72  ? 0.621   3.632   8.660   1.00 1.71  ? 60  TRP A CE3  1 
ATOM 975  C CZ2  . TRP A 1 72  ? 1.013   5.067   6.261   1.00 1.59  ? 60  TRP A CZ2  1 
ATOM 976  C CZ3  . TRP A 1 72  ? 0.266   3.099   7.439   1.00 1.61  ? 60  TRP A CZ3  1 
ATOM 977  C CH2  . TRP A 1 72  ? 0.464   3.814   6.253   1.00 1.52  ? 60  TRP A CH2  1 
ATOM 978  H H    . TRP A 1 72  ? -0.051  4.687   12.909  1.00 2.50  ? 60  TRP A H    1 
ATOM 979  H HA   . TRP A 1 72  ? 1.188   3.497   10.714  1.00 2.02  ? 60  TRP A HA   1 
ATOM 980  H HB2  . TRP A 1 72  ? 0.888   6.088   11.681  1.00 2.41  ? 60  TRP A HB2  1 
ATOM 981  H HB3  . TRP A 1 72  ? 2.628   5.832   11.628  1.00 2.39  ? 60  TRP A HB3  1 
ATOM 982  H HD1  . TRP A 1 72  ? 2.545   7.748   9.679   1.00 2.43  ? 60  TRP A HD1  1 
ATOM 983  H HE1  . TRP A 1 72  ? 2.165   7.522   7.155   1.00 2.11  ? 60  TRP A HE1  1 
ATOM 984  H HE3  . TRP A 1 72  ? 0.456   3.062   9.558   1.00 1.86  ? 60  TRP A HE3  1 
ATOM 985  H HZ2  . TRP A 1 72  ? 1.158   5.605   5.336   1.00 1.65  ? 60  TRP A HZ2  1 
ATOM 986  H HZ3  . TRP A 1 72  ? -0.178  2.107   7.394   1.00 1.72  ? 60  TRP A HZ3  1 
ATOM 987  H HH2  . TRP A 1 72  ? 0.172   3.357   5.319   1.00 1.54  ? 60  TRP A HH2  1 
ATOM 988  N N    . SER A 1 73  ? 3.003   3.634   13.412  1.00 2.57  ? 61  SER A N    1 
ATOM 989  C CA   . SER A 1 73  ? 4.192   3.073   14.026  1.00 2.79  ? 61  SER A CA   1 
ATOM 990  C C    . SER A 1 73  ? 4.266   1.593   13.674  1.00 2.76  ? 61  SER A C    1 
ATOM 991  O O    . SER A 1 73  ? 5.337   1.053   13.428  1.00 2.88  ? 61  SER A O    1 
ATOM 992  C CB   . SER A 1 73  ? 4.161   3.263   15.543  1.00 3.13  ? 61  SER A CB   1 
ATOM 993  O OG   . SER A 1 73  ? 5.471   3.269   16.083  1.00 3.47  ? 61  SER A OG   1 
ATOM 994  H H    . SER A 1 73  ? 2.368   4.140   13.959  1.00 2.66  ? 61  SER A H    1 
ATOM 995  H HA   . SER A 1 73  ? 5.057   3.584   13.612  1.00 2.79  ? 61  SER A HA   1 
ATOM 996  H HB2  . SER A 1 73  ? 3.684   4.203   15.777  1.00 3.27  ? 61  SER A HB2  1 
ATOM 997  H HB3  . SER A 1 73  ? 3.602   2.454   15.993  1.00 3.30  ? 61  SER A HB3  1 
ATOM 998  H HG   . SER A 1 73  ? 5.611   4.082   16.574  1.00 3.69  ? 61  SER A HG   1 
ATOM 999  N N    . MET A 1 74  ? 3.099   0.955   13.610  1.00 2.70  ? 62  MET A N    1 
ATOM 1000 C CA   . MET A 1 74  ? 3.022   -0.453  13.242  1.00 2.78  ? 62  MET A CA   1 
ATOM 1001 C C    . MET A 1 74  ? 3.580   -0.639  11.839  1.00 2.55  ? 62  MET A C    1 
ATOM 1002 O O    . MET A 1 74  ? 4.550   -1.368  11.641  1.00 2.69  ? 62  MET A O    1 
ATOM 1003 C CB   . MET A 1 74  ? 1.577   -0.951  13.305  1.00 2.90  ? 62  MET A CB   1 
ATOM 1004 C CG   . MET A 1 74  ? 0.867   -0.599  14.602  1.00 3.03  ? 62  MET A CG   1 
ATOM 1005 S SD   . MET A 1 74  ? -0.856  -1.126  14.610  1.00 3.32  ? 62  MET A SD   1 
ATOM 1006 C CE   . MET A 1 74  ? -1.386  -0.583  12.989  1.00 3.16  ? 62  MET A CE   1 
ATOM 1007 H H    . MET A 1 74  ? 2.271   1.450   13.784  1.00 2.65  ? 62  MET A H    1 
ATOM 1008 H HA   . MET A 1 74  ? 3.625   -1.015  13.939  1.00 3.01  ? 62  MET A HA   1 
ATOM 1009 H HB2  . MET A 1 74  ? 1.024   -0.517  12.485  1.00 3.01  ? 62  MET A HB2  1 
ATOM 1010 H HB3  . MET A 1 74  ? 1.576   -2.026  13.198  1.00 3.16  ? 62  MET A HB3  1 
ATOM 1011 H HG2  . MET A 1 74  ? 1.379   -1.082  15.420  1.00 3.31  ? 62  MET A HG2  1 
ATOM 1012 H HG3  . MET A 1 74  ? 0.901   0.471   14.738  1.00 3.05  ? 62  MET A HG3  1 
ATOM 1013 H HE1  . MET A 1 74  ? -1.182  0.471   12.876  1.00 3.34  ? 62  MET A HE1  1 
ATOM 1014 H HE2  . MET A 1 74  ? -2.442  -0.755  12.880  1.00 3.14  ? 62  MET A HE2  1 
ATOM 1015 H HE3  . MET A 1 74  ? -0.851  -1.134  12.230  1.00 3.47  ? 62  MET A HE3  1 
ATOM 1016 N N    . VAL A 1 75  ? 2.987   0.062   10.870  1.00 2.25  ? 63  VAL A N    1 
ATOM 1017 C CA   . VAL A 1 75  ? 3.462   0.000   9.489   1.00 2.03  ? 63  VAL A CA   1 
ATOM 1018 C C    . VAL A 1 75  ? 4.911   0.479   9.455   1.00 2.05  ? 63  VAL A C    1 
ATOM 1019 O O    . VAL A 1 75  ? 5.849   -0.309  9.296   1.00 2.24  ? 63  VAL A O    1 
ATOM 1020 C CB   . VAL A 1 75  ? 2.604   0.883   8.541   1.00 1.75  ? 63  VAL A CB   1 
ATOM 1021 C CG1  . VAL A 1 75  ? 3.147   0.859   7.124   1.00 1.54  ? 63  VAL A CG1  1 
ATOM 1022 C CG2  . VAL A 1 75  ? 1.154   0.441   8.529   1.00 1.92  ? 63  VAL A CG2  1 
ATOM 1023 H H    . VAL A 1 75  ? 2.239   0.657   11.098  1.00 2.22  ? 63  VAL A H    1 
ATOM 1024 H HA   . VAL A 1 75  ? 3.415   -1.025  9.155   1.00 2.16  ? 63  VAL A HA   1 
ATOM 1025 H HB   . VAL A 1 75  ? 2.642   1.900   8.897   1.00 1.82  ? 63  VAL A HB   1 
ATOM 1026 H HG11 . VAL A 1 75  ? 2.649   0.086   6.561   1.00 1.82  ? 63  VAL A HG11 1 
ATOM 1027 H HG12 . VAL A 1 75  ? 4.204   0.661   7.147   1.00 1.84  ? 63  VAL A HG12 1 
ATOM 1028 H HG13 . VAL A 1 75  ? 2.964   1.816   6.657   1.00 1.84  ? 63  VAL A HG13 1 
ATOM 1029 H HG21 . VAL A 1 75  ? 1.076   -0.558  8.923   1.00 2.32  ? 63  VAL A HG21 1 
ATOM 1030 H HG22 . VAL A 1 75  ? 0.787   0.460   7.509   1.00 2.15  ? 63  VAL A HG22 1 
ATOM 1031 H HG23 . VAL A 1 75  ? 0.565   1.117   9.133   1.00 2.22  ? 63  VAL A HG23 1 
ATOM 1032 N N    . ALA A 1 76  ? 5.068   1.786   9.623   1.00 1.99  ? 64  ALA A N    1 
ATOM 1033 C CA   . ALA A 1 76  ? 6.379   2.431   9.640   1.00 2.17  ? 64  ALA A CA   1 
ATOM 1034 C C    . ALA A 1 76  ? 7.448   1.613   10.383  1.00 2.49  ? 64  ALA A C    1 
ATOM 1035 O O    . ALA A 1 76  ? 8.587   1.535   9.935   1.00 2.65  ? 64  ALA A O    1 
ATOM 1036 C CB   . ALA A 1 76  ? 6.260   3.804   10.288  1.00 2.33  ? 64  ALA A CB   1 
ATOM 1037 H H    . ALA A 1 76  ? 4.263   2.347   9.732   1.00 1.92  ? 64  ALA A H    1 
ATOM 1038 H HA   . ALA A 1 76  ? 6.696   2.571   8.619   1.00 2.06  ? 64  ALA A HA   1 
ATOM 1039 H HB1  . ALA A 1 76  ? 7.149   4.379   10.081  1.00 2.65  ? 64  ALA A HB1  1 
ATOM 1040 H HB2  . ALA A 1 76  ? 6.148   3.688   11.355  1.00 2.56  ? 64  ALA A HB2  1 
ATOM 1041 H HB3  . ALA A 1 76  ? 5.398   4.317   9.891   1.00 2.55  ? 64  ALA A HB3  1 
ATOM 1042 N N    . GLN A 1 77  ? 7.104   1.031   11.530  1.00 2.65  ? 65  GLN A N    1 
ATOM 1043 C CA   . GLN A 1 77  ? 8.095   0.265   12.298  1.00 3.00  ? 65  GLN A CA   1 
ATOM 1044 C C    . GLN A 1 77  ? 8.129   -1.213  11.915  1.00 3.07  ? 65  GLN A C    1 
ATOM 1045 O O    . GLN A 1 77  ? 8.916   -1.978  12.472  1.00 3.35  ? 65  GLN A O    1 
ATOM 1046 C CB   . GLN A 1 77  ? 7.859   0.402   13.804  1.00 3.22  ? 65  GLN A CB   1 
ATOM 1047 C CG   . GLN A 1 77  ? 7.758   1.845   14.276  1.00 3.59  ? 65  GLN A CG   1 
ATOM 1048 C CD   . GLN A 1 77  ? 8.910   2.247   15.178  1.00 4.14  ? 65  GLN A CD   1 
ATOM 1049 O OE1  . GLN A 1 77  ? 9.970   2.656   14.704  1.00 4.41  ? 65  GLN A OE1  1 
ATOM 1050 N NE2  . GLN A 1 77  ? 8.707   2.131   16.486  1.00 4.71  ? 65  GLN A NE2  1 
ATOM 1051 H H    . GLN A 1 77  ? 6.188   1.130   11.874  1.00 2.58  ? 65  GLN A H    1 
ATOM 1052 H HA   . GLN A 1 77  ? 9.063   0.687   12.070  1.00 3.14  ? 65  GLN A HA   1 
ATOM 1053 H HB2  . GLN A 1 77  ? 6.944   -0.106  14.063  1.00 3.29  ? 65  GLN A HB2  1 
ATOM 1054 H HB3  . GLN A 1 77  ? 8.679   -0.067  14.327  1.00 3.49  ? 65  GLN A HB3  1 
ATOM 1055 H HG2  . GLN A 1 77  ? 7.756   2.494   13.414  1.00 3.78  ? 65  GLN A HG2  1 
ATOM 1056 H HG3  . GLN A 1 77  ? 6.834   1.969   14.820  1.00 3.75  ? 65  GLN A HG3  1 
ATOM 1057 H HE21 . GLN A 1 77  ? 7.838   1.798   16.791  1.00 4.85  ? 65  GLN A HE21 1 
ATOM 1058 H HE22 . GLN A 1 77  ? 9.434   2.385   17.091  1.00 5.16  ? 65  GLN A HE22 1 
ATOM 1059 N N    . ARG A 1 78  ? 7.286   -1.623  10.973  1.00 2.88  ? 66  ARG A N    1 
ATOM 1060 C CA   . ARG A 1 78  ? 7.261   -3.021  10.555  1.00 3.05  ? 66  ARG A CA   1 
ATOM 1061 C C    . ARG A 1 78  ? 8.302   -3.295  9.477   1.00 3.07  ? 66  ARG A C    1 
ATOM 1062 O O    . ARG A 1 78  ? 8.986   -4.319  9.512   1.00 3.38  ? 66  ARG A O    1 
ATOM 1063 C CB   . ARG A 1 78  ? 5.877   -3.418  10.049  1.00 2.97  ? 66  ARG A CB   1 
ATOM 1064 C CG   . ARG A 1 78  ? 5.311   -4.635  10.766  1.00 3.36  ? 66  ARG A CG   1 
ATOM 1065 C CD   . ARG A 1 78  ? 5.388   -5.882  9.900   1.00 3.77  ? 66  ARG A CD   1 
ATOM 1066 N NE   . ARG A 1 78  ? 5.756   -7.064  10.676  1.00 4.31  ? 66  ARG A NE   1 
ATOM 1067 C CZ   . ARG A 1 78  ? 4.961   -7.635  11.578  1.00 4.78  ? 66  ARG A CZ   1 
ATOM 1068 N NH1  . ARG A 1 78  ? 3.755   -7.138  11.819  1.00 4.94  ? 66  ARG A NH1  1 
ATOM 1069 N NH2  . ARG A 1 78  ? 5.373   -8.707  12.242  1.00 5.42  ? 66  ARG A NH2  1 
ATOM 1070 H H    . ARG A 1 78  ? 6.674   -0.982  10.556  1.00 2.69  ? 66  ARG A H    1 
ATOM 1071 H HA   . ARG A 1 78  ? 7.499   -3.622  11.420  1.00 3.33  ? 66  ARG A HA   1 
ATOM 1072 H HB2  . ARG A 1 78  ? 5.202   -2.590  10.190  1.00 2.78  ? 66  ARG A HB2  1 
ATOM 1073 H HB3  . ARG A 1 78  ? 5.942   -3.640  8.995   1.00 2.91  ? 66  ARG A HB3  1 
ATOM 1074 H HG2  . ARG A 1 78  ? 5.880   -4.803  11.668  1.00 3.58  ? 66  ARG A HG2  1 
ATOM 1075 H HG3  . ARG A 1 78  ? 4.280   -4.445  11.021  1.00 3.65  ? 66  ARG A HG3  1 
ATOM 1076 H HD2  . ARG A 1 78  ? 4.424   -6.051  9.443   1.00 4.06  ? 66  ARG A HD2  1 
ATOM 1077 H HD3  . ARG A 1 78  ? 6.128   -5.725  9.129   1.00 3.94  ? 66  ARG A HD3  1 
ATOM 1078 H HE   . ARG A 1 78  ? 6.642   -7.452  10.518  1.00 4.59  ? 66  ARG A HE   1 
ATOM 1079 H HH11 . ARG A 1 78  ? 3.437   -6.329  11.323  1.00 4.71  ? 66  ARG A HH11 1 
ATOM 1080 H HH12 . ARG A 1 78  ? 3.162   -7.571  12.498  1.00 5.51  ? 66  ARG A HH12 1 
ATOM 1081 H HH21 . ARG A 1 78  ? 6.281   -9.087  12.064  1.00 5.64  ? 66  ARG A HH21 1 
ATOM 1082 H HH22 . ARG A 1 78  ? 4.776   -9.136  12.919  1.00 5.87  ? 66  ARG A HH22 1 
ATOM 1083 N N    . LEU A 1 79  ? 8.420   -2.384  8.517   1.00 2.80  ? 67  LEU A N    1 
ATOM 1084 C CA   . LEU A 1 79  ? 9.387   -2.557  7.434   1.00 2.90  ? 67  LEU A CA   1 
ATOM 1085 C C    . LEU A 1 79  ? 10.752  -1.972  7.798   1.00 3.12  ? 67  LEU A C    1 
ATOM 1086 O O    . LEU A 1 79  ? 11.552  -1.650  6.921   1.00 3.26  ? 67  LEU A O    1 
ATOM 1087 C CB   . LEU A 1 79  ? 8.866   -1.926  6.142   1.00 2.65  ? 67  LEU A CB   1 
ATOM 1088 C CG   . LEU A 1 79  ? 8.860   -0.398  6.115   1.00 2.27  ? 67  LEU A CG   1 
ATOM 1089 C CD1  . LEU A 1 79  ? 9.025   0.110   4.692   1.00 2.61  ? 67  LEU A CD1  1 
ATOM 1090 C CD2  . LEU A 1 79  ? 7.574   0.135   6.728   1.00 2.21  ? 67  LEU A CD2  1 
ATOM 1091 H H    . LEU A 1 79  ? 7.845   -1.584  8.534   1.00 2.59  ? 67  LEU A H    1 
ATOM 1092 H HA   . LEU A 1 79  ? 9.506   -3.618  7.274   1.00 3.12  ? 67  LEU A HA   1 
ATOM 1093 H HB2  . LEU A 1 79  ? 9.480   -2.276  5.325   1.00 3.00  ? 67  LEU A HB2  1 
ATOM 1094 H HB3  . LEU A 1 79  ? 7.856   -2.270  5.983   1.00 2.83  ? 67  LEU A HB3  1 
ATOM 1095 H HG   . LEU A 1 79  ? 9.689   -0.031  6.699   1.00 2.59  ? 67  LEU A HG   1 
ATOM 1096 H HD11 . LEU A 1 79  ? 9.937   -0.285  4.273   1.00 2.97  ? 67  LEU A HD11 1 
ATOM 1097 H HD12 . LEU A 1 79  ? 9.068   1.190   4.699   1.00 2.95  ? 67  LEU A HD12 1 
ATOM 1098 H HD13 . LEU A 1 79  ? 8.185   -0.212  4.095   1.00 2.91  ? 67  LEU A HD13 1 
ATOM 1099 H HD21 . LEU A 1 79  ? 6.772   -0.564  6.543   1.00 2.44  ? 67  LEU A HD21 1 
ATOM 1100 H HD22 . LEU A 1 79  ? 7.333   1.090   6.282   1.00 2.57  ? 67  LEU A HD22 1 
ATOM 1101 H HD23 . LEU A 1 79  ? 7.707   0.258   7.792   1.00 2.47  ? 67  LEU A HD23 1 
ATOM 1102 N N    . GLN A 1 80  ? 11.015  -1.848  9.097   1.00 3.25  ? 68  GLN A N    1 
ATOM 1103 C CA   . GLN A 1 80  ? 12.287  -1.316  9.582   1.00 3.55  ? 68  GLN A CA   1 
ATOM 1104 C C    . GLN A 1 80  ? 12.629  0.017   8.920   1.00 3.47  ? 68  GLN A C    1 
ATOM 1105 O O    . GLN A 1 80  ? 13.754  0.226   8.466   1.00 3.77  ? 68  GLN A O    1 
ATOM 1106 C CB   . GLN A 1 80  ? 13.409  -2.327  9.334   1.00 3.89  ? 68  GLN A CB   1 
ATOM 1107 C CG   . GLN A 1 80  ? 13.592  -3.324  10.466  1.00 4.36  ? 68  GLN A CG   1 
ATOM 1108 C CD   . GLN A 1 80  ? 14.411  -4.531  10.055  1.00 4.81  ? 68  GLN A CD   1 
ATOM 1109 O OE1  . GLN A 1 80  ? 14.710  -4.720  8.875   1.00 5.18  ? 68  GLN A OE1  1 
ATOM 1110 N NE2  . GLN A 1 80  ? 14.779  -5.357  11.027  1.00 5.18  ? 68  GLN A NE2  1 
ATOM 1111 H H    . GLN A 1 80  ? 10.342  -2.128  9.748   1.00 3.20  ? 68  GLN A H    1 
ATOM 1112 H HA   . GLN A 1 80  ? 12.192  -1.158  10.646  1.00 3.67  ? 68  GLN A HA   1 
ATOM 1113 H HB2  . GLN A 1 80  ? 13.189  -2.877  8.431   1.00 3.87  ? 68  GLN A HB2  1 
ATOM 1114 H HB3  . GLN A 1 80  ? 14.338  -1.791  9.202   1.00 4.02  ? 68  GLN A HB3  1 
ATOM 1115 H HG2  . GLN A 1 80  ? 14.094  -2.831  11.285  1.00 4.62  ? 68  GLN A HG2  1 
ATOM 1116 H HG3  . GLN A 1 80  ? 12.619  -3.661  10.792  1.00 4.54  ? 68  GLN A HG3  1 
ATOM 1117 H HE21 . GLN A 1 80  ? 14.504  -5.144  11.944  1.00 5.19  ? 68  GLN A HE21 1 
ATOM 1118 H HE22 . GLN A 1 80  ? 15.309  -6.146  10.789  1.00 5.65  ? 68  GLN A HE22 1 
ATOM 1119 N N    . ILE A 1 81  ? 11.656  0.920   8.875   1.00 3.15  ? 69  ILE A N    1 
ATOM 1120 C CA   . ILE A 1 81  ? 11.865  2.233   8.276   1.00 3.14  ? 69  ILE A CA   1 
ATOM 1121 C C    . ILE A 1 81  ? 11.739  3.343   9.319   1.00 3.24  ? 69  ILE A C    1 
ATOM 1122 O O    . ILE A 1 81  ? 12.448  4.347   9.257   1.00 3.67  ? 69  ILE A O    1 
ATOM 1123 C CB   . ILE A 1 81  ? 10.871  2.492   7.119   1.00 2.81  ? 69  ILE A CB   1 
ATOM 1124 C CG1  . ILE A 1 81  ? 11.043  3.906   6.558   1.00 2.90  ? 69  ILE A CG1  1 
ATOM 1125 C CG2  . ILE A 1 81  ? 9.443   2.279   7.587   1.00 2.49  ? 69  ILE A CG2  1 
ATOM 1126 C CD1  . ILE A 1 81  ? 12.472  4.248   6.194   1.00 3.34  ? 69  ILE A CD1  1 
ATOM 1127 H H    . ILE A 1 81  ? 10.781  0.700   9.257   1.00 2.98  ? 69  ILE A H    1 
ATOM 1128 H HA   . ILE A 1 81  ? 12.865  2.254   7.870   1.00 3.40  ? 69  ILE A HA   1 
ATOM 1129 H HB   . ILE A 1 81  ? 11.075  1.776   6.338   1.00 2.88  ? 69  ILE A HB   1 
ATOM 1130 H HG12 . ILE A 1 81  ? 10.442  4.006   5.666   1.00 2.93  ? 69  ILE A HG12 1 
ATOM 1131 H HG13 . ILE A 1 81  ? 10.708  4.619   7.294   1.00 3.13  ? 69  ILE A HG13 1 
ATOM 1132 H HG21 . ILE A 1 81  ? 9.346   1.285   8.001   1.00 2.63  ? 69  ILE A HG21 1 
ATOM 1133 H HG22 . ILE A 1 81  ? 8.769   2.386   6.749   1.00 2.55  ? 69  ILE A HG22 1 
ATOM 1134 H HG23 . ILE A 1 81  ? 9.196   3.009   8.343   1.00 2.72  ? 69  ILE A HG23 1 
ATOM 1135 H HD11 . ILE A 1 81  ? 12.864  4.960   6.904   1.00 3.63  ? 69  ILE A HD11 1 
ATOM 1136 H HD12 . ILE A 1 81  ? 12.498  4.675   5.202   1.00 3.64  ? 69  ILE A HD12 1 
ATOM 1137 H HD13 . ILE A 1 81  ? 13.074  3.350   6.215   1.00 3.67  ? 69  ILE A HD13 1 
ATOM 1138 N N    . SER A 1 82  ? 10.836  3.154   10.278  1.00 3.13  ? 70  SER A N    1 
ATOM 1139 C CA   . SER A 1 82  ? 10.620  4.139   11.337  1.00 3.28  ? 70  SER A CA   1 
ATOM 1140 C C    . SER A 1 82  ? 10.496  5.546   10.761  1.00 3.19  ? 70  SER A C    1 
ATOM 1141 O O    . SER A 1 82  ? 10.947  6.519   11.364  1.00 3.48  ? 70  SER A O    1 
ATOM 1142 C CB   . SER A 1 82  ? 11.769  4.091   12.348  1.00 3.75  ? 70  SER A CB   1 
ATOM 1143 O OG   . SER A 1 82  ? 11.572  5.031   13.389  1.00 4.02  ? 70  SER A OG   1 
ATOM 1144 H H    . SER A 1 82  ? 10.302  2.333   10.276  1.00 3.17  ? 70  SER A H    1 
ATOM 1145 H HA   . SER A 1 82  ? 9.699   3.886   11.842  1.00 3.18  ? 70  SER A HA   1 
ATOM 1146 H HB2  . SER A 1 82  ? 11.825  3.102   12.778  1.00 3.95  ? 70  SER A HB2  1 
ATOM 1147 H HB3  . SER A 1 82  ? 12.697  4.318   11.845  1.00 4.00  ? 70  SER A HB3  1 
ATOM 1148 H HG   . SER A 1 82  ? 11.087  4.617   14.107  1.00 4.29  ? 70  SER A HG   1 
ATOM 1149 N N    . ASP A 1 83  ? 9.885   5.641   9.586   1.00 2.87  ? 71  ASP A N    1 
ATOM 1150 C CA   . ASP A 1 83  ? 9.702   6.922   8.917   1.00 2.84  ? 71  ASP A CA   1 
ATOM 1151 C C    . ASP A 1 83  ? 8.262   7.074   8.435   1.00 2.53  ? 71  ASP A C    1 
ATOM 1152 O O    . ASP A 1 83  ? 7.997   7.021   7.237   1.00 2.29  ? 71  ASP A O    1 
ATOM 1153 C CB   . ASP A 1 83  ? 10.673  7.028   7.735   1.00 2.83  ? 71  ASP A CB   1 
ATOM 1154 C CG   . ASP A 1 83  ? 11.302  8.402   7.623   1.00 3.20  ? 71  ASP A CG   1 
ATOM 1155 O OD1  . ASP A 1 83  ? 11.745  8.939   8.660   1.00 3.50  ? 71  ASP A OD1  1 
ATOM 1156 O OD2  . ASP A 1 83  ? 11.352  8.943   6.498   1.00 3.61  ? 71  ASP A OD2  1 
ATOM 1157 H H    . ASP A 1 83  ? 9.552   4.826   9.155   1.00 2.70  ? 71  ASP A H    1 
ATOM 1158 H HA   . ASP A 1 83  ? 9.921   7.704   9.626   1.00 3.13  ? 71  ASP A HA   1 
ATOM 1159 H HB2  . ASP A 1 83  ? 11.460  6.299   7.861   1.00 2.89  ? 71  ASP A HB2  1 
ATOM 1160 H HB3  . ASP A 1 83  ? 10.143  6.817   6.819   1.00 2.63  ? 71  ASP A HB3  1 
ATOM 1161 N N    . TYR A 1 84  ? 7.338   7.256   9.386   1.00 2.58  ? 72  TYR A N    1 
ATOM 1162 C CA   . TYR A 1 84  ? 5.904   7.405   9.096   1.00 2.37  ? 72  TYR A CA   1 
ATOM 1163 C C    . TYR A 1 84  ? 5.640   8.188   7.810   1.00 2.29  ? 72  TYR A C    1 
ATOM 1164 O O    . TYR A 1 84  ? 4.628   7.975   7.137   1.00 2.06  ? 72  TYR A O    1 
ATOM 1165 C CB   . TYR A 1 84  ? 5.191   8.082   10.269  1.00 2.62  ? 72  TYR A CB   1 
ATOM 1166 C CG   . TYR A 1 84  ? 6.050   9.074   11.021  1.00 3.07  ? 72  TYR A CG   1 
ATOM 1167 C CD1  . TYR A 1 84  ? 6.231   10.367  10.547  1.00 3.59  ? 72  TYR A CD1  1 
ATOM 1168 C CD2  . TYR A 1 84  ? 6.683   8.715   12.205  1.00 3.49  ? 72  TYR A CD2  1 
ATOM 1169 C CE1  . TYR A 1 84  ? 7.016   11.275  11.232  1.00 4.15  ? 72  TYR A CE1  1 
ATOM 1170 C CE2  . TYR A 1 84  ? 7.470   9.618   12.896  1.00 4.04  ? 72  TYR A CE2  1 
ATOM 1171 C CZ   . TYR A 1 84  ? 7.633   10.895  12.404  1.00 4.24  ? 72  TYR A CZ   1 
ATOM 1172 O OH   . TYR A 1 84  ? 8.416   11.796  13.089  1.00 4.91  ? 72  TYR A OH   1 
ATOM 1173 H H    . TYR A 1 84  ? 7.628   7.283   10.319  1.00 2.81  ? 72  TYR A H    1 
ATOM 1174 H HA   . TYR A 1 84  ? 5.494   6.413   8.979   1.00 2.16  ? 72  TYR A HA   1 
ATOM 1175 H HB2  . TYR A 1 84  ? 4.327   8.611   9.896   1.00 2.71  ? 72  TYR A HB2  1 
ATOM 1176 H HB3  . TYR A 1 84  ? 4.868   7.322   10.966  1.00 2.61  ? 72  TYR A HB3  1 
ATOM 1177 H HD1  . TYR A 1 84  ? 5.746   10.662  9.628   1.00 3.85  ? 72  TYR A HD1  1 
ATOM 1178 H HD2  . TYR A 1 84  ? 6.552   7.713   12.587  1.00 3.70  ? 72  TYR A HD2  1 
ATOM 1179 H HE1  . TYR A 1 84  ? 7.145   12.276  10.847  1.00 4.77  ? 72  TYR A HE1  1 
ATOM 1180 H HE2  . TYR A 1 84  ? 7.952   9.319   13.815  1.00 4.58  ? 72  TYR A HE2  1 
ATOM 1181 H HH   . TYR A 1 84  ? 9.295   11.429  13.211  1.00 5.17  ? 72  TYR A HH   1 
ATOM 1182 N N    . GLN A 1 85  ? 6.543   9.092   7.468   1.00 2.57  ? 73  GLN A N    1 
ATOM 1183 C CA   . GLN A 1 85  ? 6.388   9.889   6.269   1.00 2.60  ? 73  GLN A CA   1 
ATOM 1184 C C    . GLN A 1 85  ? 6.571   9.023   5.017   1.00 2.33  ? 73  GLN A C    1 
ATOM 1185 O O    . GLN A 1 85  ? 5.811   9.132   4.047   1.00 2.24  ? 73  GLN A O    1 
ATOM 1186 C CB   . GLN A 1 85  ? 7.380   11.053  6.318   1.00 3.01  ? 73  GLN A CB   1 
ATOM 1187 C CG   . GLN A 1 85  ? 8.660   10.840  5.527   1.00 3.43  ? 73  GLN A CG   1 
ATOM 1188 C CD   . GLN A 1 85  ? 8.567   11.408  4.122   1.00 3.54  ? 73  GLN A CD   1 
ATOM 1189 O OE1  . GLN A 1 85  ? 8.690   12.615  3.917   1.00 3.85  ? 73  GLN A OE1  1 
ATOM 1190 N NE2  . GLN A 1 85  ? 8.349   10.533  3.145   1.00 3.35  ? 73  GLN A NE2  1 
ATOM 1191 H H    . GLN A 1 85  ? 7.333   9.231   8.034   1.00 2.79  ? 73  GLN A H    1 
ATOM 1192 H HA   . GLN A 1 85  ? 5.384   10.286  6.269   1.00 2.60  ? 73  GLN A HA   1 
ATOM 1193 H HB2  . GLN A 1 85  ? 6.895   11.938  5.942   1.00 3.28  ? 73  GLN A HB2  1 
ATOM 1194 H HB3  . GLN A 1 85  ? 7.652   11.215  7.355   1.00 3.23  ? 73  GLN A HB3  1 
ATOM 1195 H HG2  . GLN A 1 85  ? 9.466   11.324  6.050   1.00 3.87  ? 73  GLN A HG2  1 
ATOM 1196 H HG3  . GLN A 1 85  ? 8.864   9.785   5.461   1.00 3.61  ? 73  GLN A HG3  1 
ATOM 1197 H HE21 . GLN A 1 85  ? 8.268   9.590   3.384   1.00 3.18  ? 73  GLN A HE21 1 
ATOM 1198 H HE22 . GLN A 1 85  ? 8.264   10.868  2.230   1.00 3.45  ? 73  GLN A HE22 1 
ATOM 1199 N N    . GLN A 1 86  ? 7.556   8.131   5.055   1.00 2.24  ? 74  GLN A N    1 
ATOM 1200 C CA   . GLN A 1 86  ? 7.802   7.238   3.940   1.00 2.02  ? 74  GLN A CA   1 
ATOM 1201 C C    . GLN A 1 86  ? 6.620   6.312   3.787   1.00 1.66  ? 74  GLN A C    1 
ATOM 1202 O O    . GLN A 1 86  ? 6.311   5.855   2.690   1.00 1.50  ? 74  GLN A O    1 
ATOM 1203 C CB   . GLN A 1 86  ? 9.083   6.430   4.156   1.00 2.13  ? 74  GLN A CB   1 
ATOM 1204 C CG   . GLN A 1 86  ? 10.306  7.041   3.493   1.00 2.56  ? 74  GLN A CG   1 
ATOM 1205 C CD   . GLN A 1 86  ? 10.307  6.853   1.989   1.00 2.88  ? 74  GLN A CD   1 
ATOM 1206 O OE1  . GLN A 1 86  ? 9.258   6.667   1.373   1.00 3.20  ? 74  GLN A OE1  1 
ATOM 1207 N NE2  . GLN A 1 86  ? 11.491  6.898   1.387   1.00 3.45  ? 74  GLN A NE2  1 
ATOM 1208 H H    . GLN A 1 86  ? 8.106   8.049   5.862   1.00 2.38  ? 74  GLN A H    1 
ATOM 1209 H HA   . GLN A 1 86  ? 7.900   7.833   3.044   1.00 2.12  ? 74  GLN A HA   1 
ATOM 1210 H HB2  . GLN A 1 86  ? 9.272   6.356   5.216   1.00 2.35  ? 74  GLN A HB2  1 
ATOM 1211 H HB3  . GLN A 1 86  ? 8.941   5.438   3.756   1.00 2.11  ? 74  GLN A HB3  1 
ATOM 1212 H HG2  . GLN A 1 86  ? 10.328  8.098   3.709   1.00 2.98  ? 74  GLN A HG2  1 
ATOM 1213 H HG3  . GLN A 1 86  ? 11.192  6.573   3.901   1.00 2.89  ? 74  GLN A HG3  1 
ATOM 1214 H HE21 . GLN A 1 86  ? 12.285  7.049   1.940   1.00 3.70  ? 74  GLN A HE21 1 
ATOM 1215 H HE22 . GLN A 1 86  ? 11.520  6.780   0.415   1.00 3.91  ? 74  GLN A HE22 1 
ATOM 1216 N N    . LEU A 1 87  ? 5.953   6.052   4.905   1.00 1.60  ? 75  LEU A N    1 
ATOM 1217 C CA   . LEU A 1 87  ? 4.800   5.194   4.915   1.00 1.37  ? 75  LEU A CA   1 
ATOM 1218 C C    . LEU A 1 87  ? 3.746   5.705   3.973   1.00 1.33  ? 75  LEU A C    1 
ATOM 1219 O O    . LEU A 1 87  ? 3.457   5.076   2.964   1.00 1.23  ? 75  LEU A O    1 
ATOM 1220 C CB   . LEU A 1 87  ? 4.266   5.067   6.315   1.00 1.50  ? 75  LEU A CB   1 
ATOM 1221 C CG   . LEU A 1 87  ? 5.145   4.211   7.192   1.00 1.62  ? 75  LEU A CG   1 
ATOM 1222 C CD1  . LEU A 1 87  ? 5.241   2.821   6.603   1.00 1.63  ? 75  LEU A CD1  1 
ATOM 1223 C CD2  . LEU A 1 87  ? 6.529   4.811   7.318   1.00 1.89  ? 75  LEU A CD2  1 
ATOM 1224 H H    . LEU A 1 87  ? 6.244   6.455   5.749   1.00 1.79  ? 75  LEU A H    1 
ATOM 1225 H HA   . LEU A 1 87  ? 5.120   4.222   4.584   1.00 1.27  ? 75  LEU A HA   1 
ATOM 1226 H HB2  . LEU A 1 87  ? 4.182   6.050   6.750   1.00 1.78  ? 75  LEU A HB2  1 
ATOM 1227 H HB3  . LEU A 1 87  ? 3.290   4.616   6.272   1.00 1.53  ? 75  LEU A HB3  1 
ATOM 1228 H HG   . LEU A 1 87  ? 4.709   4.158   8.160   1.00 1.82  ? 75  LEU A HG   1 
ATOM 1229 H HD11 . LEU A 1 87  ? 5.262   2.094   7.393   1.00 1.91  ? 75  LEU A HD11 1 
ATOM 1230 H HD12 . LEU A 1 87  ? 6.148   2.748   6.019   1.00 1.99  ? 75  LEU A HD12 1 
ATOM 1231 H HD13 . LEU A 1 87  ? 4.386   2.642   5.962   1.00 1.92  ? 75  LEU A HD13 1 
ATOM 1232 H HD21 . LEU A 1 87  ? 7.084   4.630   6.409   1.00 2.19  ? 75  LEU A HD21 1 
ATOM 1233 H HD22 . LEU A 1 87  ? 7.048   4.367   8.150   1.00 2.21  ? 75  LEU A HD22 1 
ATOM 1234 H HD23 . LEU A 1 87  ? 6.439   5.868   7.473   1.00 2.27  ? 75  LEU A HD23 1 
ATOM 1235 N N    . GLU A 1 88  ? 3.176   6.860   4.256   1.00 1.56  ? 76  GLU A N    1 
ATOM 1236 C CA   . GLU A 1 88  ? 2.183   7.371   3.329   1.00 1.67  ? 76  GLU A CA   1 
ATOM 1237 C C    . GLU A 1 88  ? 2.786   7.534   1.942   1.00 1.69  ? 76  GLU A C    1 
ATOM 1238 O O    . GLU A 1 88  ? 2.060   7.633   0.954   1.00 1.80  ? 76  GLU A O    1 
ATOM 1239 C CB   . GLU A 1 88  ? 1.546   8.672   3.748   1.00 2.00  ? 76  GLU A CB   1 
ATOM 1240 C CG   . GLU A 1 88  ? 0.217   8.839   3.036   1.00 2.15  ? 76  GLU A CG   1 
ATOM 1241 C CD   . GLU A 1 88  ? -0.410  10.203  3.252   1.00 2.53  ? 76  GLU A CD   1 
ATOM 1242 O OE1  . GLU A 1 88  ? 0.337   11.157  3.558   1.00 2.94  ? 76  GLU A OE1  1 
ATOM 1243 O OE2  . GLU A 1 88  ? -1.645  10.317  3.113   1.00 2.85  ? 76  GLU A OE2  1 
ATOM 1244 H H    . GLU A 1 88  ? 3.435   7.361   5.066   1.00 1.72  ? 76  GLU A H    1 
ATOM 1245 H HA   . GLU A 1 88  ? 1.408   6.620   3.262   1.00 1.58  ? 76  GLU A HA   1 
ATOM 1246 H HB2  . GLU A 1 88  ? 1.387   8.674   4.816   1.00 2.03  ? 76  GLU A HB2  1 
ATOM 1247 H HB3  . GLU A 1 88  ? 2.189   9.494   3.473   1.00 2.20  ? 76  GLU A HB3  1 
ATOM 1248 H HG2  . GLU A 1 88  ? 0.385   8.689   1.980   1.00 2.15  ? 76  GLU A HG2  1 
ATOM 1249 H HG3  . GLU A 1 88  ? -0.463  8.074   3.385   1.00 2.07  ? 76  GLU A HG3  1 
ATOM 1250 N N    . SER A 1 89  ? 4.113   7.492   1.854   1.00 1.68  ? 77  SER A N    1 
ATOM 1251 C CA   . SER A 1 89  ? 4.764   7.562   0.563   1.00 1.78  ? 77  SER A CA   1 
ATOM 1252 C C    . SER A 1 89  ? 4.454   6.246   -0.116  1.00 1.54  ? 77  SER A C    1 
ATOM 1253 O O    . SER A 1 89  ? 4.248   6.159   -1.325  1.00 1.66  ? 77  SER A O    1 
ATOM 1254 C CB   . SER A 1 89  ? 6.274   7.757   0.715   1.00 1.94  ? 77  SER A CB   1 
ATOM 1255 O OG   . SER A 1 89  ? 6.793   8.557   -0.334  1.00 2.34  ? 77  SER A OG   1 
ATOM 1256 H H    . SER A 1 89  ? 4.653   7.347   2.658   1.00 1.67  ? 77  SER A H    1 
ATOM 1257 H HA   . SER A 1 89  ? 4.333   8.377   0.000   1.00 1.99  ? 77  SER A HA   1 
ATOM 1258 H HB2  . SER A 1 89  ? 6.480   8.243   1.655   1.00 2.12  ? 77  SER A HB2  1 
ATOM 1259 H HB3  . SER A 1 89  ? 6.763   6.794   0.692   1.00 1.94  ? 77  SER A HB3  1 
ATOM 1260 H HG   . SER A 1 89  ? 7.647   8.911   -0.074  1.00 2.59  ? 77  SER A HG   1 
ATOM 1261 N N    . ILE A 1 90  ? 4.362   5.232   0.729   1.00 1.29  ? 78  ILE A N    1 
ATOM 1262 C CA   . ILE A 1 90  ? 4.017   3.901   0.315   1.00 1.18  ? 78  ILE A CA   1 
ATOM 1263 C C    . ILE A 1 90  ? 2.549   3.852   -0.029  1.00 1.31  ? 78  ILE A C    1 
ATOM 1264 O O    . ILE A 1 90  ? 2.146   3.474   -1.131  1.00 1.48  ? 78  ILE A O    1 
ATOM 1265 C CB   . ILE A 1 90  ? 4.271   2.863   1.458   1.00 1.13  ? 78  ILE A CB   1 
ATOM 1266 C CG1  . ILE A 1 90  ? 2.999   2.600   2.298   1.00 1.27  ? 78  ILE A CG1  1 
ATOM 1267 C CG2  . ILE A 1 90  ? 5.382   3.303   2.379   1.00 1.52  ? 78  ILE A CG2  1 
ATOM 1268 C CD1  . ILE A 1 90  ? 2.830   1.164   2.695   1.00 1.96  ? 78  ILE A CD1  1 
ATOM 1269 H H    . ILE A 1 90  ? 4.495   5.401   1.681   1.00 1.28  ? 78  ILE A H    1 
ATOM 1270 H HA   . ILE A 1 90  ? 4.605   3.639   -0.547  1.00 1.26  ? 78  ILE A HA   1 
ATOM 1271 H HB   . ILE A 1 90  ? 4.578   1.948   1.002   1.00 1.45  ? 78  ILE A HB   1 
ATOM 1272 H HG12 . ILE A 1 90  ? 3.010   3.205   3.204   1.00 1.21  ? 78  ILE A HG12 1 
ATOM 1273 H HG13 . ILE A 1 90  ? 2.145   2.876   1.727   1.00 1.67  ? 78  ILE A HG13 1 
ATOM 1274 H HG21 . ILE A 1 90  ? 5.928   4.109   1.926   1.00 2.02  ? 78  ILE A HG21 1 
ATOM 1275 H HG22 . ILE A 1 90  ? 6.044   2.474   2.569   1.00 1.89  ? 78  ILE A HG22 1 
ATOM 1276 H HG23 . ILE A 1 90  ? 4.947   3.635   3.309   1.00 1.98  ? 78  ILE A HG23 1 
ATOM 1277 H HD11 . ILE A 1 90  ? 2.064   0.708   2.085   1.00 2.46  ? 78  ILE A HD11 1 
ATOM 1278 H HD12 . ILE A 1 90  ? 2.545   1.109   3.734   1.00 2.36  ? 78  ILE A HD12 1 
ATOM 1279 H HD13 . ILE A 1 90  ? 3.762   0.652   2.544   1.00 2.37  ? 78  ILE A HD13 1 
ATOM 1280 N N    . TYR A 1 91  ? 1.761   4.213   0.974   1.00 1.35  ? 79  TYR A N    1 
ATOM 1281 C CA   . TYR A 1 91  ? 0.336   4.184   0.880   1.00 1.63  ? 79  TYR A CA   1 
ATOM 1282 C C    . TYR A 1 91  ? -0.142  5.109   -0.192  1.00 1.84  ? 79  TYR A C    1 
ATOM 1283 O O    . TYR A 1 91  ? -0.741  4.691   -1.178  1.00 2.07  ? 79  TYR A O    1 
ATOM 1284 C CB   . TYR A 1 91  ? -0.284  4.545   2.235   1.00 1.79  ? 79  TYR A CB   1 
ATOM 1285 C CG   . TYR A 1 91  ? -1.736  4.129   2.385   1.00 2.39  ? 79  TYR A CG   1 
ATOM 1286 C CD1  . TYR A 1 91  ? -2.623  4.200   1.318   1.00 3.03  ? 79  TYR A CD1  1 
ATOM 1287 C CD2  . TYR A 1 91  ? -2.224  3.671   3.604   1.00 2.96  ? 79  TYR A CD2  1 
ATOM 1288 C CE1  . TYR A 1 91  ? -3.945  3.831   1.458   1.00 3.75  ? 79  TYR A CE1  1 
ATOM 1289 C CE2  . TYR A 1 91  ? -3.548  3.300   3.749   1.00 3.68  ? 79  TYR A CE2  1 
ATOM 1290 C CZ   . TYR A 1 91  ? -4.402  3.382   2.674   1.00 3.93  ? 79  TYR A CZ   1 
ATOM 1291 O OH   . TYR A 1 91  ? -5.720  3.014   2.816   1.00 4.76  ? 79  TYR A OH   1 
ATOM 1292 H H    . TYR A 1 91  ? 2.168   4.490   1.823   1.00 1.28  ? 79  TYR A H    1 
ATOM 1293 H HA   . TYR A 1 91  ? 0.050   3.192   0.637   1.00 1.73  ? 79  TYR A HA   1 
ATOM 1294 H HB2  . TYR A 1 91  ? 0.278   4.056   3.016   1.00 1.85  ? 79  TYR A HB2  1 
ATOM 1295 H HB3  . TYR A 1 91  ? -0.223  5.613   2.378   1.00 1.82  ? 79  TYR A HB3  1 
ATOM 1296 H HD1  . TYR A 1 91  ? -2.268  4.547   0.367   1.00 3.31  ? 79  TYR A HD1  1 
ATOM 1297 H HD2  . TYR A 1 91  ? -1.553  3.607   4.447   1.00 3.20  ? 79  TYR A HD2  1 
ATOM 1298 H HE1  . TYR A 1 91  ? -4.614  3.894   0.613   1.00 4.44  ? 79  TYR A HE1  1 
ATOM 1299 H HE2  . TYR A 1 91  ? -3.909  2.948   4.700   1.00 4.33  ? 79  TYR A HE2  1 
ATOM 1300 H HH   . TYR A 1 91  ? -6.275  3.798   2.808   1.00 5.02  ? 79  TYR A HH   1 
ATOM 1301 N N    . PHE A 1 92  ? 0.111   6.367   0.028   1.00 1.90  ? 80  PHE A N    1 
ATOM 1302 C CA   . PHE A 1 92  ? -0.341  7.390   -0.898  1.00 2.27  ? 80  PHE A CA   1 
ATOM 1303 C C    . PHE A 1 92  ? 0.529   7.584   -2.127  1.00 2.31  ? 80  PHE A C    1 
ATOM 1304 O O    . PHE A 1 92  ? -0.009  7.752   -3.227  1.00 2.60  ? 80  PHE A O    1 
ATOM 1305 C CB   . PHE A 1 92  ? -0.491  8.730   -0.174  1.00 2.54  ? 80  PHE A CB   1 
ATOM 1306 C CG   . PHE A 1 92  ? -1.364  9.729   -0.893  1.00 2.97  ? 80  PHE A CG   1 
ATOM 1307 C CD1  . PHE A 1 92  ? -1.026  10.194  -2.156  1.00 3.38  ? 80  PHE A CD1  1 
ATOM 1308 C CD2  . PHE A 1 92  ? -2.524  10.206  -0.300  1.00 3.42  ? 80  PHE A CD2  1 
ATOM 1309 C CE1  . PHE A 1 92  ? -1.827  11.110  -2.812  1.00 3.80  ? 80  PHE A CE1  1 
ATOM 1310 C CE2  . PHE A 1 92  ? -3.328  11.122  -0.952  1.00 3.85  ? 80  PHE A CE2  1 
ATOM 1311 C CZ   . PHE A 1 92  ? -2.979  11.574  -2.208  1.00 3.87  ? 80  PHE A CZ   1 
ATOM 1312 H H    . PHE A 1 92  ? 0.594   6.617   0.856   1.00 1.79  ? 80  PHE A H    1 
ATOM 1313 H HA   . PHE A 1 92  ? -1.307  7.091   -1.234  1.00 2.46  ? 80  PHE A HA   1 
ATOM 1314 H HB2  . PHE A 1 92  ? -0.928  8.557   0.796   1.00 2.57  ? 80  PHE A HB2  1 
ATOM 1315 H HB3  . PHE A 1 92  ? 0.485   9.174   -0.047  1.00 2.51  ? 80  PHE A HB3  1 
ATOM 1316 H HD1  . PHE A 1 92  ? -0.127  9.836   -2.631  1.00 3.66  ? 80  PHE A HD1  1 
ATOM 1317 H HD2  . PHE A 1 92  ? -2.799  9.855   0.683   1.00 3.72  ? 80  PHE A HD2  1 
ATOM 1318 H HE1  . PHE A 1 92  ? -1.551  11.464  -3.793  1.00 4.32  ? 80  PHE A HE1  1 
ATOM 1319 H HE2  . PHE A 1 92  ? -4.228  11.483  -0.478  1.00 4.42  ? 80  PHE A HE2  1 
ATOM 1320 H HZ   . PHE A 1 92  ? -3.605  12.291  -2.719  1.00 4.24  ? 80  PHE A HZ   1 
ATOM 1321 N N    . ARG A 1 93  ? 1.847   7.640   -1.955  1.00 2.15  ? 81  ARG A N    1 
ATOM 1322 C CA   . ARG A 1 93  ? 2.714   7.946   -3.082  1.00 2.35  ? 81  ARG A CA   1 
ATOM 1323 C C    . ARG A 1 93  ? 2.986   6.786   -4.027  1.00 2.21  ? 81  ARG A C    1 
ATOM 1324 O O    . ARG A 1 93  ? 3.557   6.999   -5.098  1.00 2.41  ? 81  ARG A O    1 
ATOM 1325 C CB   . ARG A 1 93  ? 4.007   8.582   -2.581  1.00 2.57  ? 81  ARG A CB   1 
ATOM 1326 C CG   . ARG A 1 93  ? 3.809   9.963   -1.955  1.00 3.30  ? 81  ARG A CG   1 
ATOM 1327 C CD   . ARG A 1 93  ? 2.456   10.102  -1.250  1.00 3.60  ? 81  ARG A CD   1 
ATOM 1328 N NE   . ARG A 1 93  ? 2.270   11.431  -0.676  1.00 4.20  ? 81  ARG A NE   1 
ATOM 1329 C CZ   . ARG A 1 93  ? 2.784   11.815  0.491   1.00 4.76  ? 81  ARG A CZ   1 
ATOM 1330 N NH1  . ARG A 1 93  ? 3.524   10.977  1.206   1.00 5.03  ? 81  ARG A NH1  1 
ATOM 1331 N NH2  . ARG A 1 93  ? 2.558   13.040  0.943   1.00 5.38  ? 81  ARG A NH2  1 
ATOM 1332 H H    . ARG A 1 93  ? 2.241   7.532   -1.051  1.00 1.98  ? 81  ARG A H    1 
ATOM 1333 H HA   . ARG A 1 93  ? 2.195   8.699   -3.656  1.00 2.73  ? 81  ARG A HA   1 
ATOM 1334 H HB2  . ARG A 1 93  ? 4.456   7.941   -1.846  1.00 2.34  ? 81  ARG A HB2  1 
ATOM 1335 H HB3  . ARG A 1 93  ? 4.682   8.684   -3.410  1.00 2.71  ? 81  ARG A HB3  1 
ATOM 1336 H HG2  . ARG A 1 93  ? 4.593   10.133  -1.233  1.00 3.51  ? 81  ARG A HG2  1 
ATOM 1337 H HG3  . ARG A 1 93  ? 3.872   10.709  -2.735  1.00 3.63  ? 81  ARG A HG3  1 
ATOM 1338 H HD2  . ARG A 1 93  ? 1.664   9.916   -1.965  1.00 3.74  ? 81  ARG A HD2  1 
ATOM 1339 H HD3  . ARG A 1 93  ? 2.396   9.366   -0.459  1.00 3.46  ? 81  ARG A HD3  1 
ATOM 1340 H HE   . ARG A 1 93  ? 1.731   12.072  -1.184  1.00 4.43  ? 81  ARG A HE   1 
ATOM 1341 H HH11 . ARG A 1 93  ? 3.701   10.052  0.870   1.00 4.76  ? 81  ARG A HH11 1 
ATOM 1342 H HH12 . ARG A 1 93  ? 3.907   11.271  2.081   1.00 5.68  ? 81  ARG A HH12 1 
ATOM 1343 H HH21 . ARG A 1 93  ? 2.002   13.677  0.408   1.00 5.50  ? 81  ARG A HH21 1 
ATOM 1344 H HH22 . ARG A 1 93  ? 2.944   13.328  1.820   1.00 5.89  ? 81  ARG A HH22 1 
ATOM 1345 N N    . ILE A 1 94  ? 2.570   5.577   -3.682  1.00 2.03  ? 82  ILE A N    1 
ATOM 1346 C CA   . ILE A 1 94  ? 2.787   4.461   -4.586  1.00 2.12  ? 82  ILE A CA   1 
ATOM 1347 C C    . ILE A 1 94  ? 1.461   3.882   -5.069  1.00 2.25  ? 82  ILE A C    1 
ATOM 1348 O O    . ILE A 1 94  ? 1.302   3.611   -6.256  1.00 2.49  ? 82  ILE A O    1 
ATOM 1349 C CB   . ILE A 1 94  ? 3.672   3.368   -3.955  1.00 2.16  ? 82  ILE A CB   1 
ATOM 1350 C CG1  . ILE A 1 94  ? 5.022   3.969   -3.577  1.00 2.25  ? 82  ILE A CG1  1 
ATOM 1351 C CG2  . ILE A 1 94  ? 3.876   2.212   -4.925  1.00 2.45  ? 82  ILE A CG2  1 
ATOM 1352 C CD1  . ILE A 1 94  ? 5.894   3.032   -2.772  1.00 2.60  ? 82  ILE A CD1  1 
ATOM 1353 H H    . ILE A 1 94  ? 2.100   5.435   -2.830  1.00 1.98  ? 82  ILE A H    1 
ATOM 1354 H HA   . ILE A 1 94  ? 3.312   4.846   -5.449  1.00 2.31  ? 82  ILE A HA   1 
ATOM 1355 H HB   . ILE A 1 94  ? 3.185   2.993   -3.069  1.00 2.25  ? 82  ILE A HB   1 
ATOM 1356 H HG12 . ILE A 1 94  ? 5.554   4.227   -4.486  1.00 2.35  ? 82  ILE A HG12 1 
ATOM 1357 H HG13 . ILE A 1 94  ? 4.861   4.862   -2.993  1.00 2.32  ? 82  ILE A HG13 1 
ATOM 1358 H HG21 . ILE A 1 94  ? 3.637   2.536   -5.927  1.00 2.82  ? 82  ILE A HG21 1 
ATOM 1359 H HG22 . ILE A 1 94  ? 3.234   1.392   -4.650  1.00 2.66  ? 82  ILE A HG22 1 
ATOM 1360 H HG23 . ILE A 1 94  ? 4.906   1.888   -4.889  1.00 2.76  ? 82  ILE A HG23 1 
ATOM 1361 H HD11 . ILE A 1 94  ? 6.405   3.590   -2.001  1.00 2.89  ? 82  ILE A HD11 1 
ATOM 1362 H HD12 . ILE A 1 94  ? 6.620   2.567   -3.422  1.00 2.88  ? 82  ILE A HD12 1 
ATOM 1363 H HD13 . ILE A 1 94  ? 5.278   2.271   -2.316  1.00 2.92  ? 82  ILE A HD13 1 
ATOM 1364 N N    . LEU A 1 95  ? 0.497   3.719   -4.164  1.00 2.23  ? 83  LEU A N    1 
ATOM 1365 C CA   . LEU A 1 95  ? -0.804  3.187   -4.553  1.00 2.50  ? 83  LEU A CA   1 
ATOM 1366 C C    . LEU A 1 95  ? -1.882  3.540   -3.540  1.00 2.53  ? 83  LEU A C    1 
ATOM 1367 O O    . LEU A 1 95  ? -2.545  2.647   -3.022  1.00 2.64  ? 83  LEU A O    1 
ATOM 1368 C CB   . LEU A 1 95  ? -0.745  1.664   -4.709  1.00 2.78  ? 83  LEU A CB   1 
ATOM 1369 C CG   . LEU A 1 95  ? -0.336  0.879   -3.458  1.00 2.91  ? 83  LEU A CG   1 
ATOM 1370 C CD1  . LEU A 1 95  ? -0.452  -0.616  -3.713  1.00 3.04  ? 83  LEU A CD1  1 
ATOM 1371 C CD2  . LEU A 1 95  ? 1.078   1.238   -3.026  1.00 3.51  ? 83  LEU A CD2  1 
ATOM 1372 H H    . LEU A 1 95  ? 0.657   3.971   -3.226  1.00 2.13  ? 83  LEU A H    1 
ATOM 1373 H HA   . LEU A 1 95  ? -1.061  3.614   -5.505  1.00 2.73  ? 83  LEU A HA   1 
ATOM 1374 H HB2  . LEU A 1 95  ? -1.724  1.322   -5.011  1.00 3.20  ? 83  LEU A HB2  1 
ATOM 1375 H HB3  . LEU A 1 95  ? -0.053  1.432   -5.493  1.00 3.08  ? 83  LEU A HB3  1 
ATOM 1376 H HG   . LEU A 1 95  ? -1.004  1.130   -2.652  1.00 3.16  ? 83  LEU A HG   1 
ATOM 1377 H HD11 . LEU A 1 95  ? -1.017  -0.781  -4.618  1.00 3.28  ? 83  LEU A HD11 1 
ATOM 1378 H HD12 . LEU A 1 95  ? -0.958  -1.084  -2.881  1.00 3.32  ? 83  LEU A HD12 1 
ATOM 1379 H HD13 . LEU A 1 95  ? 0.535   -1.043  -3.822  1.00 3.24  ? 83  LEU A HD13 1 
ATOM 1380 H HD21 . LEU A 1 95  ? 1.036   1.895   -2.171  1.00 3.86  ? 83  LEU A HD21 1 
ATOM 1381 H HD22 . LEU A 1 95  ? 1.587   1.734   -3.836  1.00 3.80  ? 83  LEU A HD22 1 
ATOM 1382 H HD23 . LEU A 1 95  ? 1.614   0.338   -2.761  1.00 3.88  ? 83  LEU A HD23 1 
ATOM 1383 N N    . LEU A 1 96  ? -2.076  4.829   -3.244  1.00 2.65  ? 84  LEU A N    1 
ATOM 1384 C CA   . LEU A 1 96  ? -3.095  5.206   -2.267  1.00 2.95  ? 84  LEU A CA   1 
ATOM 1385 C C    . LEU A 1 96  ? -4.425  4.481   -2.546  1.00 3.21  ? 84  LEU A C    1 
ATOM 1386 O O    . LEU A 1 96  ? -4.851  3.628   -1.767  1.00 3.27  ? 84  LEU A O    1 
ATOM 1387 C CB   . LEU A 1 96  ? -3.281  6.730   -2.225  1.00 3.27  ? 84  LEU A CB   1 
ATOM 1388 C CG   . LEU A 1 96  ? -3.971  7.232   -0.965  1.00 3.64  ? 84  LEU A CG   1 
ATOM 1389 C CD1  . LEU A 1 96  ? -5.269  6.497   -0.829  1.00 3.50  ? 84  LEU A CD1  1 
ATOM 1390 C CD2  . LEU A 1 96  ? -3.114  7.010   0.274   1.00 3.97  ? 84  LEU A CD2  1 
ATOM 1391 H H    . LEU A 1 96  ? -1.530  5.535   -3.681  1.00 2.68  ? 84  LEU A H    1 
ATOM 1392 H HA   . LEU A 1 96  ? -2.745  4.881   -1.302  1.00 2.90  ? 84  LEU A HA   1 
ATOM 1393 H HB2  . LEU A 1 96  ? -2.316  7.200   -2.305  1.00 3.19  ? 84  LEU A HB2  1 
ATOM 1394 H HB3  . LEU A 1 96  ? -3.875  7.032   -3.068  1.00 3.47  ? 84  LEU A HB3  1 
ATOM 1395 H HG   . LEU A 1 96  ? -4.181  8.288   -1.059  1.00 4.04  ? 84  LEU A HG   1 
ATOM 1396 H HD11 . LEU A 1 96  ? -5.078  5.541   -0.354  1.00 3.70  ? 84  LEU A HD11 1 
ATOM 1397 H HD12 . LEU A 1 96  ? -5.674  6.335   -1.823  1.00 3.64  ? 84  LEU A HD12 1 
ATOM 1398 H HD13 . LEU A 1 96  ? -5.954  7.076   -0.234  1.00 3.57  ? 84  LEU A HD13 1 
ATOM 1399 H HD21 . LEU A 1 96  ? -2.319  6.321   0.044   1.00 4.21  ? 84  LEU A HD21 1 
ATOM 1400 H HD22 . LEU A 1 96  ? -3.723  6.602   1.065   1.00 4.20  ? 84  LEU A HD22 1 
ATOM 1401 H HD23 . LEU A 1 96  ? -2.695  7.948   0.594   1.00 4.21  ? 84  LEU A HD23 1 
ATOM 1402 N N    . PRO A 1 97  ? -5.078  4.805   -3.667  1.00 3.48  ? 85  PRO A N    1 
ATOM 1403 C CA   . PRO A 1 97  ? -6.345  4.210   -4.102  1.00 3.85  ? 85  PRO A CA   1 
ATOM 1404 C C    . PRO A 1 97  ? -6.442  2.707   -3.830  1.00 3.77  ? 85  PRO A C    1 
ATOM 1405 O O    . PRO A 1 97  ? -7.236  2.273   -2.996  1.00 4.00  ? 85  PRO A O    1 
ATOM 1406 C CB   . PRO A 1 97  ? -6.325  4.475   -5.627  1.00 4.12  ? 85  PRO A CB   1 
ATOM 1407 C CG   . PRO A 1 97  ? -4.983  5.092   -5.897  1.00 3.83  ? 85  PRO A CG   1 
ATOM 1408 C CD   . PRO A 1 97  ? -4.641  5.788   -4.631  1.00 3.56  ? 85  PRO A CD   1 
ATOM 1409 H HA   . PRO A 1 97  ? -7.193  4.711   -3.661  1.00 4.12  ? 85  PRO A HA   1 
ATOM 1410 H HB2  . PRO A 1 97  ? -6.445  3.541   -6.159  1.00 4.23  ? 85  PRO A HB2  1 
ATOM 1411 H HB3  . PRO A 1 97  ? -7.128  5.148   -5.889  1.00 4.49  ? 85  PRO A HB3  1 
ATOM 1412 H HG2  . PRO A 1 97  ? -4.258  4.323   -6.114  1.00 3.63  ? 85  PRO A HG2  1 
ATOM 1413 H HG3  . PRO A 1 97  ? -5.040  5.798   -6.705  1.00 4.09  ? 85  PRO A HG3  1 
ATOM 1414 H HD2  . PRO A 1 97  ? -3.589  5.971   -4.543  1.00 3.27  ? 85  PRO A HD2  1 
ATOM 1415 H HD3  . PRO A 1 97  ? -5.203  6.703   -4.530  1.00 3.84  ? 85  PRO A HD3  1 
ATOM 1416 N N    . TYR A 1 98  ? -5.642  1.918   -4.548  1.00 3.54  ? 86  TYR A N    1 
ATOM 1417 C CA   . TYR A 1 98  ? -5.643  0.458   -4.404  1.00 3.58  ? 86  TYR A CA   1 
ATOM 1418 C C    . TYR A 1 98  ? -5.779  0.019   -2.950  1.00 3.57  ? 86  TYR A C    1 
ATOM 1419 O O    . TYR A 1 98  ? -6.715  -0.696  -2.593  1.00 3.93  ? 86  TYR A O    1 
ATOM 1420 C CB   . TYR A 1 98  ? -4.372  -0.131  -5.011  1.00 3.39  ? 86  TYR A CB   1 
ATOM 1421 C CG   . TYR A 1 98  ? -4.623  -0.850  -6.315  1.00 3.71  ? 86  TYR A CG   1 
ATOM 1422 C CD1  . TYR A 1 98  ? -5.298  -2.063  -6.337  1.00 4.12  ? 86  TYR A CD1  1 
ATOM 1423 C CD2  . TYR A 1 98  ? -4.195  -0.314  -7.521  1.00 4.10  ? 86  TYR A CD2  1 
ATOM 1424 C CE1  . TYR A 1 98  ? -5.540  -2.722  -7.525  1.00 4.66  ? 86  TYR A CE1  1 
ATOM 1425 C CE2  . TYR A 1 98  ? -4.432  -0.968  -8.715  1.00 4.65  ? 86  TYR A CE2  1 
ATOM 1426 C CZ   . TYR A 1 98  ? -5.105  -2.171  -8.712  1.00 4.82  ? 86  TYR A CZ   1 
ATOM 1427 O OH   . TYR A 1 98  ? -5.344  -2.825  -9.899  1.00 5.53  ? 86  TYR A OH   1 
ATOM 1428 H H    . TYR A 1 98  ? -5.039  2.327   -5.203  1.00 3.44  ? 86  TYR A H    1 
ATOM 1429 H HA   . TYR A 1 98  ? -6.489  0.073   -4.950  1.00 3.90  ? 86  TYR A HA   1 
ATOM 1430 H HB2  . TYR A 1 98  ? -3.665  0.664   -5.200  1.00 3.38  ? 86  TYR A HB2  1 
ATOM 1431 H HB3  . TYR A 1 98  ? -3.938  -0.837  -4.318  1.00 3.32  ? 86  TYR A HB3  1 
ATOM 1432 H HD1  . TYR A 1 98  ? -5.636  -2.492  -5.406  1.00 4.34  ? 86  TYR A HD1  1 
ATOM 1433 H HD2  . TYR A 1 98  ? -3.668  0.628   -7.520  1.00 4.30  ? 86  TYR A HD2  1 
ATOM 1434 H HE1  . TYR A 1 98  ? -6.067  -3.664  -7.521  1.00 5.21  ? 86  TYR A HE1  1 
ATOM 1435 H HE2  . TYR A 1 98  ? -4.090  -0.535  -9.643  1.00 5.20  ? 86  TYR A HE2  1 
ATOM 1436 H HH   . TYR A 1 98  ? -5.158  -3.761  -9.793  1.00 5.79  ? 86  TYR A HH   1 
ATOM 1437 N N    . GLU A 1 99  ? -4.840  0.443   -2.120  1.00 3.28  ? 87  GLU A N    1 
ATOM 1438 C CA   . GLU A 1 99  ? -4.852  0.085   -0.704  1.00 3.40  ? 87  GLU A CA   1 
ATOM 1439 C C    . GLU A 1 99  ? -6.199  0.406   -0.065  1.00 3.74  ? 87  GLU A C    1 
ATOM 1440 O O    . GLU A 1 99  ? -6.824  -0.453  0.553   1.00 4.03  ? 87  GLU A O    1 
ATOM 1441 C CB   . GLU A 1 99  ? -3.741  0.820   0.045   1.00 3.19  ? 87  GLU A CB   1 
ATOM 1442 C CG   . GLU A 1 99  ? -2.509  1.089   -0.800  1.00 2.92  ? 87  GLU A CG   1 
ATOM 1443 C CD   . GLU A 1 99  ? -1.252  1.232   0.031   1.00 3.08  ? 87  GLU A CD   1 
ATOM 1444 O OE1  . GLU A 1 99  ? -1.366  1.587   1.223   1.00 3.39  ? 87  GLU A OE1  1 
ATOM 1445 O OE2  . GLU A 1 99  ? -0.152  0.992   -0.509  1.00 3.39  ? 87  GLU A OE2  1 
ATOM 1446 H H    . GLU A 1 99  ? -4.119  1.007   -2.467  1.00 3.09  ? 87  GLU A H    1 
ATOM 1447 H HA   . GLU A 1 99  ? -4.679  -0.978  -0.631  1.00 3.52  ? 87  GLU A HA   1 
ATOM 1448 H HB2  . GLU A 1 99  ? -4.125  1.763   0.392   1.00 3.41  ? 87  GLU A HB2  1 
ATOM 1449 H HB3  . GLU A 1 99  ? -3.443  0.225   0.897   1.00 3.27  ? 87  GLU A HB3  1 
ATOM 1450 H HG2  . GLU A 1 99  ? -2.378  0.268   -1.487  1.00 2.96  ? 87  GLU A HG2  1 
ATOM 1451 H HG3  . GLU A 1 99  ? -2.665  2.001   -1.363  1.00 2.90  ? 87  GLU A HG3  1 
ATOM 1452 N N    . ARG A 1 100 ? -6.641  1.649   -0.220  1.00 3.78  ? 88  ARG A N    1 
ATOM 1453 C CA   . ARG A 1 100 ? -7.913  2.083   0.346   1.00 4.18  ? 88  ARG A CA   1 
ATOM 1454 C C    . ARG A 1 100 ? -9.096  1.571   -0.475  1.00 4.54  ? 88  ARG A C    1 
ATOM 1455 O O    . ARG A 1 100 ? -10.250 1.851   -0.151  1.00 4.93  ? 88  ARG A O    1 
ATOM 1456 C CB   . ARG A 1 100 ? -7.961  3.609   0.425   1.00 4.20  ? 88  ARG A CB   1 
ATOM 1457 C CG   . ARG A 1 100 ? -9.119  4.140   1.255   1.00 4.49  ? 88  ARG A CG   1 
ATOM 1458 C CD   . ARG A 1 100 ? -10.170 4.809   0.386   1.00 4.80  ? 88  ARG A CD   1 
ATOM 1459 N NE   . ARG A 1 100 ? -11.199 5.473   1.183   1.00 5.25  ? 88  ARG A NE   1 
ATOM 1460 C CZ   . ARG A 1 100 ? -11.021 6.639   1.800   1.00 5.64  ? 88  ARG A CZ   1 
ATOM 1461 N NH1  . ARG A 1 100 ? -9.857  7.272   1.716   1.00 5.72  ? 88  ARG A NH1  1 
ATOM 1462 N NH2  . ARG A 1 100 ? -12.009 7.173   2.505   1.00 6.28  ? 88  ARG A NH2  1 
ATOM 1463 H H    . ARG A 1 100 ? -6.102  2.290   -0.727  1.00 3.61  ? 88  ARG A H    1 
ATOM 1464 H HA   . ARG A 1 100 ? -7.983  1.683   1.342   1.00 4.29  ? 88  ARG A HA   1 
ATOM 1465 H HB2  . ARG A 1 100 ? -7.039  3.964   0.863   1.00 4.01  ? 88  ARG A HB2  1 
ATOM 1466 H HB3  . ARG A 1 100 ? -8.049  4.008   -0.575  1.00 4.37  ? 88  ARG A HB3  1 
ATOM 1467 H HG2  . ARG A 1 100 ? -9.575  3.317   1.785   1.00 4.70  ? 88  ARG A HG2  1 
ATOM 1468 H HG3  . ARG A 1 100 ? -8.740  4.860   1.965   1.00 4.58  ? 88  ARG A HG3  1 
ATOM 1469 H HD2  . ARG A 1 100 ? -9.686  5.543   -0.241  1.00 4.94  ? 88  ARG A HD2  1 
ATOM 1470 H HD3  . ARG A 1 100 ? -10.637 4.058   -0.235  1.00 4.97  ? 88  ARG A HD3  1 
ATOM 1471 H HE   . ARG A 1 100 ? -12.068 5.027   1.262   1.00 5.51  ? 88  ARG A HE   1 
ATOM 1472 H HH11 . ARG A 1 100 ? -9.108  6.875   1.186   1.00 5.49  ? 88  ARG A HH11 1 
ATOM 1473 H HH12 . ARG A 1 100 ? -9.730  8.147   2.182   1.00 6.23  ? 88  ARG A HH12 1 
ATOM 1474 H HH21 . ARG A 1 100 ? -12.887 6.699   2.572   1.00 6.51  ? 88  ARG A HH21 1 
ATOM 1475 H HH22 . ARG A 1 100 ? -11.875 8.048   2.970   1.00 6.69  ? 88  ARG A HH22 1 
ATOM 1476 N N    . HIS A 1 101 ? -8.807  0.838   -1.547  1.00 4.49  ? 89  HIS A N    1 
ATOM 1477 C CA   . HIS A 1 101 ? -9.853  0.314   -2.413  1.00 4.88  ? 89  HIS A CA   1 
ATOM 1478 C C    . HIS A 1 101 ? -10.328 -1.075  -1.980  1.00 5.06  ? 89  HIS A C    1 
ATOM 1479 O O    . HIS A 1 101 ? -11.526 -1.297  -1.802  1.00 5.43  ? 89  HIS A O    1 
ATOM 1480 C CB   . HIS A 1 101 ? -9.358  0.265   -3.861  1.00 4.95  ? 89  HIS A CB   1 
ATOM 1481 C CG   . HIS A 1 101 ? -10.197 1.066   -4.808  1.00 5.35  ? 89  HIS A CG   1 
ATOM 1482 N ND1  . HIS A 1 101 ? -11.545 1.285   -4.618  1.00 5.75  ? 89  HIS A ND1  1 
ATOM 1483 C CD2  . HIS A 1 101 ? -9.872  1.703   -5.958  1.00 5.70  ? 89  HIS A CD2  1 
ATOM 1484 C CE1  . HIS A 1 101 ? -12.014 2.022   -5.610  1.00 6.17  ? 89  HIS A CE1  1 
ATOM 1485 N NE2  . HIS A 1 101 ? -11.019 2.288   -6.436  1.00 6.13  ? 89  HIS A NE2  1 
ATOM 1486 H H    . HIS A 1 101 ? -7.872  0.657   -1.768  1.00 4.25  ? 89  HIS A H    1 
ATOM 1487 H HA   . HIS A 1 101 ? -10.686 0.995   -2.357  1.00 5.13  ? 89  HIS A HA   1 
ATOM 1488 H HB2  . HIS A 1 101 ? -8.352  0.651   -3.904  1.00 4.82  ? 89  HIS A HB2  1 
ATOM 1489 H HB3  . HIS A 1 101 ? -9.357  -0.761  -4.201  1.00 5.02  ? 89  HIS A HB3  1 
ATOM 1490 H HD1  . HIS A 1 101 ? -12.081 0.950   -3.868  1.00 5.90  ? 89  HIS A HD1  1 
ATOM 1491 H HD2  . HIS A 1 101 ? -8.893  1.743   -6.414  1.00 5.88  ? 89  HIS A HD2  1 
ATOM 1492 H HE1  . HIS A 1 101 ? -13.036 2.350   -5.726  1.00 6.66  ? 89  HIS A HE1  1 
ATOM 1493 H HE2  . HIS A 1 101 ? -11.103 2.762   -7.289  1.00 6.53  ? 89  HIS A HE2  1 
ATOM 1494 N N    . MET A 1 102 ? -9.395  -2.015  -1.853  1.00 4.95  ? 90  MET A N    1 
ATOM 1495 C CA   . MET A 1 102 ? -9.744  -3.391  -1.489  1.00 5.26  ? 90  MET A CA   1 
ATOM 1496 C C    . MET A 1 102 ? -9.905  -3.581  0.018   1.00 5.36  ? 90  MET A C    1 
ATOM 1497 O O    . MET A 1 102 ? -9.306  -4.486  0.603   1.00 5.70  ? 90  MET A O    1 
ATOM 1498 C CB   . MET A 1 102 ? -8.699  -4.381  -2.020  1.00 5.36  ? 90  MET A CB   1 
ATOM 1499 C CG   . MET A 1 102 ? -8.065  -3.976  -3.345  1.00 5.21  ? 90  MET A CG   1 
ATOM 1500 S SD   . MET A 1 102 ? -6.262  -4.008  -3.293  1.00 4.93  ? 90  MET A SD   1 
ATOM 1501 C CE   . MET A 1 102 ? -5.949  -3.162  -1.746  1.00 4.44  ? 90  MET A CE   1 
ATOM 1502 H H    . MET A 1 102 ? -8.459  -1.791  -2.035  1.00 4.74  ? 90  MET A H    1 
ATOM 1503 H HA   . MET A 1 102 ? -10.690 -3.613  -1.959  1.00 5.56  ? 90  MET A HA   1 
ATOM 1504 H HB2  . MET A 1 102 ? -7.915  -4.484  -1.285  1.00 5.57  ? 90  MET A HB2  1 
ATOM 1505 H HB3  . MET A 1 102 ? -9.174  -5.341  -2.157  1.00 5.69  ? 90  MET A HB3  1 
ATOM 1506 H HG2  . MET A 1 102 ? -8.398  -4.660  -4.110  1.00 5.49  ? 90  MET A HG2  1 
ATOM 1507 H HG3  . MET A 1 102 ? -8.385  -2.976  -3.597  1.00 5.45  ? 90  MET A HG3  1 
ATOM 1508 H HE1  . MET A 1 102 ? -5.474  -3.840  -1.053  1.00 4.46  ? 90  MET A HE1  1 
ATOM 1509 H HE2  . MET A 1 102 ? -6.885  -2.818  -1.327  1.00 4.50  ? 90  MET A HE2  1 
ATOM 1510 H HE3  . MET A 1 102 ? -5.302  -2.317  -1.924  1.00 4.55  ? 90  MET A HE3  1 
ATOM 1511 N N    . ILE A 1 103 ? -10.738 -2.757  0.641   1.00 5.25  ? 91  ILE A N    1 
ATOM 1512 C CA   . ILE A 1 103 ? -10.991 -2.883  2.071   1.00 5.50  ? 91  ILE A CA   1 
ATOM 1513 C C    . ILE A 1 103 ? -12.448 -2.564  2.390   1.00 6.02  ? 91  ILE A C    1 
ATOM 1514 O O    . ILE A 1 103 ? -13.108 -3.295  3.128   1.00 6.46  ? 91  ILE A O    1 
ATOM 1515 C CB   . ILE A 1 103 ? -10.082 -1.980  2.938   1.00 5.32  ? 91  ILE A CB   1 
ATOM 1516 C CG1  . ILE A 1 103 ? -9.185  -1.087  2.081   1.00 4.96  ? 91  ILE A CG1  1 
ATOM 1517 C CG2  . ILE A 1 103 ? -9.234  -2.827  3.875   1.00 5.60  ? 91  ILE A CG2  1 
ATOM 1518 C CD1  . ILE A 1 103 ? -8.460  -0.036  2.892   1.00 4.84  ? 91  ILE A CD1  1 
ATOM 1519 H H    . ILE A 1 103 ? -11.208 -2.070  0.128   1.00 5.15  ? 91  ILE A H    1 
ATOM 1520 H HA   . ILE A 1 103 ? -10.797 -3.912  2.342   1.00 5.62  ? 91  ILE A HA   1 
ATOM 1521 H HB   . ILE A 1 103 ? -10.718 -1.353  3.544   1.00 5.53  ? 91  ILE A HB   1 
ATOM 1522 H HG12 . ILE A 1 103 ? -8.445  -1.697  1.586   1.00 5.00  ? 91  ILE A HG12 1 
ATOM 1523 H HG13 . ILE A 1 103 ? -9.788  -0.582  1.341   1.00 5.06  ? 91  ILE A HG13 1 
ATOM 1524 H HG21 . ILE A 1 103 ? -9.850  -3.197  4.681   1.00 5.84  ? 91  ILE A HG21 1 
ATOM 1525 H HG22 . ILE A 1 103 ? -8.435  -2.226  4.279   1.00 5.83  ? 91  ILE A HG22 1 
ATOM 1526 H HG23 . ILE A 1 103 ? -8.818  -3.660  3.329   1.00 5.71  ? 91  ILE A HG23 1 
ATOM 1527 H HD11 . ILE A 1 103 ? -7.461  0.097   2.505   1.00 4.80  ? 91  ILE A HD11 1 
ATOM 1528 H HD12 . ILE A 1 103 ? -8.407  -0.350  3.923   1.00 4.96  ? 91  ILE A HD12 1 
ATOM 1529 H HD13 . ILE A 1 103 ? -8.997  0.900   2.829   1.00 5.05  ? 91  ILE A HD13 1 
ATOM 1530 N N    . SER A 1 104 ? -12.941 -1.465  1.830   1.00 6.11  ? 92  SER A N    1 
ATOM 1531 C CA   . SER A 1 104 ? -14.319 -1.044  2.055   1.00 6.74  ? 92  SER A CA   1 
ATOM 1532 C C    . SER A 1 104 ? -15.283 -1.821  1.164   1.00 6.65  ? 92  SER A C    1 
ATOM 1533 O O    . SER A 1 104 ? -16.355 -2.234  1.605   1.00 7.19  ? 92  SER A O    1 
ATOM 1534 C CB   . SER A 1 104 ? -14.465 0.457   1.797   1.00 7.16  ? 92  SER A CB   1 
ATOM 1535 O OG   . SER A 1 104 ? -14.096 1.209   2.939   1.00 7.84  ? 92  SER A OG   1 
ATOM 1536 H H    . SER A 1 104 ? -12.365 -0.921  1.253   1.00 5.85  ? 92  SER A H    1 
ATOM 1537 H HA   . SER A 1 104 ? -14.561 -1.248  3.084   1.00 7.23  ? 92  SER A HA   1 
ATOM 1538 H HB2  . SER A 1 104 ? -13.828 0.741   0.973   1.00 7.02  ? 92  SER A HB2  1 
ATOM 1539 H HB3  . SER A 1 104 ? -15.493 0.678   1.551   1.00 7.34  ? 92  SER A HB3  1 
ATOM 1540 H HG   . SER A 1 104 ? -14.664 1.978   3.013   1.00 8.03  ? 92  SER A HG   1 
ATOM 1541 N N    . GLN A 1 105 ? -14.896 -2.015  -0.092  1.00 6.19  ? 93  GLN A N    1 
ATOM 1542 C CA   . GLN A 1 105 ? -15.731 -2.741  -1.044  1.00 6.36  ? 93  GLN A CA   1 
ATOM 1543 C C    . GLN A 1 105 ? -15.061 -2.832  -2.412  1.00 6.11  ? 93  GLN A C    1 
ATOM 1544 O O    . GLN A 1 105 ? -15.049 -3.891  -3.039  1.00 6.31  ? 93  GLN A O    1 
ATOM 1545 C CB   . GLN A 1 105 ? -17.096 -2.059  -1.181  1.00 6.82  ? 93  GLN A CB   1 
ATOM 1546 C CG   . GLN A 1 105 ? -17.016 -0.542  -1.256  1.00 7.19  ? 93  GLN A CG   1 
ATOM 1547 C CD   . GLN A 1 105 ? -18.343 0.128   -0.957  1.00 7.92  ? 93  GLN A CD   1 
ATOM 1548 O OE1  . GLN A 1 105 ? -19.393 -0.315  -1.421  1.00 8.31  ? 93  GLN A OE1  1 
ATOM 1549 N NE2  . GLN A 1 105 ? -18.300 1.204   -0.180  1.00 8.38  ? 93  GLN A NE2  1 
ATOM 1550 H H    . GLN A 1 105 ? -14.032 -1.660  -0.384  1.00 5.89  ? 93  GLN A H    1 
ATOM 1551 H HA   . GLN A 1 105 ? -15.877 -3.740  -0.661  1.00 6.67  ? 93  GLN A HA   1 
ATOM 1552 H HB2  . GLN A 1 105 ? -17.575 -2.416  -2.080  1.00 6.79  ? 93  GLN A HB2  1 
ATOM 1553 H HB3  . GLN A 1 105 ? -17.705 -2.323  -0.329  1.00 7.22  ? 93  GLN A HB3  1 
ATOM 1554 H HG2  . GLN A 1 105 ? -16.287 -0.197  -0.538  1.00 7.22  ? 93  GLN A HG2  1 
ATOM 1555 H HG3  . GLN A 1 105 ? -16.702 -0.260  -2.250  1.00 7.21  ? 93  GLN A HG3  1 
ATOM 1556 H HE21 . GLN A 1 105 ? -17.428 1.500   0.153   1.00 8.24  ? 93  GLN A HE21 1 
ATOM 1557 H HE22 . GLN A 1 105 ? -19.144 1.658   0.029   1.00 8.98  ? 93  GLN A HE22 1 
ATOM 1558 N N    . GLU A 1 106 ? -14.503 -1.713  -2.871  1.00 5.99  ? 94  GLU A N    1 
ATOM 1559 C CA   . GLU A 1 106 ? -13.830 -1.659  -4.164  1.00 6.05  ? 94  GLU A CA   1 
ATOM 1560 C C    . GLU A 1 106 ? -14.799 -1.866  -5.319  1.00 5.88  ? 94  GLU A C    1 
ATOM 1561 O O    . GLU A 1 106 ? -14.388 -2.086  -6.458  1.00 6.00  ? 94  GLU A O    1 
ATOM 1562 C CB   . GLU A 1 106 ? -12.732 -2.705  -4.232  1.00 6.49  ? 94  GLU A CB   1 
ATOM 1563 C CG   . GLU A 1 106 ? -11.385 -2.100  -4.536  1.00 6.62  ? 94  GLU A CG   1 
ATOM 1564 C CD   . GLU A 1 106 ? -10.978 -2.266  -5.986  1.00 7.47  ? 94  GLU A CD   1 
ATOM 1565 O OE1  . GLU A 1 106 ? -11.869 -2.490  -6.833  1.00 8.01  ? 94  GLU A OE1  1 
ATOM 1566 O OE2  . GLU A 1 106 ? -9.766  -2.173  -6.276  1.00 7.85  ? 94  GLU A OE2  1 
ATOM 1567 H H    . GLU A 1 106 ? -14.545 -0.903  -2.324  1.00 6.10  ? 94  GLU A H    1 
ATOM 1568 H HA   . GLU A 1 106 ? -13.386 -0.681  -4.261  1.00 6.28  ? 94  GLU A HA   1 
ATOM 1569 H HB2  . GLU A 1 106 ? -12.677 -3.213  -3.281  1.00 6.66  ? 94  GLU A HB2  1 
ATOM 1570 H HB3  . GLU A 1 106 ? -12.971 -3.418  -5.005  1.00 6.87  ? 94  GLU A HB3  1 
ATOM 1571 H HG2  . GLU A 1 106 ? -11.439 -1.046  -4.311  1.00 6.72  ? 94  GLU A HG2  1 
ATOM 1572 H HG3  . GLU A 1 106 ? -10.645 -2.569  -3.908  1.00 6.30  ? 94  GLU A HG3  1 
ATOM 1573 N N    . GLY A 1 107 ? -16.077 -1.794  -5.016  1.00 5.98  ? 95  GLY A N    1 
ATOM 1574 C CA   . GLY A 1 107 ? -17.091 -1.974  -6.037  1.00 6.17  ? 95  GLY A CA   1 
ATOM 1575 C C    . GLY A 1 107 ? -17.788 -3.320  -5.954  1.00 6.58  ? 95  GLY A C    1 
ATOM 1576 O O    . GLY A 1 107 ? -18.727 -3.578  -6.708  1.00 6.93  ? 95  GLY A O    1 
ATOM 1577 H H    . GLY A 1 107 ? -16.332 -1.616  -4.093  1.00 6.16  ? 95  GLY A H    1 
ATOM 1578 H HA2  . GLY A 1 107 ? -17.829 -1.192  -5.940  1.00 6.30  ? 95  GLY A HA2  1 
ATOM 1579 H HA3  . GLY A 1 107 ? -16.619 -1.892  -7.006  1.00 6.28  ? 95  GLY A HA3  1 
ATOM 1580 N N    . ILE A 1 108 ? -17.335 -4.175  -5.033  1.00 6.87  ? 96  ILE A N    1 
ATOM 1581 C CA   . ILE A 1 108 ? -17.913 -5.498  -4.842  1.00 7.61  ? 96  ILE A CA   1 
ATOM 1582 C C    . ILE A 1 108 ? -18.331 -6.126  -6.180  1.00 7.92  ? 96  ILE A C    1 
ATOM 1583 O O    . ILE A 1 108 ? -19.301 -6.878  -6.266  1.00 8.61  ? 96  ILE A O    1 
ATOM 1584 C CB   . ILE A 1 108 ? -19.100 -5.395  -3.869  1.00 8.27  ? 96  ILE A CB   1 
ATOM 1585 C CG1  . ILE A 1 108 ? -18.588 -5.112  -2.457  1.00 8.19  ? 96  ILE A CG1  1 
ATOM 1586 C CG2  . ILE A 1 108 ? -19.960 -6.653  -3.875  1.00 9.24  ? 96  ILE A CG2  1 
ATOM 1587 C CD1  . ILE A 1 108 ? -19.676 -4.702  -1.489  1.00 8.96  ? 96  ILE A CD1  1 
ATOM 1588 H H    . ILE A 1 108 ? -16.604 -3.905  -4.457  1.00 6.80  ? 96  ILE A H    1 
ATOM 1589 H HA   . ILE A 1 108 ? -17.158 -6.124  -4.387  1.00 7.80  ? 96  ILE A HA   1 
ATOM 1590 H HB   . ILE A 1 108 ? -19.702 -4.564  -4.188  1.00 8.37  ? 96  ILE A HB   1 
ATOM 1591 H HG12 . ILE A 1 108 ? -18.114 -5.999  -2.069  1.00 8.39  ? 96  ILE A HG12 1 
ATOM 1592 H HG13 . ILE A 1 108 ? -17.863 -4.312  -2.500  1.00 7.62  ? 96  ILE A HG13 1 
ATOM 1593 H HG21 . ILE A 1 108 ? -20.393 -6.797  -2.897  1.00 9.56  ? 96  ILE A HG21 1 
ATOM 1594 H HG22 . ILE A 1 108 ? -19.347 -7.506  -4.126  1.00 9.51  ? 96  ILE A HG22 1 
ATOM 1595 H HG23 . ILE A 1 108 ? -20.747 -6.547  -4.606  1.00 9.56  ? 96  ILE A HG23 1 
ATOM 1596 H HD11 . ILE A 1 108 ? -19.943 -3.669  -1.663  1.00 9.13  ? 96  ILE A HD11 1 
ATOM 1597 H HD12 . ILE A 1 108 ? -19.319 -4.816  -0.476  1.00 9.22  ? 96  ILE A HD12 1 
ATOM 1598 H HD13 . ILE A 1 108 ? -20.545 -5.327  -1.637  1.00 9.31  ? 96  ILE A HD13 1 
ATOM 1599 N N    . LYS A 1 109 ? -17.577 -5.802  -7.228  1.00 7.64  ? 97  LYS A N    1 
ATOM 1600 C CA   . LYS A 1 109 ? -17.849 -6.319  -8.567  1.00 8.16  ? 97  LYS A CA   1 
ATOM 1601 C C    . LYS A 1 109 ? -16.579 -6.344  -9.413  1.00 7.88  ? 97  LYS A C    1 
ATOM 1602 O O    . LYS A 1 109 ? -16.636 -6.458  -10.637 1.00 8.43  ? 97  LYS A O    1 
ATOM 1603 C CB   . LYS A 1 109 ? -18.899 -5.459  -9.261  1.00 8.81  ? 97  LYS A CB   1 
ATOM 1604 C CG   . LYS A 1 109 ? -20.262 -5.484  -8.586  1.00 9.54  ? 97  LYS A CG   1 
ATOM 1605 C CD   . LYS A 1 109 ? -20.891 -6.866  -8.649  1.00 10.25 ? 97  LYS A CD   1 
ATOM 1606 C CE   . LYS A 1 109 ? -22.237 -6.900  -7.942  1.00 10.83 ? 97  LYS A CE   1 
ATOM 1607 N NZ   . LYS A 1 109 ? -23.286 -7.557  -8.772  1.00 11.32 ? 97  LYS A NZ   1 
ATOM 1608 H H    . LYS A 1 109 ? -16.819 -5.199  -7.097  1.00 7.26  ? 97  LYS A H    1 
ATOM 1609 H HA   . LYS A 1 109 ? -18.220 -7.324  -8.465  1.00 8.57  ? 97  LYS A HA   1 
ATOM 1610 H HB2  . LYS A 1 109 ? -18.547 -4.439  -9.277  1.00 8.67  ? 97  LYS A HB2  1 
ATOM 1611 H HB3  . LYS A 1 109 ? -19.016 -5.806  -10.276 1.00 9.15  ? 97  LYS A HB3  1 
ATOM 1612 H HG2  . LYS A 1 109 ? -20.147 -5.197  -7.552  1.00 9.71  ? 97  LYS A HG2  1 
ATOM 1613 H HG3  . LYS A 1 109 ? -20.912 -4.780  -9.086  1.00 9.63  ? 97  LYS A HG3  1 
ATOM 1614 H HD2  . LYS A 1 109 ? -21.034 -7.139  -9.684  1.00 10.39 ? 97  LYS A HD2  1 
ATOM 1615 H HD3  . LYS A 1 109 ? -20.228 -7.575  -8.177  1.00 10.42 ? 97  LYS A HD3  1 
ATOM 1616 H HE2  . LYS A 1 109 ? -22.130 -7.446  -7.017  1.00 10.97 ? 97  LYS A HE2  1 
ATOM 1617 H HE3  . LYS A 1 109 ? -22.543 -5.886  -7.727  1.00 10.97 ? 97  LYS A HE3  1 
ATOM 1618 H HZ1  . LYS A 1 109 ? -22.843 -8.160  -9.494  1.00 11.53 ? 97  LYS A HZ1  1 
ATOM 1619 H HZ2  . LYS A 1 109 ? -23.869 -6.838  -9.246  1.00 11.46 ? 97  LYS A HZ2  1 
ATOM 1620 H HZ3  . LYS A 1 109 ? -23.899 -8.144  -8.172  1.00 11.51 ? 97  LYS A HZ3  1 
ATOM 1621 N N    . GLU A 1 110 ? -15.441 -6.234  -8.748  1.00 7.26  ? 98  GLU A N    1 
ATOM 1622 C CA   . GLU A 1 110 ? -14.150 -6.239  -9.423  1.00 7.28  ? 98  GLU A CA   1 
ATOM 1623 C C    . GLU A 1 110 ? -13.122 -7.014  -8.610  1.00 6.75  ? 98  GLU A C    1 
ATOM 1624 O O    . GLU A 1 110 ? -12.563 -8.007  -9.077  1.00 7.16  ? 98  GLU A O    1 
ATOM 1625 C CB   . GLU A 1 110 ? -13.663 -4.807  -9.652  1.00 7.72  ? 98  GLU A CB   1 
ATOM 1626 C CG   . GLU A 1 110 ? -14.249 -4.155  -10.893 1.00 8.33  ? 98  GLU A CG   1 
ATOM 1627 C CD   . GLU A 1 110 ? -13.799 -4.831  -12.173 1.00 9.04  ? 98  GLU A CD   1 
ATOM 1628 O OE1  . GLU A 1 110 ? -12.575 -4.908  -12.406 1.00 9.48  ? 98  GLU A OE1  1 
ATOM 1629 O OE2  . GLU A 1 110 ? -14.672 -5.283  -12.945 1.00 9.39  ? 98  GLU A OE2  1 
ATOM 1630 H H    . GLU A 1 110 ? -15.471 -6.146  -7.779  1.00 6.98  ? 98  GLU A H    1 
ATOM 1631 H HA   . GLU A 1 110 ? -14.274 -6.724  -10.375 1.00 7.72  ? 98  GLU A HA   1 
ATOM 1632 H HB2  . GLU A 1 110 ? -13.932 -4.207  -8.796  1.00 7.66  ? 98  GLU A HB2  1 
ATOM 1633 H HB3  . GLU A 1 110 ? -12.587 -4.815  -9.750  1.00 7.98  ? 98  GLU A HB3  1 
ATOM 1634 H HG2  . GLU A 1 110 ? -15.327 -4.207  -10.837 1.00 8.54  ? 98  GLU A HG2  1 
ATOM 1635 H HG3  . GLU A 1 110 ? -13.940 -3.121  -10.921 1.00 8.34  ? 98  GLU A HG3  1 
ATOM 1636 N N    . THR A 1 111 ? -12.881 -6.554  -7.390  1.00 6.11  ? 99  THR A N    1 
ATOM 1637 C CA   . THR A 1 111 ? -11.922 -7.207  -6.505  1.00 5.88  ? 99  THR A CA   1 
ATOM 1638 C C    . THR A 1 111 ? -12.555 -8.418  -5.827  1.00 6.09  ? 99  THR A C    1 
ATOM 1639 O O    . THR A 1 111 ? -12.344 -9.557  -6.246  1.00 6.44  ? 99  THR A O    1 
ATOM 1640 C CB   . THR A 1 111 ? -11.406 -6.228  -5.451  1.00 5.78  ? 99  THR A CB   1 
ATOM 1641 O OG1  . THR A 1 111 ? -12.480 -5.541  -4.836  1.00 5.95  ? 99  THR A OG1  1 
ATOM 1642 C CG2  . THR A 1 111 ? -10.456 -5.192  -6.011  1.00 5.82  ? 99  THR A CG2  1 
ATOM 1643 H H    . THR A 1 111 ? -13.365 -5.758  -7.077  1.00 6.01  ? 99  THR A H    1 
ATOM 1644 H HA   . THR A 1 111 ? -11.092 -7.543  -7.110  1.00 6.01  ? 99  THR A HA   1 
ATOM 1645 H HB   . THR A 1 111 ? -10.877 -6.783  -4.688  1.00 5.97  ? 99  THR A HB   1 
ATOM 1646 H HG1  . THR A 1 111 ? -12.226 -5.278  -3.948  1.00 6.13  ? 99  THR A HG1  1 
ATOM 1647 H HG21 . THR A 1 111 ? -10.943 -4.650  -6.807  1.00 6.02  ? 99  THR A HG21 1 
ATOM 1648 H HG22 . THR A 1 111 ? -9.574  -5.683  -6.395  1.00 5.86  ? 99  THR A HG22 1 
ATOM 1649 H HG23 . THR A 1 111 ? -10.172 -4.504  -5.228  1.00 5.99  ? 99  THR A HG23 1 
ATOM 1650 N N    . GLN A 1 112 ? -13.336 -8.166  -4.782  1.00 6.24  ? 100 GLN A N    1 
ATOM 1651 C CA   . GLN A 1 112 ? -14.004 -9.238  -4.055  1.00 6.78  ? 100 GLN A CA   1 
ATOM 1652 C C    . GLN A 1 112 ? -15.131 -9.829  -4.894  1.00 6.93  ? 100 GLN A C    1 
ATOM 1653 O O    . GLN A 1 112 ? -15.320 -11.044 -4.933  1.00 7.17  ? 100 GLN A O    1 
ATOM 1654 C CB   . GLN A 1 112 ? -14.556 -8.716  -2.725  1.00 7.33  ? 100 GLN A CB   1 
ATOM 1655 C CG   . GLN A 1 112 ? -13.711 -9.106  -1.522  1.00 7.68  ? 100 GLN A CG   1 
ATOM 1656 C CD   . GLN A 1 112 ? -14.508 -9.849  -0.466  1.00 8.54  ? 100 GLN A CD   1 
ATOM 1657 O OE1  . GLN A 1 112 ? -14.127 -10.937 -0.034  1.00 8.97  ? 100 GLN A OE1  1 
ATOM 1658 N NE2  . GLN A 1 112 ? -15.624 -9.263  -0.045  1.00 9.03  ? 100 GLN A NE2  1 
ATOM 1659 H H    . GLN A 1 112 ? -13.471 -7.239  -4.497  1.00 6.22  ? 100 GLN A H    1 
ATOM 1660 H HA   . GLN A 1 112 ? -13.275 -10.009 -3.856  1.00 7.06  ? 100 GLN A HA   1 
ATOM 1661 H HB2  . GLN A 1 112 ? -14.605 -7.638  -2.768  1.00 7.50  ? 100 GLN A HB2  1 
ATOM 1662 H HB3  . GLN A 1 112 ? -15.552 -9.107  -2.581  1.00 7.66  ? 100 GLN A HB3  1 
ATOM 1663 H HG2  . GLN A 1 112 ? -12.906 -9.743  -1.856  1.00 7.68  ? 100 GLN A HG2  1 
ATOM 1664 H HG3  . GLN A 1 112 ? -13.302 -8.211  -1.080  1.00 7.63  ? 100 GLN A HG3  1 
ATOM 1665 H HE21 . GLN A 1 112 ? -15.867 -8.397  -0.434  1.00 8.85  ? 100 GLN A HE21 1 
ATOM 1666 H HE22 . GLN A 1 112 ? -16.158 -9.720  0.637   1.00 9.69  ? 100 GLN A HE22 1 
ATOM 1667 N N    . ALA A 1 113 ? -15.873 -8.955  -5.569  1.00 7.15  ? 101 ALA A N    1 
ATOM 1668 C CA   . ALA A 1 113 ? -16.982 -9.381  -6.417  1.00 7.67  ? 101 ALA A CA   1 
ATOM 1669 C C    . ALA A 1 113 ? -17.910 -10.342 -5.679  1.00 8.07  ? 101 ALA A C    1 
ATOM 1670 O O    . ALA A 1 113 ? -18.267 -11.396 -6.203  1.00 8.41  ? 101 ALA A O    1 
ATOM 1671 C CB   . ALA A 1 113 ? -16.453 -10.026 -7.689  1.00 7.99  ? 101 ALA A CB   1 
ATOM 1672 H H    . ALA A 1 113 ? -15.668 -8.000  -5.498  1.00 7.19  ? 101 ALA A H    1 
ATOM 1673 H HA   . ALA A 1 113 ? -17.543 -8.501  -6.696  1.00 7.89  ? 101 ALA A HA   1 
ATOM 1674 H HB1  . ALA A 1 113 ? -17.230 -10.032 -8.439  1.00 8.19  ? 101 ALA A HB1  1 
ATOM 1675 H HB2  . ALA A 1 113 ? -16.148 -11.040 -7.478  1.00 8.27  ? 101 ALA A HB2  1 
ATOM 1676 H HB3  . ALA A 1 113 ? -15.606 -9.464  -8.053  1.00 8.06  ? 101 ALA A HB3  1 
ATOM 1677 N N    . LYS A 1 114 ? -18.294 -9.968  -4.460  1.00 8.32  ? 102 LYS A N    1 
ATOM 1678 C CA   . LYS A 1 114 ? -19.183 -10.788 -3.634  1.00 9.01  ? 102 LYS A CA   1 
ATOM 1679 C C    . LYS A 1 114 ? -18.874 -12.278 -3.781  1.00 9.44  ? 102 LYS A C    1 
ATOM 1680 O O    . LYS A 1 114 ? -19.686 -13.043 -4.300  1.00 9.69  ? 102 LYS A O    1 
ATOM 1681 C CB   . LYS A 1 114 ? -20.649 -10.511 -3.988  1.00 9.41  ? 102 LYS A CB   1 
ATOM 1682 C CG   . LYS A 1 114 ? -21.036 -10.919 -5.402  1.00 9.85  ? 102 LYS A CG   1 
ATOM 1683 C CD   . LYS A 1 114 ? -21.031 -9.729  -6.350  1.00 10.47 ? 102 LYS A CD   1 
ATOM 1684 C CE   . LYS A 1 114 ? -21.951 -9.957  -7.539  1.00 11.03 ? 102 LYS A CE   1 
ATOM 1685 N NZ   . LYS A 1 114 ? -21.876 -11.356 -8.045  1.00 11.62 ? 102 LYS A NZ   1 
ATOM 1686 H H    . LYS A 1 114 ? -17.971 -9.115  -4.103  1.00 8.24  ? 102 LYS A H    1 
ATOM 1687 H HA   . LYS A 1 114 ? -19.019 -10.506 -2.604  1.00 9.23  ? 102 LYS A HA   1 
ATOM 1688 H HB2  . LYS A 1 114 ? -21.280 -11.052 -3.299  1.00 9.37  ? 102 LYS A HB2  1 
ATOM 1689 H HB3  . LYS A 1 114 ? -20.838 -9.453  -3.878  1.00 9.72  ? 102 LYS A HB3  1 
ATOM 1690 H HG2  . LYS A 1 114 ? -20.336 -11.653 -5.764  1.00 9.96  ? 102 LYS A HG2  1 
ATOM 1691 H HG3  . LYS A 1 114 ? -22.028 -11.345 -5.383  1.00 9.88  ? 102 LYS A HG3  1 
ATOM 1692 H HD2  . LYS A 1 114 ? -21.363 -8.853  -5.814  1.00 10.63 ? 102 LYS A HD2  1 
ATOM 1693 H HD3  . LYS A 1 114 ? -20.025 -9.572  -6.711  1.00 10.60 ? 102 LYS A HD3  1 
ATOM 1694 H HE2  . LYS A 1 114 ? -22.967 -9.749  -7.238  1.00 11.12 ? 102 LYS A HE2  1 
ATOM 1695 H HE3  . LYS A 1 114 ? -21.667 -9.282  -8.333  1.00 11.13 ? 102 LYS A HE3  1 
ATOM 1696 H HZ1  . LYS A 1 114 ? -22.590 -11.946 -7.573  1.00 11.77 ? 102 LYS A HZ1  1 
ATOM 1697 H HZ2  . LYS A 1 114 ? -20.934 -11.755 -7.856  1.00 11.81 ? 102 LYS A HZ2  1 
ATOM 1698 H HZ3  . LYS A 1 114 ? -22.048 -11.376 -9.071  1.00 11.91 ? 102 LYS A HZ3  1 
ATOM 1699 N N    . ARG A 1 115 ? -17.691 -12.679 -3.320  1.00 9.78  ? 103 ARG A N    1 
ATOM 1700 C CA   . ARG A 1 115 ? -17.260 -14.075 -3.392  1.00 10.44 ? 103 ARG A CA   1 
ATOM 1701 C C    . ARG A 1 115 ? -16.963 -14.488 -4.831  1.00 10.72 ? 103 ARG A C    1 
ATOM 1702 O O    . ARG A 1 115 ? -15.833 -14.847 -5.163  1.00 10.92 ? 103 ARG A O    1 
ATOM 1703 C CB   . ARG A 1 115 ? -18.318 -15.002 -2.776  1.00 10.95 ? 103 ARG A CB   1 
ATOM 1704 C CG   . ARG A 1 115 ? -18.062 -16.481 -3.026  1.00 11.50 ? 103 ARG A CG   1 
ATOM 1705 C CD   . ARG A 1 115 ? -18.964 -17.022 -4.124  1.00 12.06 ? 103 ARG A CD   1 
ATOM 1706 N NE   . ARG A 1 115 ? -20.177 -17.632 -3.585  1.00 12.54 ? 103 ARG A NE   1 
ATOM 1707 C CZ   . ARG A 1 115 ? -21.319 -17.742 -4.262  1.00 13.17 ? 103 ARG A CZ   1 
ATOM 1708 N NH1  . ARG A 1 115 ? -21.409 -17.291 -5.508  1.00 13.39 ? 103 ARG A NH1  1 
ATOM 1709 N NH2  . ARG A 1 115 ? -22.374 -18.307 -3.692  1.00 13.74 ? 103 ARG A NH2  1 
ATOM 1710 H H    . ARG A 1 115 ? -17.089 -12.018 -2.918  1.00 9.74  ? 103 ARG A H    1 
ATOM 1711 H HA   . ARG A 1 115 ? -16.352 -14.162 -2.822  1.00 10.62 ? 103 ARG A HA   1 
ATOM 1712 H HB2  . ARG A 1 115 ? -18.339 -14.841 -1.709  1.00 10.87 ? 103 ARG A HB2  1 
ATOM 1713 H HB3  . ARG A 1 115 ? -19.284 -14.752 -3.186  1.00 11.25 ? 103 ARG A HB3  1 
ATOM 1714 H HG2  . ARG A 1 115 ? -17.032 -16.614 -3.321  1.00 11.74 ? 103 ARG A HG2  1 
ATOM 1715 H HG3  . ARG A 1 115 ? -18.252 -17.028 -2.115  1.00 11.46 ? 103 ARG A HG3  1 
ATOM 1716 H HD2  . ARG A 1 115 ? -19.241 -16.207 -4.777  1.00 12.16 ? 103 ARG A HD2  1 
ATOM 1717 H HD3  . ARG A 1 115 ? -18.417 -17.764 -4.688  1.00 12.23 ? 103 ARG A HD3  1 
ATOM 1718 H HE   . ARG A 1 115 ? -20.141 -17.977 -2.668  1.00 12.53 ? 103 ARG A HE   1 
ATOM 1719 H HH11 . ARG A 1 115 ? -20.618 -16.866 -5.946  1.00 13.08 ? 103 ARG A HH11 1 
ATOM 1720 H HH12 . ARG A 1 115 ? -22.271 -17.378 -6.008  1.00 13.96 ? 103 ARG A HH12 1 
ATOM 1721 H HH21 . ARG A 1 115 ? -22.312 -18.651 -2.755  1.00 13.72 ? 103 ARG A HH21 1 
ATOM 1722 H HH22 . ARG A 1 115 ? -23.231 -18.390 -4.199  1.00 14.30 ? 103 ARG A HH22 1 
ATOM 1723 N N    . ILE A 1 116 ? -17.981 -14.442 -5.679  1.00 10.97 ? 104 ILE A N    1 
ATOM 1724 C CA   . ILE A 1 116 ? -17.828 -14.817 -7.078  1.00 11.49 ? 104 ILE A CA   1 
ATOM 1725 C C    . ILE A 1 116 ? -17.493 -16.302 -7.208  1.00 11.88 ? 104 ILE A C    1 
ATOM 1726 O O    . ILE A 1 116 ? -16.869 -16.888 -6.323  1.00 11.99 ? 104 ILE A O    1 
ATOM 1727 C CB   . ILE A 1 116 ? -16.741 -13.957 -7.775  1.00 11.78 ? 104 ILE A CB   1 
ATOM 1728 C CG1  . ILE A 1 116 ? -17.404 -12.963 -8.737  1.00 11.63 ? 104 ILE A CG1  1 
ATOM 1729 C CG2  . ILE A 1 116 ? -15.722 -14.828 -8.509  1.00 12.20 ? 104 ILE A CG2  1 
ATOM 1730 C CD1  . ILE A 1 116 ? -16.456 -12.353 -9.751  1.00 11.96 ? 104 ILE A CD1  1 
ATOM 1731 H H    . ILE A 1 116 ? -18.855 -14.152 -5.356  1.00 10.96 ? 104 ILE A H    1 
ATOM 1732 H HA   . ILE A 1 116 ? -18.772 -14.633 -7.571  1.00 11.64 ? 104 ILE A HA   1 
ATOM 1733 H HB   . ILE A 1 116 ? -16.214 -13.403 -7.013  1.00 12.06 ? 104 ILE A HB   1 
ATOM 1734 H HG12 . ILE A 1 116 ? -18.186 -13.471 -9.279  1.00 11.74 ? 104 ILE A HG12 1 
ATOM 1735 H HG13 . ILE A 1 116 ? -17.839 -12.158 -8.166  1.00 11.39 ? 104 ILE A HG13 1 
ATOM 1736 H HG21 . ILE A 1 116 ? -15.229 -15.478 -7.802  1.00 12.38 ? 104 ILE A HG21 1 
ATOM 1737 H HG22 . ILE A 1 116 ? -14.989 -14.197 -8.990  1.00 12.34 ? 104 ILE A HG22 1 
ATOM 1738 H HG23 . ILE A 1 116 ? -16.229 -15.423 -9.254  1.00 12.37 ? 104 ILE A HG23 1 
ATOM 1739 H HD11 . ILE A 1 116 ? -15.659 -11.839 -9.233  1.00 12.03 ? 104 ILE A HD11 1 
ATOM 1740 H HD12 . ILE A 1 116 ? -16.994 -11.652 -10.371 1.00 12.09 ? 104 ILE A HD12 1 
ATOM 1741 H HD13 . ILE A 1 116 ? -16.038 -13.134 -10.368 1.00 12.21 ? 104 ILE A HD13 1 
# 
